data_4OVM
#
_entry.id   4OVM
#
_cell.length_a   98.318
_cell.length_b   52.827
_cell.length_c   131.796
_cell.angle_alpha   90.000
_cell.angle_beta   90.140
_cell.angle_gamma   90.000
#
_symmetry.space_group_name_H-M   'P 1 21 1'
#
loop_
_entity.id
_entity.type
_entity.pdbx_description
1 polymer 'uncharacterized protein SgcJ'
2 water water
#
_entity_poly.entity_id   1
_entity_poly.type   'polypeptide(L)'
_entity_poly.pdbx_seq_one_letter_code
;(MSE)GVK(MSE)SSGPSVAAADRDVTAVADVPRR(MSE)(MSE)EAWASNDASAFASLFAPDGT(MSE)VLPGDVFQKG
VDGIREF(MSE)TKCYAGPYKGTSVFGVPIDVRFTGPDTAILITQGGV(MSE)APGEHSVAPDKEIRATWVLGKRDGAWL
VEAYHNSPVRLP
;
_entity_poly.pdbx_strand_id   A,B,C,D,E,F,G,H,I,J
#
# COMPACT_ATOMS: atom_id res chain seq x y z
N ARG A 16 -16.59 -34.74 12.20
CA ARG A 16 -17.01 -33.36 12.49
C ARG A 16 -17.25 -32.57 11.22
N ASP A 17 -18.50 -32.16 11.01
CA ASP A 17 -18.86 -31.32 9.87
C ASP A 17 -19.11 -29.90 10.34
N VAL A 18 -18.92 -29.67 11.63
CA VAL A 18 -19.09 -28.35 12.22
C VAL A 18 -17.98 -27.42 11.74
N THR A 19 -16.84 -28.00 11.39
CA THR A 19 -15.71 -27.22 10.89
C THR A 19 -15.85 -26.96 9.39
N ALA A 20 -16.54 -27.85 8.69
CA ALA A 20 -16.79 -27.67 7.25
C ALA A 20 -17.74 -26.51 7.05
N VAL A 21 -18.67 -26.36 7.99
CA VAL A 21 -19.65 -25.29 7.96
C VAL A 21 -19.01 -23.93 8.21
N ALA A 22 -18.09 -23.88 9.18
CA ALA A 22 -17.43 -22.64 9.56
C ALA A 22 -16.36 -22.22 8.56
N ASP A 23 -16.02 -23.12 7.64
CA ASP A 23 -15.02 -22.83 6.63
C ASP A 23 -15.63 -22.04 5.46
N VAL A 24 -16.96 -22.12 5.35
CA VAL A 24 -17.69 -21.37 4.33
C VAL A 24 -17.51 -19.85 4.42
N PRO A 25 -17.66 -19.26 5.62
CA PRO A 25 -17.34 -17.84 5.70
C PRO A 25 -15.86 -17.55 5.44
N ARG A 26 -15.00 -18.50 5.76
CA ARG A 26 -13.57 -18.34 5.51
C ARG A 26 -13.25 -18.45 4.03
N ARG A 27 -13.93 -19.37 3.34
CA ARG A 27 -13.77 -19.52 1.91
C ARG A 27 -14.13 -18.24 1.15
N MSE A 28 -14.99 -17.41 1.73
CA MSE A 28 -15.41 -16.17 1.09
C MSE A 28 -14.36 -15.07 1.26
O MSE A 28 -14.11 -14.32 0.32
CB MSE A 28 -16.75 -15.69 1.65
CG MSE A 28 -17.00 -14.19 1.51
SE MSE A 28 -18.83 -13.66 1.92
CE MSE A 28 -18.52 -11.85 2.57
N MSE A 29 -13.81 -14.96 2.45
CA MSE A 29 -12.82 -13.93 2.76
C MSE A 29 -11.63 -13.98 1.81
O MSE A 29 -11.08 -12.96 1.40
CB MSE A 29 -12.33 -14.10 4.19
CG MSE A 29 -13.43 -13.97 5.24
SE MSE A 29 -12.72 -14.18 7.04
CE MSE A 29 -14.40 -14.57 7.95
N GLU A 30 -11.24 -15.20 1.45
CA GLU A 30 -10.17 -15.40 0.50
C GLU A 30 -10.65 -15.06 -0.91
N ALA A 31 -11.88 -15.48 -1.23
CA ALA A 31 -12.45 -15.18 -2.55
C ALA A 31 -12.69 -13.68 -2.69
N TRP A 32 -13.03 -13.02 -1.59
CA TRP A 32 -13.26 -11.59 -1.58
C TRP A 32 -11.95 -10.82 -1.67
N ALA A 33 -10.94 -11.29 -0.93
CA ALA A 33 -9.63 -10.63 -0.91
C ALA A 33 -8.98 -10.63 -2.28
N SER A 34 -9.27 -11.66 -3.07
CA SER A 34 -8.76 -11.74 -4.44
C SER A 34 -9.64 -10.93 -5.37
N ASN A 35 -10.71 -10.35 -4.82
CA ASN A 35 -11.72 -9.64 -5.62
C ASN A 35 -12.23 -10.51 -6.76
N ASP A 36 -12.37 -11.81 -6.49
CA ASP A 36 -12.76 -12.78 -7.48
C ASP A 36 -14.27 -13.02 -7.42
N ALA A 37 -14.99 -12.50 -8.41
CA ALA A 37 -16.44 -12.63 -8.45
C ALA A 37 -16.88 -14.07 -8.70
N SER A 38 -16.11 -14.79 -9.53
CA SER A 38 -16.42 -16.17 -9.85
C SER A 38 -16.29 -17.07 -8.63
N ALA A 39 -15.20 -16.89 -7.89
CA ALA A 39 -14.95 -17.67 -6.68
C ALA A 39 -15.98 -17.36 -5.61
N PHE A 40 -16.46 -16.12 -5.61
CA PHE A 40 -17.46 -15.67 -4.65
C PHE A 40 -18.82 -16.31 -4.94
N ALA A 41 -19.23 -16.25 -6.21
CA ALA A 41 -20.53 -16.76 -6.61
C ALA A 41 -20.58 -18.28 -6.63
N SER A 42 -19.41 -18.92 -6.72
CA SER A 42 -19.33 -20.37 -6.75
C SER A 42 -19.53 -20.98 -5.37
N LEU A 43 -19.71 -20.13 -4.37
CA LEU A 43 -20.00 -20.58 -3.01
C LEU A 43 -21.49 -20.85 -2.85
N PHE A 44 -22.28 -20.32 -3.78
CA PHE A 44 -23.74 -20.38 -3.70
C PHE A 44 -24.31 -21.63 -4.38
N ALA A 45 -25.46 -22.09 -3.86
CA ALA A 45 -26.23 -23.14 -4.49
C ALA A 45 -26.73 -22.62 -5.83
N PRO A 46 -27.00 -23.53 -6.79
CA PRO A 46 -27.41 -23.14 -8.15
C PRO A 46 -28.55 -22.13 -8.19
N ASP A 47 -29.49 -22.23 -7.25
CA ASP A 47 -30.59 -21.27 -7.17
C ASP A 47 -30.47 -20.41 -5.91
N GLY A 48 -29.23 -20.18 -5.48
CA GLY A 48 -28.95 -19.44 -4.26
C GLY A 48 -29.46 -18.02 -4.25
N THR A 49 -29.57 -17.46 -3.04
CA THR A 49 -30.11 -16.12 -2.84
C THR A 49 -29.08 -15.22 -2.16
N MSE A 50 -29.11 -13.94 -2.50
CA MSE A 50 -28.29 -12.95 -1.80
C MSE A 50 -29.01 -11.60 -1.71
O MSE A 50 -29.33 -11.00 -2.74
CB MSE A 50 -26.93 -12.76 -2.47
CG MSE A 50 -26.04 -11.76 -1.76
SE MSE A 50 -24.39 -11.34 -2.71
CE MSE A 50 -25.17 -10.61 -4.34
N VAL A 51 -29.26 -11.14 -0.49
CA VAL A 51 -29.90 -9.85 -0.27
C VAL A 51 -28.99 -8.94 0.57
N LEU A 52 -28.73 -7.74 0.06
CA LEU A 52 -27.86 -6.80 0.74
C LEU A 52 -28.60 -5.47 0.96
N PRO A 53 -28.14 -4.66 1.93
CA PRO A 53 -28.73 -3.33 2.13
C PRO A 53 -28.65 -2.51 0.86
N GLY A 54 -29.70 -1.76 0.58
CA GLY A 54 -29.83 -1.07 -0.69
C GLY A 54 -30.77 -1.86 -1.58
N ASP A 55 -30.78 -1.53 -2.87
CA ASP A 55 -31.63 -2.25 -3.81
C ASP A 55 -30.87 -3.44 -4.37
N VAL A 56 -30.49 -4.36 -3.49
CA VAL A 56 -29.70 -5.52 -3.91
C VAL A 56 -30.44 -6.83 -3.64
N PHE A 57 -30.64 -7.60 -4.71
CA PHE A 57 -31.26 -8.91 -4.62
C PHE A 57 -30.86 -9.72 -5.86
N GLN A 58 -30.07 -10.76 -5.63
CA GLN A 58 -29.58 -11.60 -6.72
C GLN A 58 -29.91 -13.06 -6.47
N LYS A 59 -30.43 -13.73 -7.50
CA LYS A 59 -30.74 -15.15 -7.40
C LYS A 59 -29.99 -15.94 -8.48
N GLY A 60 -29.51 -17.12 -8.11
CA GLY A 60 -28.74 -17.95 -9.02
C GLY A 60 -27.28 -17.54 -9.04
N VAL A 61 -26.41 -18.47 -9.38
CA VAL A 61 -24.97 -18.21 -9.40
C VAL A 61 -24.61 -17.16 -10.45
N ASP A 62 -25.22 -17.27 -11.62
CA ASP A 62 -24.94 -16.33 -12.72
C ASP A 62 -25.34 -14.90 -12.37
N GLY A 63 -26.45 -14.75 -11.66
CA GLY A 63 -26.93 -13.43 -11.28
C GLY A 63 -26.04 -12.76 -10.25
N ILE A 64 -25.30 -13.57 -9.49
CA ILE A 64 -24.41 -13.07 -8.46
C ILE A 64 -23.02 -12.75 -9.02
N ARG A 65 -22.53 -13.61 -9.90
CA ARG A 65 -21.24 -13.40 -10.54
C ARG A 65 -21.23 -12.11 -11.34
N GLU A 66 -22.36 -11.82 -11.99
CA GLU A 66 -22.49 -10.60 -12.79
C GLU A 66 -22.51 -9.37 -11.89
N PHE A 67 -23.24 -9.45 -10.79
CA PHE A 67 -23.37 -8.33 -9.85
C PHE A 67 -22.07 -8.06 -9.10
N MSE A 68 -21.37 -9.13 -8.73
CA MSE A 68 -20.14 -8.99 -7.95
C MSE A 68 -18.94 -8.61 -8.80
O MSE A 68 -17.96 -8.07 -8.29
CB MSE A 68 -19.87 -10.27 -7.14
CG MSE A 68 -20.89 -10.54 -6.05
SE MSE A 68 -20.92 -9.18 -4.64
CE MSE A 68 -19.18 -9.54 -3.82
N THR A 69 -19.00 -8.91 -10.09
CA THR A 69 -17.95 -8.49 -11.02
C THR A 69 -17.98 -6.97 -11.13
N LYS A 70 -19.18 -6.44 -11.33
CA LYS A 70 -19.40 -5.00 -11.43
C LYS A 70 -19.11 -4.32 -10.09
N CYS A 71 -19.32 -5.06 -9.01
CA CYS A 71 -19.08 -4.54 -7.67
C CYS A 71 -17.59 -4.49 -7.34
N TYR A 72 -16.89 -5.57 -7.64
CA TYR A 72 -15.45 -5.66 -7.39
C TYR A 72 -14.67 -4.71 -8.30
N ALA A 73 -15.25 -4.36 -9.43
CA ALA A 73 -14.62 -3.43 -10.36
C ALA A 73 -14.97 -1.98 -9.99
N GLY A 74 -15.89 -1.83 -9.04
CA GLY A 74 -16.34 -0.52 -8.63
C GLY A 74 -16.05 -0.17 -7.18
N PRO A 75 -17.11 -0.05 -6.37
CA PRO A 75 -17.03 0.38 -4.97
C PRO A 75 -16.36 -0.64 -4.05
N TYR A 76 -16.26 -1.89 -4.47
CA TYR A 76 -15.68 -2.93 -3.64
C TYR A 76 -14.23 -3.26 -4.01
N LYS A 77 -13.64 -2.46 -4.90
CA LYS A 77 -12.28 -2.72 -5.36
C LYS A 77 -11.26 -2.47 -4.26
N GLY A 78 -10.43 -3.48 -3.98
CA GLY A 78 -9.38 -3.36 -2.98
C GLY A 78 -9.90 -3.58 -1.57
N THR A 79 -11.13 -4.04 -1.46
CA THR A 79 -11.75 -4.28 -0.17
C THR A 79 -11.63 -5.74 0.24
N SER A 80 -11.59 -5.99 1.54
CA SER A 80 -11.58 -7.34 2.07
C SER A 80 -12.55 -7.42 3.24
N VAL A 81 -13.02 -8.62 3.54
CA VAL A 81 -13.97 -8.79 4.64
C VAL A 81 -13.45 -9.72 5.73
N PHE A 82 -14.01 -9.57 6.92
CA PHE A 82 -13.70 -10.45 8.04
C PHE A 82 -14.85 -10.45 9.02
N GLY A 83 -15.22 -11.62 9.52
CA GLY A 83 -16.29 -11.75 10.49
C GLY A 83 -16.26 -13.07 11.21
N VAL A 84 -16.77 -13.10 12.43
CA VAL A 84 -16.81 -14.33 13.20
C VAL A 84 -18.24 -14.83 13.35
N PRO A 85 -18.41 -16.17 13.37
CA PRO A 85 -19.74 -16.72 13.63
C PRO A 85 -20.11 -16.50 15.10
N ILE A 86 -21.28 -15.91 15.32
CA ILE A 86 -21.76 -15.70 16.69
C ILE A 86 -22.91 -16.65 16.99
N ASP A 87 -23.29 -17.45 15.99
CA ASP A 87 -24.31 -18.48 16.16
C ASP A 87 -24.23 -19.52 15.04
N VAL A 88 -24.07 -20.78 15.41
CA VAL A 88 -24.01 -21.87 14.45
C VAL A 88 -24.89 -23.02 14.91
N ARG A 89 -25.94 -23.31 14.14
CA ARG A 89 -26.83 -24.41 14.46
C ARG A 89 -27.25 -25.19 13.23
N PHE A 90 -27.43 -26.51 13.40
CA PHE A 90 -27.91 -27.37 12.34
C PHE A 90 -29.41 -27.60 12.53
N THR A 91 -30.18 -27.48 11.46
CA THR A 91 -31.62 -27.70 11.53
C THR A 91 -31.97 -29.13 11.14
N GLY A 92 -31.49 -29.55 9.97
CA GLY A 92 -31.59 -30.93 9.54
C GLY A 92 -30.20 -31.50 9.39
N PRO A 93 -30.09 -32.67 8.71
CA PRO A 93 -28.77 -33.25 8.46
C PRO A 93 -28.04 -32.52 7.35
N ASP A 94 -28.78 -31.91 6.43
CA ASP A 94 -28.18 -31.29 5.25
C ASP A 94 -28.26 -29.77 5.25
N THR A 95 -28.90 -29.19 6.27
CA THR A 95 -29.02 -27.73 6.34
C THR A 95 -28.56 -27.17 7.69
N ALA A 96 -27.71 -26.14 7.61
CA ALA A 96 -27.24 -25.45 8.80
C ALA A 96 -27.40 -23.94 8.61
N ILE A 97 -27.58 -23.22 9.72
CA ILE A 97 -27.79 -21.77 9.65
C ILE A 97 -26.76 -21.02 10.48
N LEU A 98 -26.12 -20.04 9.85
CA LEU A 98 -25.08 -19.25 10.52
C LEU A 98 -25.48 -17.80 10.70
N ILE A 99 -25.02 -17.21 11.79
CA ILE A 99 -25.13 -15.78 11.98
C ILE A 99 -23.73 -15.25 12.28
N THR A 100 -23.17 -14.49 11.35
CA THR A 100 -21.83 -13.96 11.50
C THR A 100 -21.87 -12.46 11.74
N GLN A 101 -20.74 -11.90 12.14
CA GLN A 101 -20.65 -10.46 12.40
C GLN A 101 -19.28 -9.92 12.02
N GLY A 102 -19.27 -8.97 11.09
CA GLY A 102 -18.03 -8.38 10.63
C GLY A 102 -18.28 -7.17 9.76
N GLY A 103 -17.81 -7.22 8.52
CA GLY A 103 -18.04 -6.13 7.60
C GLY A 103 -16.96 -5.99 6.53
N VAL A 104 -17.03 -4.89 5.78
CA VAL A 104 -16.12 -4.64 4.68
C VAL A 104 -15.05 -3.62 5.06
N MSE A 105 -13.79 -4.00 4.86
CA MSE A 105 -12.67 -3.11 5.11
C MSE A 105 -12.31 -2.34 3.85
O MSE A 105 -12.20 -2.91 2.76
CB MSE A 105 -11.46 -3.89 5.60
CG MSE A 105 -11.52 -4.25 7.07
SE MSE A 105 -10.29 -5.69 7.54
CE MSE A 105 -11.22 -7.17 6.67
N ALA A 106 -12.15 -1.02 3.98
CA ALA A 106 -11.75 -0.18 2.86
C ALA A 106 -10.27 -0.45 2.53
N PRO A 107 -9.88 -0.19 1.27
CA PRO A 107 -8.47 -0.35 0.91
C PRO A 107 -7.58 0.61 1.69
N GLY A 108 -6.64 0.07 2.46
CA GLY A 108 -5.75 0.89 3.27
C GLY A 108 -5.96 0.64 4.76
N GLU A 109 -7.21 0.61 5.20
CA GLU A 109 -7.52 0.38 6.60
C GLU A 109 -7.54 -1.11 6.91
N HIS A 110 -7.06 -1.47 8.10
CA HIS A 110 -6.98 -2.87 8.50
C HIS A 110 -8.02 -3.23 9.54
N SER A 111 -9.11 -2.47 9.57
CA SER A 111 -10.19 -2.72 10.51
C SER A 111 -11.51 -2.16 9.99
N VAL A 112 -12.59 -2.92 10.18
CA VAL A 112 -13.92 -2.50 9.77
C VAL A 112 -14.40 -1.31 10.61
N ALA A 113 -14.76 -0.23 9.94
CA ALA A 113 -15.33 0.93 10.62
C ALA A 113 -16.70 0.58 11.16
N PRO A 114 -16.98 0.96 12.42
CA PRO A 114 -18.26 0.65 13.09
C PRO A 114 -19.49 1.15 12.32
N ASP A 115 -19.29 2.07 11.39
CA ASP A 115 -20.39 2.56 10.56
C ASP A 115 -20.70 1.59 9.43
N LYS A 116 -19.79 0.66 9.18
CA LYS A 116 -19.95 -0.31 8.10
C LYS A 116 -19.93 -1.75 8.61
N GLU A 117 -20.18 -1.93 9.91
CA GLU A 117 -20.23 -3.25 10.50
C GLU A 117 -21.60 -3.89 10.29
N ILE A 118 -21.60 -5.18 9.93
CA ILE A 118 -22.84 -5.88 9.60
C ILE A 118 -22.97 -7.22 10.31
N ARG A 119 -24.20 -7.70 10.42
CA ARG A 119 -24.48 -9.07 10.83
C ARG A 119 -25.12 -9.80 9.66
N ALA A 120 -24.75 -11.05 9.46
CA ALA A 120 -25.23 -11.80 8.29
C ALA A 120 -25.88 -13.13 8.66
N THR A 121 -26.93 -13.49 7.93
CA THR A 121 -27.56 -14.80 8.07
C THR A 121 -27.12 -15.69 6.92
N TRP A 122 -26.46 -16.79 7.24
CA TRP A 122 -26.04 -17.76 6.24
C TRP A 122 -26.91 -19.01 6.29
N VAL A 123 -27.57 -19.32 5.19
CA VAL A 123 -28.33 -20.56 5.10
C VAL A 123 -27.56 -21.54 4.24
N LEU A 124 -26.90 -22.50 4.88
CA LEU A 124 -26.07 -23.46 4.16
C LEU A 124 -26.83 -24.74 3.83
N GLY A 125 -26.53 -25.30 2.67
CA GLY A 125 -27.14 -26.55 2.24
C GLY A 125 -26.07 -27.55 1.83
N LYS A 126 -26.31 -28.82 2.13
CA LYS A 126 -25.35 -29.87 1.84
C LYS A 126 -25.81 -30.74 0.69
N ARG A 127 -24.92 -30.96 -0.28
CA ARG A 127 -25.20 -31.84 -1.40
C ARG A 127 -23.89 -32.34 -2.00
N ASP A 128 -23.83 -33.65 -2.28
CA ASP A 128 -22.62 -34.29 -2.81
C ASP A 128 -21.42 -34.11 -1.89
N GLY A 129 -21.67 -34.10 -0.59
CA GLY A 129 -20.61 -34.05 0.40
C GLY A 129 -20.09 -32.67 0.73
N ALA A 130 -20.56 -31.66 -0.01
CA ALA A 130 -20.08 -30.30 0.18
C ALA A 130 -21.20 -29.36 0.64
N TRP A 131 -20.81 -28.26 1.27
CA TRP A 131 -21.76 -27.25 1.73
C TRP A 131 -21.74 -26.02 0.82
N LEU A 132 -22.92 -25.51 0.50
CA LEU A 132 -23.04 -24.31 -0.32
C LEU A 132 -24.05 -23.35 0.30
N VAL A 133 -23.93 -22.07 -0.04
CA VAL A 133 -24.81 -21.05 0.51
C VAL A 133 -26.15 -21.03 -0.22
N GLU A 134 -27.19 -21.55 0.43
CA GLU A 134 -28.54 -21.52 -0.12
C GLU A 134 -29.07 -20.10 -0.15
N ALA A 135 -28.70 -19.32 0.86
CA ALA A 135 -29.18 -17.95 0.98
C ALA A 135 -28.25 -17.10 1.87
N TYR A 136 -28.00 -15.87 1.42
CA TYR A 136 -27.22 -14.93 2.21
C TYR A 136 -28.03 -13.66 2.41
N HIS A 137 -27.85 -13.00 3.56
CA HIS A 137 -28.54 -11.77 3.86
C HIS A 137 -27.83 -11.06 5.01
N ASN A 138 -27.49 -9.79 4.83
CA ASN A 138 -26.90 -9.02 5.92
C ASN A 138 -27.51 -7.63 6.12
N SER A 139 -27.27 -7.07 7.30
CA SER A 139 -27.85 -5.78 7.66
C SER A 139 -26.87 -5.03 8.57
N PRO A 140 -26.96 -3.69 8.59
CA PRO A 140 -26.09 -2.88 9.45
C PRO A 140 -26.34 -3.12 10.93
N VAL A 141 -25.31 -2.88 11.75
CA VAL A 141 -25.44 -2.99 13.20
C VAL A 141 -25.65 -1.59 13.78
N ARG A 142 -25.13 -0.58 13.08
CA ARG A 142 -25.31 0.80 13.49
C ARG A 142 -26.32 1.53 12.59
N LEU A 143 -26.70 2.72 13.00
CA LEU A 143 -27.70 3.51 12.28
C LEU A 143 -27.14 4.86 11.86
N ASP B 17 -48.28 -27.95 1.74
CA ASP B 17 -46.96 -27.37 2.02
C ASP B 17 -46.72 -26.10 1.23
N VAL B 18 -47.14 -26.11 -0.04
CA VAL B 18 -46.98 -24.94 -0.90
C VAL B 18 -47.74 -23.75 -0.34
N THR B 19 -48.98 -23.99 0.10
CA THR B 19 -49.82 -22.94 0.67
C THR B 19 -49.41 -22.63 2.11
N ALA B 20 -49.03 -23.65 2.86
CA ALA B 20 -48.63 -23.49 4.26
C ALA B 20 -47.40 -22.60 4.38
N VAL B 21 -46.42 -22.84 3.51
CA VAL B 21 -45.22 -22.02 3.46
C VAL B 21 -45.55 -20.57 3.13
N ALA B 22 -46.47 -20.38 2.18
CA ALA B 22 -46.89 -19.05 1.77
C ALA B 22 -47.82 -18.41 2.79
N ASP B 23 -48.27 -19.20 3.76
CA ASP B 23 -49.20 -18.72 4.77
C ASP B 23 -48.46 -18.19 6.00
N VAL B 24 -47.21 -18.59 6.15
CA VAL B 24 -46.38 -18.13 7.27
C VAL B 24 -46.16 -16.60 7.30
N PRO B 25 -45.83 -15.98 6.15
CA PRO B 25 -45.76 -14.52 6.20
C PRO B 25 -47.11 -13.87 6.47
N ARG B 26 -48.19 -14.55 6.09
CA ARG B 26 -49.53 -14.01 6.30
C ARG B 26 -50.00 -14.20 7.73
N ARG B 27 -49.50 -15.24 8.40
CA ARG B 27 -49.84 -15.49 9.79
C ARG B 27 -49.15 -14.45 10.70
N MSE B 28 -48.08 -13.86 10.20
CA MSE B 28 -47.40 -12.80 10.93
C MSE B 28 -48.14 -11.48 10.81
O MSE B 28 -48.34 -10.77 11.80
CB MSE B 28 -45.98 -12.59 10.43
CG MSE B 28 -45.41 -11.28 10.91
SE MSE B 28 -43.69 -10.76 10.17
CE MSE B 28 -44.18 -8.97 9.57
N MSE B 29 -48.55 -11.14 9.59
CA MSE B 29 -49.19 -9.87 9.30
C MSE B 29 -50.47 -9.65 10.13
O MSE B 29 -50.85 -8.51 10.40
CB MSE B 29 -49.49 -9.75 7.81
CG MSE B 29 -48.25 -9.65 6.95
SE MSE B 29 -48.58 -9.81 5.03
CE MSE B 29 -49.84 -8.36 4.78
N GLU B 30 -51.09 -10.75 10.54
CA GLU B 30 -52.26 -10.67 11.41
C GLU B 30 -51.79 -10.52 12.85
N ALA B 31 -50.72 -11.22 13.20
CA ALA B 31 -50.14 -11.15 14.54
C ALA B 31 -49.55 -9.76 14.80
N TRP B 32 -48.97 -9.17 13.77
CA TRP B 32 -48.40 -7.84 13.89
C TRP B 32 -49.51 -6.79 14.01
N ALA B 33 -50.56 -6.95 13.21
CA ALA B 33 -51.68 -6.01 13.21
C ALA B 33 -52.40 -6.00 14.57
N SER B 34 -52.29 -7.10 15.30
CA SER B 34 -52.89 -7.20 16.62
C SER B 34 -51.89 -6.76 17.69
N ASN B 35 -50.70 -6.38 17.24
CA ASN B 35 -49.57 -6.08 18.11
C ASN B 35 -49.32 -7.19 19.13
N ASP B 36 -49.55 -8.43 18.71
CA ASP B 36 -49.41 -9.59 19.58
C ASP B 36 -47.98 -10.11 19.52
N ALA B 37 -47.21 -9.86 20.58
CA ALA B 37 -45.83 -10.31 20.65
C ALA B 37 -45.74 -11.83 20.74
N SER B 38 -46.73 -12.44 21.39
CA SER B 38 -46.76 -13.89 21.56
C SER B 38 -47.01 -14.60 20.23
N ALA B 39 -48.06 -14.19 19.53
CA ALA B 39 -48.42 -14.80 18.25
C ALA B 39 -47.32 -14.64 17.21
N PHE B 40 -46.54 -13.57 17.34
CA PHE B 40 -45.41 -13.33 16.46
C PHE B 40 -44.28 -14.30 16.78
N ALA B 41 -43.99 -14.45 18.07
CA ALA B 41 -42.89 -15.29 18.52
C ALA B 41 -43.17 -16.78 18.33
N SER B 42 -44.44 -17.16 18.41
CA SER B 42 -44.84 -18.56 18.27
C SER B 42 -44.65 -19.07 16.85
N LEU B 43 -44.42 -18.15 15.92
CA LEU B 43 -44.15 -18.51 14.53
C LEU B 43 -42.76 -19.10 14.39
N PHE B 44 -41.89 -18.77 15.34
CA PHE B 44 -40.48 -19.15 15.27
C PHE B 44 -40.21 -20.54 15.83
N ALA B 45 -39.14 -21.14 15.31
CA ALA B 45 -38.63 -22.40 15.84
C ALA B 45 -38.06 -22.13 17.23
N PRO B 46 -38.01 -23.16 18.10
CA PRO B 46 -37.46 -23.04 19.45
C PRO B 46 -36.10 -22.32 19.51
N ASP B 47 -35.21 -22.66 18.59
CA ASP B 47 -33.90 -22.01 18.52
C ASP B 47 -33.85 -20.98 17.40
N GLY B 48 -35.02 -20.44 17.07
CA GLY B 48 -35.16 -19.53 15.94
C GLY B 48 -34.35 -18.25 16.05
N THR B 49 -33.99 -17.70 14.90
CA THR B 49 -33.16 -16.51 14.85
C THR B 49 -33.86 -15.35 14.17
N MSE B 50 -33.72 -14.15 14.73
CA MSE B 50 -34.20 -12.94 14.09
C MSE B 50 -33.13 -11.85 14.13
O MSE B 50 -32.66 -11.48 15.21
CB MSE B 50 -35.48 -12.45 14.76
CG MSE B 50 -36.08 -11.22 14.10
SE MSE B 50 -37.67 -10.58 15.01
CE MSE B 50 -36.88 -10.14 16.74
N VAL B 51 -32.74 -11.36 12.96
CA VAL B 51 -31.76 -10.28 12.86
C VAL B 51 -32.33 -9.08 12.11
N LEU B 52 -32.28 -7.91 12.74
CA LEU B 52 -32.86 -6.69 12.16
C LEU B 52 -31.80 -5.59 12.08
N PRO B 53 -32.00 -4.60 11.18
CA PRO B 53 -31.09 -3.45 11.10
C PRO B 53 -30.90 -2.78 12.44
N GLY B 54 -29.67 -2.40 12.75
CA GLY B 54 -29.34 -1.91 14.06
C GLY B 54 -28.87 -3.07 14.91
N ASP B 55 -28.42 -2.78 16.13
CA ASP B 55 -27.93 -3.83 17.03
C ASP B 55 -29.09 -4.67 17.53
N VAL B 56 -29.66 -5.49 16.64
CA VAL B 56 -30.79 -6.34 16.98
C VAL B 56 -30.56 -7.78 16.51
N PHE B 57 -30.32 -8.67 17.47
CA PHE B 57 -30.12 -10.08 17.18
C PHE B 57 -30.69 -10.93 18.30
N GLN B 58 -31.87 -11.48 18.06
CA GLN B 58 -32.56 -12.30 19.05
C GLN B 58 -32.49 -13.77 18.67
N LYS B 59 -32.31 -14.63 19.66
CA LYS B 59 -32.31 -16.07 19.43
C LYS B 59 -33.22 -16.76 20.44
N GLY B 60 -34.16 -17.54 19.93
CA GLY B 60 -35.10 -18.25 20.77
C GLY B 60 -36.41 -17.51 20.89
N VAL B 61 -37.50 -18.27 20.99
CA VAL B 61 -38.84 -17.73 21.08
C VAL B 61 -38.99 -16.75 22.24
N ASP B 62 -38.41 -17.10 23.39
CA ASP B 62 -38.49 -16.24 24.57
C ASP B 62 -37.79 -14.90 24.34
N GLY B 63 -36.66 -14.94 23.65
CA GLY B 63 -35.92 -13.72 23.35
C GLY B 63 -36.66 -12.81 22.40
N ILE B 64 -37.36 -13.42 21.43
CA ILE B 64 -38.09 -12.66 20.43
C ILE B 64 -39.38 -12.07 21.00
N ARG B 65 -40.06 -12.83 21.85
CA ARG B 65 -41.28 -12.36 22.49
C ARG B 65 -41.00 -11.16 23.38
N GLU B 66 -39.93 -11.23 24.16
CA GLU B 66 -39.54 -10.13 25.04
C GLU B 66 -39.17 -8.90 24.23
N PHE B 67 -38.52 -9.12 23.09
CA PHE B 67 -38.12 -8.02 22.21
C PHE B 67 -39.34 -7.37 21.57
N MSE B 68 -40.23 -8.19 21.00
CA MSE B 68 -41.40 -7.67 20.31
C MSE B 68 -42.44 -7.06 21.25
O MSE B 68 -43.24 -6.23 20.83
CB MSE B 68 -42.03 -8.75 19.42
CG MSE B 68 -41.24 -9.04 18.15
SE MSE B 68 -40.87 -7.40 17.14
CE MSE B 68 -40.09 -8.15 15.54
N THR B 69 -42.42 -7.47 22.52
CA THR B 69 -43.30 -6.87 23.52
C THR B 69 -42.95 -5.41 23.74
N LYS B 70 -41.64 -5.14 23.84
CA LYS B 70 -41.17 -3.77 24.02
C LYS B 70 -41.41 -2.93 22.77
N CYS B 71 -41.39 -3.58 21.61
CA CYS B 71 -41.61 -2.90 20.34
C CYS B 71 -43.08 -2.57 20.10
N TYR B 72 -43.94 -3.55 20.33
CA TYR B 72 -45.38 -3.36 20.13
C TYR B 72 -45.96 -2.39 21.15
N ALA B 73 -45.32 -2.29 22.31
CA ALA B 73 -45.70 -1.31 23.31
C ALA B 73 -44.89 -0.04 23.11
N GLY B 74 -43.90 -0.13 22.21
CA GLY B 74 -43.04 1.00 21.89
C GLY B 74 -43.29 1.54 20.50
N PRO B 75 -42.21 1.70 19.72
CA PRO B 75 -42.25 2.36 18.41
C PRO B 75 -43.14 1.67 17.38
N TYR B 76 -43.41 0.38 17.57
CA TYR B 76 -44.22 -0.37 16.61
C TYR B 76 -45.70 -0.39 16.98
N LYS B 77 -46.06 0.38 18.00
CA LYS B 77 -47.45 0.40 18.47
C LYS B 77 -48.39 0.95 17.40
N GLY B 78 -49.49 0.24 17.17
CA GLY B 78 -50.49 0.68 16.21
C GLY B 78 -50.10 0.48 14.75
N THR B 79 -48.89 -0.03 14.53
CA THR B 79 -48.40 -0.24 13.17
C THR B 79 -48.81 -1.59 12.62
N SER B 80 -48.88 -1.69 11.31
CA SER B 80 -49.14 -2.96 10.64
C SER B 80 -48.08 -3.19 9.57
N VAL B 81 -47.97 -4.41 9.08
CA VAL B 81 -46.96 -4.73 8.06
C VAL B 81 -47.54 -5.45 6.85
N PHE B 82 -47.24 -4.93 5.66
CA PHE B 82 -47.57 -5.61 4.42
C PHE B 82 -46.28 -6.14 3.81
N GLY B 83 -46.39 -7.23 3.05
CA GLY B 83 -45.22 -7.85 2.45
C GLY B 83 -45.58 -8.80 1.33
N VAL B 84 -44.85 -8.71 0.23
CA VAL B 84 -45.10 -9.56 -0.92
C VAL B 84 -43.99 -10.57 -1.12
N PRO B 85 -44.34 -11.87 -1.11
CA PRO B 85 -43.35 -12.92 -1.41
C PRO B 85 -42.88 -12.81 -2.85
N ILE B 86 -41.65 -12.32 -3.04
CA ILE B 86 -41.12 -12.13 -4.39
C ILE B 86 -40.27 -13.32 -4.82
N ASP B 87 -40.10 -14.29 -3.92
CA ASP B 87 -39.42 -15.54 -4.25
C ASP B 87 -39.63 -16.63 -3.20
N VAL B 88 -40.25 -17.73 -3.64
CA VAL B 88 -40.46 -18.89 -2.79
C VAL B 88 -39.64 -20.06 -3.32
N ARG B 89 -38.90 -20.71 -2.44
CA ARG B 89 -37.98 -21.76 -2.85
C ARG B 89 -37.90 -22.89 -1.84
N PHE B 90 -37.90 -24.13 -2.35
CA PHE B 90 -37.73 -25.31 -1.52
C PHE B 90 -36.32 -25.88 -1.71
N THR B 91 -35.56 -25.96 -0.62
CA THR B 91 -34.21 -26.50 -0.67
C THR B 91 -34.25 -28.01 -0.51
N GLY B 92 -35.12 -28.48 0.37
CA GLY B 92 -35.32 -29.90 0.59
C GLY B 92 -36.78 -30.17 0.88
N PRO B 93 -37.11 -31.39 1.30
CA PRO B 93 -38.51 -31.71 1.63
C PRO B 93 -38.98 -31.01 2.90
N ASP B 94 -38.08 -30.80 3.84
CA ASP B 94 -38.45 -30.24 5.15
C ASP B 94 -38.00 -28.80 5.35
N THR B 95 -37.33 -28.23 4.36
CA THR B 95 -36.87 -26.85 4.46
C THR B 95 -37.31 -26.00 3.27
N ALA B 96 -37.62 -24.74 3.53
CA ALA B 96 -38.02 -23.82 2.47
C ALA B 96 -37.53 -22.40 2.78
N ILE B 97 -37.29 -21.61 1.73
CA ILE B 97 -36.80 -20.25 1.89
C ILE B 97 -37.68 -19.24 1.15
N LEU B 98 -37.99 -18.13 1.82
CA LEU B 98 -38.80 -17.08 1.22
C LEU B 98 -38.08 -15.75 1.25
N ILE B 99 -38.20 -14.99 0.17
CA ILE B 99 -37.72 -13.62 0.11
C ILE B 99 -38.92 -12.71 -0.10
N THR B 100 -39.19 -11.86 0.89
CA THR B 100 -40.36 -10.99 0.82
C THR B 100 -39.95 -9.52 0.75
N GLN B 101 -40.82 -8.71 0.16
CA GLN B 101 -40.59 -7.28 0.07
C GLN B 101 -41.80 -6.52 0.58
N GLY B 102 -41.55 -5.50 1.40
CA GLY B 102 -42.62 -4.71 1.99
C GLY B 102 -42.09 -3.75 3.02
N GLY B 103 -42.65 -3.80 4.22
CA GLY B 103 -42.19 -2.96 5.31
C GLY B 103 -43.26 -2.59 6.32
N VAL B 104 -42.86 -1.84 7.34
CA VAL B 104 -43.76 -1.42 8.40
C VAL B 104 -44.52 -0.16 8.01
N MSE B 105 -45.84 -0.19 8.15
CA MSE B 105 -46.66 0.96 7.82
C MSE B 105 -47.09 1.69 9.08
O MSE B 105 -47.60 1.09 10.02
CB MSE B 105 -47.89 0.51 7.02
CG MSE B 105 -48.28 1.45 5.90
SE MSE B 105 -49.72 0.70 4.82
CE MSE B 105 -48.93 -1.05 4.45
N ALA B 106 -46.88 3.00 9.09
CA ALA B 106 -47.21 3.83 10.25
C ALA B 106 -48.72 3.99 10.38
N PRO B 107 -49.20 4.30 11.60
CA PRO B 107 -50.63 4.60 11.77
C PRO B 107 -51.03 5.83 10.97
N GLY B 108 -52.21 5.79 10.36
CA GLY B 108 -52.70 6.91 9.58
C GLY B 108 -52.26 6.86 8.13
N GLU B 109 -51.17 6.15 7.87
CA GLU B 109 -50.64 6.01 6.51
C GLU B 109 -51.14 4.73 5.86
N HIS B 110 -51.41 4.81 4.55
CA HIS B 110 -51.89 3.65 3.80
C HIS B 110 -50.90 3.21 2.72
N SER B 111 -49.62 3.47 2.96
CA SER B 111 -48.56 3.02 2.07
C SER B 111 -47.22 3.06 2.81
N VAL B 112 -46.42 2.01 2.64
CA VAL B 112 -45.10 1.96 3.26
C VAL B 112 -44.18 3.01 2.64
N ALA B 113 -43.60 3.85 3.50
CA ALA B 113 -42.72 4.92 3.05
C ALA B 113 -41.50 4.35 2.33
N PRO B 114 -40.97 5.09 1.34
CA PRO B 114 -39.80 4.62 0.58
C PRO B 114 -38.57 4.37 1.47
N ASP B 115 -38.41 5.17 2.51
CA ASP B 115 -37.26 5.02 3.41
C ASP B 115 -37.56 4.08 4.57
N LYS B 116 -38.58 3.24 4.41
CA LYS B 116 -38.92 2.23 5.42
C LYS B 116 -39.14 0.88 4.76
N GLU B 117 -39.05 0.85 3.43
CA GLU B 117 -39.23 -0.37 2.67
C GLU B 117 -38.05 -1.32 2.89
N ILE B 118 -38.33 -2.60 3.09
CA ILE B 118 -37.30 -3.59 3.35
C ILE B 118 -37.49 -4.87 2.54
N ARG B 119 -36.46 -5.71 2.55
CA ARG B 119 -36.55 -7.06 2.00
C ARG B 119 -36.13 -8.06 3.07
N ALA B 120 -36.90 -9.14 3.22
CA ALA B 120 -36.64 -10.10 4.29
C ALA B 120 -36.37 -11.50 3.76
N THR B 121 -35.43 -12.19 4.41
CA THR B 121 -35.15 -13.59 4.12
C THR B 121 -35.81 -14.47 5.19
N TRP B 122 -36.73 -15.32 4.75
CA TRP B 122 -37.43 -16.23 5.65
C TRP B 122 -36.89 -17.64 5.49
N VAL B 123 -36.61 -18.31 6.60
CA VAL B 123 -36.15 -19.69 6.54
C VAL B 123 -37.11 -20.59 7.31
N LEU B 124 -37.86 -21.41 6.58
CA LEU B 124 -38.89 -22.24 7.20
C LEU B 124 -38.48 -23.70 7.29
N GLY B 125 -38.66 -24.29 8.46
CA GLY B 125 -38.41 -25.71 8.67
C GLY B 125 -39.68 -26.43 9.03
N LYS B 126 -39.90 -27.60 8.41
CA LYS B 126 -41.11 -28.37 8.65
C LYS B 126 -40.90 -29.41 9.76
N ARG B 127 -41.62 -29.25 10.85
CA ARG B 127 -41.57 -30.20 11.96
C ARG B 127 -42.98 -30.59 12.40
N ASP B 128 -43.26 -31.89 12.39
CA ASP B 128 -44.57 -32.42 12.75
C ASP B 128 -45.70 -31.85 11.90
N GLY B 129 -45.43 -31.63 10.63
CA GLY B 129 -46.45 -31.19 9.69
C GLY B 129 -46.60 -29.68 9.56
N ALA B 130 -46.16 -28.95 10.58
CA ALA B 130 -46.30 -27.49 10.60
C ALA B 130 -44.97 -26.79 10.31
N TRP B 131 -45.06 -25.64 9.64
CA TRP B 131 -43.87 -24.87 9.29
C TRP B 131 -43.61 -23.75 10.29
N LEU B 132 -42.39 -23.69 10.79
CA LEU B 132 -41.98 -22.64 11.72
C LEU B 132 -40.78 -21.88 11.18
N VAL B 133 -40.67 -20.60 11.56
CA VAL B 133 -39.57 -19.76 11.08
C VAL B 133 -38.26 -20.09 11.79
N GLU B 134 -37.33 -20.67 11.05
CA GLU B 134 -36.01 -21.01 11.59
C GLU B 134 -35.14 -19.76 11.68
N ALA B 135 -35.28 -18.89 10.68
CA ALA B 135 -34.47 -17.67 10.62
C ALA B 135 -35.15 -16.55 9.86
N TYR B 136 -35.06 -15.35 10.41
CA TYR B 136 -35.59 -14.15 9.76
C TYR B 136 -34.52 -13.08 9.75
N HIS B 137 -34.38 -12.38 8.64
CA HIS B 137 -33.38 -11.33 8.50
C HIS B 137 -33.80 -10.35 7.41
N ASN B 138 -33.98 -9.09 7.77
CA ASN B 138 -34.34 -8.07 6.77
C ASN B 138 -33.39 -6.88 6.70
N SER B 139 -33.46 -6.16 5.59
CA SER B 139 -32.56 -5.03 5.34
C SER B 139 -33.26 -3.96 4.51
N PRO B 140 -32.89 -2.68 4.73
CA PRO B 140 -33.50 -1.55 4.02
C PRO B 140 -33.24 -1.61 2.52
N VAL B 141 -34.20 -1.10 1.75
CA VAL B 141 -34.06 -1.02 0.30
C VAL B 141 -33.41 0.31 -0.08
N ARG B 142 -33.68 1.34 0.70
CA ARG B 142 -33.09 2.66 0.48
C ARG B 142 -32.14 3.03 1.61
N ASP C 15 11.30 -4.78 -34.97
CA ASP C 15 9.90 -4.61 -34.61
C ASP C 15 9.44 -5.70 -33.65
N ARG C 16 10.00 -6.89 -33.78
CA ARG C 16 9.68 -8.00 -32.90
C ARG C 16 10.23 -7.76 -31.50
N ASP C 17 11.29 -6.96 -31.43
CA ASP C 17 11.91 -6.62 -30.15
C ASP C 17 11.36 -5.31 -29.60
N VAL C 18 10.74 -4.52 -30.47
CA VAL C 18 10.09 -3.28 -30.05
C VAL C 18 8.80 -3.62 -29.30
N THR C 19 8.12 -4.65 -29.77
CA THR C 19 6.93 -5.15 -29.09
C THR C 19 7.34 -5.79 -27.77
N ALA C 20 8.53 -6.39 -27.77
CA ALA C 20 9.05 -7.05 -26.59
C ALA C 20 9.31 -6.07 -25.44
N VAL C 21 10.00 -4.97 -25.73
CA VAL C 21 10.29 -3.96 -24.71
C VAL C 21 9.04 -3.21 -24.29
N ALA C 22 8.07 -3.09 -25.21
CA ALA C 22 6.81 -2.43 -24.91
C ALA C 22 5.91 -3.32 -24.07
N ASP C 23 6.25 -4.60 -23.99
CA ASP C 23 5.48 -5.55 -23.21
C ASP C 23 5.83 -5.48 -21.73
N VAL C 24 7.00 -4.95 -21.41
CA VAL C 24 7.42 -4.82 -20.02
C VAL C 24 6.49 -3.93 -19.18
N PRO C 25 6.14 -2.72 -19.68
CA PRO C 25 5.13 -1.98 -18.92
C PRO C 25 3.79 -2.72 -18.86
N ARG C 26 3.47 -3.50 -19.87
CA ARG C 26 2.21 -4.23 -19.91
C ARG C 26 2.17 -5.32 -18.85
N ARG C 27 3.31 -5.98 -18.66
CA ARG C 27 3.44 -7.04 -17.64
C ARG C 27 3.32 -6.49 -16.23
N MSE C 28 3.63 -5.22 -16.06
CA MSE C 28 3.51 -4.57 -14.76
C MSE C 28 2.08 -4.21 -14.44
O MSE C 28 1.63 -4.36 -13.31
CB MSE C 28 4.37 -3.31 -14.71
CG MSE C 28 3.89 -2.20 -13.74
SE MSE C 28 5.21 -0.81 -13.37
CE MSE C 28 4.01 0.64 -12.86
N MSE C 29 1.38 -3.67 -15.42
CA MSE C 29 0.00 -3.22 -15.23
C MSE C 29 -0.90 -4.35 -14.75
O MSE C 29 -1.90 -4.11 -14.06
CB MSE C 29 -0.54 -2.68 -16.55
CG MSE C 29 0.21 -1.47 -17.09
SE MSE C 29 -0.65 -0.64 -18.62
CE MSE C 29 0.96 0.09 -19.44
N GLU C 30 -0.55 -5.57 -15.14
CA GLU C 30 -1.25 -6.75 -14.69
C GLU C 30 -0.81 -7.14 -13.29
N ALA C 31 0.49 -7.02 -13.01
CA ALA C 31 1.01 -7.35 -11.69
C ALA C 31 0.54 -6.32 -10.67
N TRP C 32 0.40 -5.08 -11.10
CA TRP C 32 -0.09 -4.02 -10.25
C TRP C 32 -1.60 -4.17 -10.02
N ALA C 33 -2.32 -4.53 -11.08
CA ALA C 33 -3.77 -4.66 -11.00
C ALA C 33 -4.19 -5.73 -10.00
N SER C 34 -3.41 -6.81 -9.94
CA SER C 34 -3.68 -7.88 -8.99
C SER C 34 -2.97 -7.65 -7.67
N ASN C 35 -2.34 -6.48 -7.54
CA ASN C 35 -1.55 -6.12 -6.36
C ASN C 35 -0.54 -7.21 -5.99
N ASP C 36 0.10 -7.78 -7.00
CA ASP C 36 1.04 -8.86 -6.80
C ASP C 36 2.47 -8.31 -6.66
N ALA C 37 2.97 -8.29 -5.43
CA ALA C 37 4.29 -7.75 -5.16
C ALA C 37 5.41 -8.62 -5.72
N SER C 38 5.26 -9.95 -5.59
CA SER C 38 6.27 -10.88 -6.04
C SER C 38 6.39 -10.91 -7.56
N ALA C 39 5.26 -10.76 -8.25
CA ALA C 39 5.26 -10.73 -9.71
C ALA C 39 5.85 -9.42 -10.21
N PHE C 40 5.62 -8.35 -9.46
CA PHE C 40 6.13 -7.03 -9.79
C PHE C 40 7.65 -6.98 -9.73
N ALA C 41 8.20 -7.56 -8.67
CA ALA C 41 9.65 -7.54 -8.45
C ALA C 41 10.41 -8.40 -9.44
N SER C 42 9.74 -9.42 -9.98
CA SER C 42 10.36 -10.33 -10.94
C SER C 42 10.68 -9.63 -12.26
N LEU C 43 10.09 -8.46 -12.47
CA LEU C 43 10.35 -7.66 -13.66
C LEU C 43 11.75 -7.07 -13.61
N PHE C 44 12.30 -6.94 -12.40
CA PHE C 44 13.57 -6.27 -12.21
C PHE C 44 14.79 -7.18 -12.34
N ALA C 45 15.89 -6.60 -12.81
CA ALA C 45 17.18 -7.28 -12.82
C ALA C 45 17.59 -7.55 -11.38
N PRO C 46 18.46 -8.55 -11.15
CA PRO C 46 18.82 -8.94 -9.78
C PRO C 46 19.37 -7.78 -8.95
N ASP C 47 20.11 -6.88 -9.58
CA ASP C 47 20.62 -5.70 -8.88
C ASP C 47 19.88 -4.45 -9.34
N GLY C 48 18.69 -4.66 -9.91
CA GLY C 48 17.87 -3.57 -10.43
C GLY C 48 17.49 -2.56 -9.38
N THR C 49 17.16 -1.35 -9.82
CA THR C 49 16.83 -0.27 -8.90
C THR C 49 15.49 0.39 -9.23
N MSE C 50 14.87 0.98 -8.21
CA MSE C 50 13.61 1.68 -8.36
C MSE C 50 13.58 2.91 -7.47
O MSE C 50 13.72 2.80 -6.25
CB MSE C 50 12.43 0.77 -8.02
CG MSE C 50 11.08 1.45 -8.11
SE MSE C 50 9.60 0.33 -7.51
CE MSE C 50 10.07 0.16 -5.63
N VAL C 51 13.41 4.08 -8.07
CA VAL C 51 13.37 5.33 -7.30
C VAL C 51 12.06 6.07 -7.54
N LEU C 52 11.30 6.25 -6.47
CA LEU C 52 10.02 6.95 -6.54
C LEU C 52 10.07 8.21 -5.69
N PRO C 53 9.16 9.18 -5.97
CA PRO C 53 9.04 10.39 -5.16
C PRO C 53 8.86 10.07 -3.68
N GLY C 54 9.36 10.95 -2.82
CA GLY C 54 9.44 10.68 -1.40
C GLY C 54 10.79 10.05 -1.13
N ASP C 55 10.94 9.43 0.04
CA ASP C 55 12.17 8.74 0.37
C ASP C 55 12.07 7.29 -0.07
N VAL C 56 11.99 7.08 -1.38
CA VAL C 56 11.89 5.73 -1.93
C VAL C 56 13.07 5.40 -2.83
N PHE C 57 13.83 4.38 -2.45
CA PHE C 57 14.97 3.92 -3.23
C PHE C 57 15.30 2.48 -2.86
N GLN C 58 14.78 1.55 -3.66
CA GLN C 58 15.00 0.14 -3.43
C GLN C 58 15.94 -0.44 -4.47
N LYS C 59 16.81 -1.35 -4.04
CA LYS C 59 17.76 -1.99 -4.94
C LYS C 59 17.74 -3.50 -4.76
N GLY C 60 17.62 -4.23 -5.87
CA GLY C 60 17.56 -5.67 -5.83
C GLY C 60 16.13 -6.17 -5.76
N VAL C 61 15.90 -7.35 -6.31
CA VAL C 61 14.56 -7.93 -6.37
C VAL C 61 13.95 -8.11 -4.98
N ASP C 62 14.76 -8.55 -4.03
CA ASP C 62 14.31 -8.77 -2.65
C ASP C 62 13.83 -7.49 -1.98
N GLY C 63 14.53 -6.39 -2.22
CA GLY C 63 14.19 -5.12 -1.62
C GLY C 63 12.93 -4.52 -2.20
N ILE C 64 12.73 -4.73 -3.50
CA ILE C 64 11.55 -4.22 -4.19
C ILE C 64 10.31 -5.02 -3.80
N ARG C 65 10.44 -6.34 -3.74
CA ARG C 65 9.34 -7.21 -3.33
C ARG C 65 8.92 -6.93 -1.89
N GLU C 66 9.90 -6.69 -1.03
CA GLU C 66 9.64 -6.42 0.39
C GLU C 66 8.99 -5.06 0.58
N PHE C 67 9.38 -4.10 -0.27
CA PHE C 67 8.84 -2.75 -0.21
C PHE C 67 7.43 -2.67 -0.79
N MSE C 68 7.23 -3.24 -1.96
CA MSE C 68 5.95 -3.18 -2.64
C MSE C 68 4.86 -3.96 -1.91
O MSE C 68 3.67 -3.67 -2.05
CB MSE C 68 6.09 -3.71 -4.07
CG MSE C 68 6.83 -2.78 -5.04
SE MSE C 68 6.01 -1.03 -5.18
CE MSE C 68 4.33 -1.51 -6.04
N THR C 69 5.27 -4.97 -1.15
CA THR C 69 4.33 -5.75 -0.36
C THR C 69 3.64 -4.84 0.66
N LYS C 70 4.41 -3.93 1.24
CA LYS C 70 3.85 -2.96 2.18
C LYS C 70 3.00 -1.92 1.46
N CYS C 71 3.33 -1.65 0.20
CA CYS C 71 2.56 -0.71 -0.60
C CYS C 71 1.22 -1.32 -1.01
N TYR C 72 1.25 -2.56 -1.48
CA TYR C 72 0.03 -3.26 -1.90
C TYR C 72 -0.86 -3.63 -0.71
N ALA C 73 -0.42 -3.29 0.49
CA ALA C 73 -1.20 -3.56 1.69
C ALA C 73 -1.89 -2.29 2.17
N GLY C 74 -1.34 -1.13 1.79
CA GLY C 74 -1.87 0.14 2.21
C GLY C 74 -2.29 1.07 1.09
N PRO C 75 -1.48 2.11 0.83
CA PRO C 75 -1.80 3.17 -0.13
C PRO C 75 -1.96 2.72 -1.58
N TYR C 76 -1.50 1.51 -1.91
CA TYR C 76 -1.63 1.01 -3.27
C TYR C 76 -2.63 -0.14 -3.40
N LYS C 77 -3.26 -0.50 -2.28
CA LYS C 77 -4.27 -1.56 -2.28
C LYS C 77 -5.46 -1.16 -3.13
N GLY C 78 -5.77 -1.98 -4.13
CA GLY C 78 -6.93 -1.76 -4.99
C GLY C 78 -6.66 -0.80 -6.13
N THR C 79 -5.42 -0.34 -6.21
CA THR C 79 -5.04 0.59 -7.26
C THR C 79 -4.61 -0.13 -8.53
N SER C 80 -4.62 0.59 -9.64
CA SER C 80 -4.16 0.05 -10.91
C SER C 80 -3.34 1.13 -11.62
N VAL C 81 -2.54 0.71 -12.60
CA VAL C 81 -1.65 1.62 -13.28
C VAL C 81 -1.77 1.49 -14.81
N PHE C 82 -1.85 2.63 -15.48
CA PHE C 82 -1.84 2.64 -16.94
C PHE C 82 -0.77 3.60 -17.43
N GLY C 83 -0.27 3.37 -18.65
CA GLY C 83 0.74 4.22 -19.24
C GLY C 83 1.04 3.83 -20.67
N VAL C 84 1.68 4.74 -21.41
CA VAL C 84 2.09 4.46 -22.78
C VAL C 84 3.51 4.92 -23.02
N PRO C 85 4.26 4.19 -23.84
CA PRO C 85 5.60 4.64 -24.22
C PRO C 85 5.52 5.89 -25.10
N ILE C 86 6.07 7.00 -24.61
CA ILE C 86 6.11 8.23 -25.41
C ILE C 86 7.49 8.39 -26.04
N ASP C 87 8.38 7.47 -25.74
CA ASP C 87 9.70 7.43 -26.36
C ASP C 87 10.37 6.07 -26.15
N VAL C 88 10.63 5.38 -27.25
CA VAL C 88 11.30 4.07 -27.21
C VAL C 88 12.65 4.19 -27.91
N ARG C 89 13.68 3.63 -27.29
CA ARG C 89 15.03 3.85 -27.78
C ARG C 89 16.00 2.71 -27.42
N PHE C 90 16.56 2.09 -28.45
CA PHE C 90 17.58 1.06 -28.26
C PHE C 90 18.97 1.68 -28.34
N THR C 91 19.77 1.49 -27.30
CA THR C 91 21.11 2.04 -27.25
C THR C 91 22.14 0.99 -27.64
N GLY C 92 21.81 -0.27 -27.39
CA GLY C 92 22.65 -1.39 -27.76
C GLY C 92 21.78 -2.57 -28.13
N PRO C 93 22.40 -3.68 -28.56
CA PRO C 93 21.63 -4.88 -28.91
C PRO C 93 20.97 -5.49 -27.68
N ASP C 94 21.49 -5.19 -26.49
CA ASP C 94 20.96 -5.77 -25.26
C ASP C 94 20.54 -4.69 -24.25
N THR C 95 20.45 -3.45 -24.72
CA THR C 95 20.07 -2.34 -23.84
C THR C 95 19.00 -1.47 -24.49
N ALA C 96 17.92 -1.22 -23.75
CA ALA C 96 16.84 -0.36 -24.24
C ALA C 96 16.43 0.65 -23.18
N ILE C 97 15.96 1.82 -23.62
CA ILE C 97 15.51 2.86 -22.72
C ILE C 97 14.10 3.34 -23.06
N LEU C 98 13.22 3.32 -22.06
CA LEU C 98 11.82 3.65 -22.25
C LEU C 98 11.42 4.89 -21.47
N ILE C 99 10.61 5.75 -22.11
CA ILE C 99 10.00 6.88 -21.42
C ILE C 99 8.48 6.73 -21.51
N THR C 100 7.84 6.48 -20.37
CA THR C 100 6.39 6.27 -20.36
C THR C 100 5.66 7.41 -19.68
N GLN C 101 4.36 7.51 -19.95
CA GLN C 101 3.54 8.54 -19.34
C GLN C 101 2.18 7.97 -18.94
N GLY C 102 1.81 8.19 -17.69
CA GLY C 102 0.57 7.69 -17.17
C GLY C 102 0.48 7.95 -15.68
N GLY C 103 -0.11 7.04 -14.93
CA GLY C 103 -0.21 7.21 -13.49
C GLY C 103 -0.96 6.09 -12.79
N VAL C 104 -1.14 6.28 -11.48
CA VAL C 104 -1.84 5.32 -10.65
C VAL C 104 -3.32 5.69 -10.55
N MSE C 105 -4.18 4.69 -10.69
CA MSE C 105 -5.61 4.90 -10.55
C MSE C 105 -6.12 4.43 -9.19
O MSE C 105 -5.90 3.29 -8.81
CB MSE C 105 -6.38 4.18 -11.66
CG MSE C 105 -6.55 5.00 -12.93
SE MSE C 105 -7.52 4.01 -14.28
CE MSE C 105 -6.12 2.74 -14.80
N ALA C 106 -6.80 5.32 -8.48
CA ALA C 106 -7.40 4.98 -7.20
C ALA C 106 -8.55 3.99 -7.43
N PRO C 107 -8.82 3.14 -6.44
CA PRO C 107 -9.94 2.19 -6.57
C PRO C 107 -11.26 2.93 -6.69
N GLY C 108 -12.12 2.49 -7.61
CA GLY C 108 -13.39 3.14 -7.84
C GLY C 108 -13.27 4.28 -8.84
N GLU C 109 -12.07 4.50 -9.34
CA GLU C 109 -11.83 5.54 -10.34
C GLU C 109 -11.27 4.93 -11.62
N HIS C 110 -11.73 5.44 -12.76
CA HIS C 110 -11.46 4.81 -14.05
C HIS C 110 -10.57 5.67 -14.95
N SER C 111 -9.94 6.68 -14.36
CA SER C 111 -9.01 7.54 -15.08
C SER C 111 -7.99 8.11 -14.13
N VAL C 112 -6.75 8.23 -14.60
CA VAL C 112 -5.67 8.77 -13.78
C VAL C 112 -5.88 10.25 -13.47
N ALA C 113 -5.94 10.58 -12.19
CA ALA C 113 -6.13 11.95 -11.73
C ALA C 113 -5.00 12.86 -12.21
N PRO C 114 -5.27 14.16 -12.37
CA PRO C 114 -4.24 15.09 -12.87
C PRO C 114 -3.06 15.23 -11.91
N ASP C 115 -3.31 15.08 -10.61
CA ASP C 115 -2.25 15.24 -9.62
C ASP C 115 -1.53 13.92 -9.34
N LYS C 116 -1.84 12.89 -10.13
CA LYS C 116 -1.23 11.58 -9.98
C LYS C 116 -0.51 11.14 -11.25
N GLU C 117 -0.62 11.93 -12.31
CA GLU C 117 0.03 11.61 -13.57
C GLU C 117 1.54 11.72 -13.44
N ILE C 118 2.26 10.73 -13.97
CA ILE C 118 3.71 10.71 -13.85
C ILE C 118 4.41 10.34 -15.16
N ARG C 119 5.72 10.57 -15.20
CA ARG C 119 6.54 10.11 -16.31
C ARG C 119 7.65 9.23 -15.75
N ALA C 120 7.87 8.09 -16.39
CA ALA C 120 8.85 7.11 -15.88
C ALA C 120 9.94 6.80 -16.88
N THR C 121 11.17 6.66 -16.40
CA THR C 121 12.27 6.20 -17.22
C THR C 121 12.55 4.73 -16.93
N TRP C 122 12.48 3.91 -17.99
CA TRP C 122 12.76 2.48 -17.85
C TRP C 122 14.06 2.15 -18.55
N VAL C 123 14.98 1.53 -17.82
CA VAL C 123 16.20 1.02 -18.42
C VAL C 123 16.10 -0.50 -18.48
N LEU C 124 15.84 -1.03 -19.66
CA LEU C 124 15.65 -2.47 -19.83
C LEU C 124 16.95 -3.17 -20.21
N GLY C 125 17.17 -4.35 -19.65
CA GLY C 125 18.34 -5.16 -19.95
C GLY C 125 17.94 -6.52 -20.47
N LYS C 126 18.66 -6.99 -21.49
CA LYS C 126 18.32 -8.26 -22.12
C LYS C 126 19.24 -9.41 -21.68
N ARG C 127 18.62 -10.46 -21.14
CA ARG C 127 19.34 -11.65 -20.72
C ARG C 127 18.55 -12.88 -21.13
N ASP C 128 19.19 -13.76 -21.90
CA ASP C 128 18.56 -15.00 -22.38
C ASP C 128 17.30 -14.74 -23.19
N GLY C 129 17.28 -13.63 -23.92
CA GLY C 129 16.18 -13.30 -24.79
C GLY C 129 15.00 -12.61 -24.10
N ALA C 130 15.14 -12.38 -22.80
CA ALA C 130 14.08 -11.76 -22.02
C ALA C 130 14.53 -10.43 -21.42
N TRP C 131 13.65 -9.43 -21.46
CA TRP C 131 13.98 -8.11 -20.92
C TRP C 131 13.63 -7.98 -19.45
N LEU C 132 14.55 -7.39 -18.69
CA LEU C 132 14.31 -7.08 -17.29
C LEU C 132 14.60 -5.61 -17.05
N VAL C 133 13.93 -5.03 -16.05
CA VAL C 133 14.16 -3.64 -15.71
C VAL C 133 15.43 -3.49 -14.88
N GLU C 134 16.42 -2.77 -15.42
CA GLU C 134 17.67 -2.54 -14.72
C GLU C 134 17.53 -1.35 -13.77
N ALA C 135 16.68 -0.41 -14.14
CA ALA C 135 16.46 0.80 -13.34
C ALA C 135 15.15 1.47 -13.70
N TYR C 136 14.32 1.70 -12.69
CA TYR C 136 13.06 2.42 -12.87
C TYR C 136 13.11 3.72 -12.08
N HIS C 137 12.52 4.77 -12.65
CA HIS C 137 12.48 6.06 -11.97
C HIS C 137 11.38 6.93 -12.54
N ASN C 138 10.42 7.32 -11.70
CA ASN C 138 9.35 8.21 -12.16
C ASN C 138 9.28 9.54 -11.41
N SER C 139 8.52 10.47 -11.98
CA SER C 139 8.36 11.80 -11.40
C SER C 139 7.03 12.41 -11.84
N PRO C 140 6.41 13.21 -10.96
CA PRO C 140 5.11 13.84 -11.24
C PRO C 140 5.16 14.78 -12.44
N VAL C 141 4.03 14.92 -13.13
CA VAL C 141 3.93 15.82 -14.28
C VAL C 141 3.49 17.20 -13.83
N ARG C 142 2.75 17.27 -12.73
CA ARG C 142 2.30 18.54 -12.19
C ARG C 142 2.76 18.75 -10.75
N LEU C 143 3.38 19.90 -10.48
CA LEU C 143 3.86 20.21 -9.15
C LEU C 143 2.74 20.71 -8.24
N VAL D 18 35.61 2.72 -15.00
CA VAL D 18 35.17 3.00 -13.64
C VAL D 18 35.48 4.45 -13.25
N THR D 19 36.72 4.85 -13.46
CA THR D 19 37.14 6.22 -13.15
C THR D 19 36.54 7.21 -14.13
N ALA D 20 36.13 6.73 -15.30
CA ALA D 20 35.52 7.57 -16.32
C ALA D 20 34.05 7.79 -16.03
N VAL D 21 33.39 6.75 -15.53
CA VAL D 21 31.98 6.82 -15.16
C VAL D 21 31.78 7.80 -13.99
N ALA D 22 32.72 7.77 -13.05
CA ALA D 22 32.64 8.60 -11.86
C ALA D 22 32.83 10.09 -12.16
N ASP D 23 33.48 10.39 -13.27
CA ASP D 23 33.78 11.78 -13.61
C ASP D 23 32.58 12.49 -14.23
N VAL D 24 31.64 11.72 -14.77
CA VAL D 24 30.45 12.28 -15.41
C VAL D 24 29.61 13.21 -14.51
N PRO D 25 29.29 12.76 -13.27
CA PRO D 25 28.57 13.70 -12.40
C PRO D 25 29.44 14.88 -12.00
N ARG D 26 30.75 14.68 -11.97
CA ARG D 26 31.69 15.73 -11.63
C ARG D 26 31.80 16.75 -12.75
N ARG D 27 31.51 16.32 -13.97
CA ARG D 27 31.55 17.20 -15.13
C ARG D 27 30.24 17.99 -15.26
N MSE D 28 29.17 17.42 -14.72
CA MSE D 28 27.85 18.04 -14.79
C MSE D 28 27.72 19.17 -13.77
O MSE D 28 27.01 20.16 -14.01
CB MSE D 28 26.76 16.99 -14.58
CG MSE D 28 25.33 17.50 -14.66
SE MSE D 28 24.65 18.14 -12.94
CE MSE D 28 22.75 17.81 -13.22
N MSE D 29 28.39 19.03 -12.64
CA MSE D 29 28.30 20.00 -11.56
C MSE D 29 29.25 21.17 -11.76
O MSE D 29 28.97 22.29 -11.35
CB MSE D 29 28.54 19.31 -10.21
CG MSE D 29 27.41 18.41 -9.79
SE MSE D 29 27.93 17.09 -8.46
CE MSE D 29 28.82 18.26 -7.20
N GLU D 30 30.39 20.91 -12.40
CA GLU D 30 31.32 21.98 -12.75
C GLU D 30 30.69 22.82 -13.85
N ALA D 31 29.93 22.16 -14.72
CA ALA D 31 29.21 22.85 -15.80
C ALA D 31 28.02 23.61 -15.24
N TRP D 32 27.41 23.08 -14.19
CA TRP D 32 26.29 23.73 -13.52
C TRP D 32 26.77 24.99 -12.82
N ALA D 33 27.93 24.89 -12.17
CA ALA D 33 28.48 25.98 -11.37
C ALA D 33 28.68 27.25 -12.19
N SER D 34 29.22 27.09 -13.40
CA SER D 34 29.45 28.22 -14.29
C SER D 34 28.19 28.61 -15.03
N ASN D 35 27.08 27.95 -14.70
CA ASN D 35 25.80 28.15 -15.37
C ASN D 35 25.90 27.99 -16.89
N ASP D 36 26.71 27.02 -17.31
CA ASP D 36 26.89 26.73 -18.73
C ASP D 36 25.91 25.65 -19.16
N ALA D 37 25.04 25.99 -20.10
CA ALA D 37 24.05 25.04 -20.60
C ALA D 37 24.61 24.23 -21.76
N SER D 38 25.56 24.80 -22.47
CA SER D 38 26.17 24.13 -23.62
C SER D 38 27.08 22.98 -23.18
N ALA D 39 27.78 23.19 -22.06
CA ALA D 39 28.65 22.14 -21.52
C ALA D 39 27.82 21.10 -20.77
N PHE D 40 26.65 21.53 -20.29
CA PHE D 40 25.72 20.63 -19.63
C PHE D 40 25.13 19.65 -20.63
N ALA D 41 24.58 20.20 -21.72
CA ALA D 41 23.91 19.40 -22.74
C ALA D 41 24.88 18.48 -23.49
N SER D 42 26.14 18.87 -23.53
CA SER D 42 27.16 18.11 -24.25
C SER D 42 27.55 16.81 -23.53
N LEU D 43 27.00 16.61 -22.33
CA LEU D 43 27.25 15.41 -21.56
C LEU D 43 26.30 14.29 -21.97
N PHE D 44 25.21 14.68 -22.63
CA PHE D 44 24.20 13.73 -23.07
C PHE D 44 24.51 13.17 -24.45
N ALA D 45 24.10 11.93 -24.69
CA ALA D 45 24.19 11.32 -26.01
C ALA D 45 23.27 12.07 -26.97
N PRO D 46 23.49 11.92 -28.29
CA PRO D 46 22.65 12.58 -29.30
C PRO D 46 21.14 12.41 -29.05
N ASP D 47 20.72 11.20 -28.69
CA ASP D 47 19.31 10.94 -28.43
C ASP D 47 18.99 10.96 -26.94
N GLY D 48 19.85 11.60 -26.17
CA GLY D 48 19.71 11.65 -24.72
C GLY D 48 18.41 12.28 -24.24
N THR D 49 17.93 11.83 -23.09
CA THR D 49 16.68 12.35 -22.52
C THR D 49 16.88 12.87 -21.10
N MSE D 50 16.03 13.79 -20.70
CA MSE D 50 16.07 14.36 -19.36
C MSE D 50 14.65 14.58 -18.84
O MSE D 50 13.87 15.32 -19.45
CB MSE D 50 16.83 15.67 -19.35
CG MSE D 50 17.03 16.28 -17.97
SE MSE D 50 17.76 18.08 -18.08
CE MSE D 50 18.25 18.34 -16.21
N VAL D 51 14.30 13.94 -17.73
CA VAL D 51 12.98 14.09 -17.15
C VAL D 51 13.05 14.63 -15.72
N LEU D 52 12.47 15.82 -15.53
CA LEU D 52 12.43 16.44 -14.20
C LEU D 52 10.97 16.57 -13.76
N PRO D 53 10.74 16.72 -12.44
CA PRO D 53 9.39 17.01 -11.92
C PRO D 53 8.78 18.23 -12.59
N GLY D 54 7.45 18.24 -12.71
CA GLY D 54 6.78 19.24 -13.51
C GLY D 54 6.69 18.73 -14.93
N ASP D 55 6.13 19.53 -15.82
CA ASP D 55 5.99 19.12 -17.22
C ASP D 55 7.30 19.31 -17.97
N VAL D 56 8.33 18.58 -17.54
CA VAL D 56 9.65 18.71 -18.14
C VAL D 56 10.14 17.37 -18.69
N PHE D 57 10.28 17.32 -20.01
CA PHE D 57 10.80 16.13 -20.67
C PHE D 57 11.49 16.54 -21.97
N GLN D 58 12.81 16.58 -21.94
CA GLN D 58 13.61 17.03 -23.07
C GLN D 58 14.35 15.87 -23.71
N LYS D 59 14.26 15.78 -25.04
CA LYS D 59 14.99 14.75 -25.77
C LYS D 59 15.88 15.39 -26.84
N GLY D 60 17.17 15.08 -26.77
CA GLY D 60 18.13 15.62 -27.71
C GLY D 60 19.05 16.65 -27.09
N VAL D 61 20.31 16.67 -27.51
CA VAL D 61 21.29 17.61 -27.00
C VAL D 61 20.87 19.06 -27.24
N ASP D 62 20.35 19.33 -28.44
CA ASP D 62 19.92 20.67 -28.80
C ASP D 62 18.71 21.12 -27.97
N GLY D 63 17.80 20.19 -27.73
CA GLY D 63 16.60 20.48 -26.96
C GLY D 63 16.89 20.73 -25.49
N ILE D 64 17.96 20.13 -25.00
CA ILE D 64 18.37 20.30 -23.61
C ILE D 64 19.14 21.60 -23.42
N ARG D 65 19.93 21.97 -24.42
CA ARG D 65 20.69 23.21 -24.40
C ARG D 65 19.77 24.42 -24.27
N GLU D 66 18.61 24.35 -24.92
CA GLU D 66 17.64 25.44 -24.90
C GLU D 66 16.94 25.55 -23.55
N PHE D 67 16.52 24.41 -23.01
CA PHE D 67 15.75 24.38 -21.78
C PHE D 67 16.57 24.84 -20.57
N MSE D 68 17.87 24.59 -20.62
CA MSE D 68 18.75 24.94 -19.50
C MSE D 68 19.21 26.39 -19.56
O MSE D 68 19.52 26.99 -18.53
CB MSE D 68 19.93 23.98 -19.41
CG MSE D 68 19.54 22.54 -19.08
SE MSE D 68 19.27 22.19 -17.18
CE MSE D 68 17.50 22.94 -16.91
N THR D 69 19.26 26.95 -20.77
CA THR D 69 19.58 28.36 -20.94
C THR D 69 18.48 29.22 -20.31
N LYS D 70 17.24 28.77 -20.43
CA LYS D 70 16.11 29.49 -19.86
C LYS D 70 16.09 29.34 -18.34
N CYS D 71 16.48 28.17 -17.84
CA CYS D 71 16.52 27.92 -16.40
C CYS D 71 17.66 28.66 -15.71
N TYR D 72 18.79 28.78 -16.40
CA TYR D 72 19.94 29.48 -15.84
C TYR D 72 19.70 30.98 -15.79
N ALA D 73 19.03 31.51 -16.81
CA ALA D 73 18.67 32.93 -16.83
C ALA D 73 17.50 33.19 -15.90
N GLY D 74 16.81 32.13 -15.50
CA GLY D 74 15.65 32.24 -14.64
C GLY D 74 15.92 31.84 -13.20
N PRO D 75 15.34 30.72 -12.76
CA PRO D 75 15.42 30.25 -11.37
C PRO D 75 16.80 29.74 -10.96
N TYR D 76 17.51 29.09 -11.88
CA TYR D 76 18.80 28.49 -11.55
C TYR D 76 19.97 29.45 -11.70
N LYS D 77 19.69 30.75 -11.57
CA LYS D 77 20.74 31.76 -11.67
C LYS D 77 21.59 31.83 -10.41
N GLY D 78 22.91 31.75 -10.59
CA GLY D 78 23.84 31.82 -9.47
C GLY D 78 23.67 30.68 -8.48
N THR D 79 23.36 29.50 -9.00
CA THR D 79 23.13 28.33 -8.16
C THR D 79 24.22 27.28 -8.39
N SER D 80 24.28 26.31 -7.49
CA SER D 80 25.24 25.22 -7.59
C SER D 80 24.62 23.91 -7.12
N VAL D 81 24.99 22.82 -7.78
CA VAL D 81 24.43 21.50 -7.47
C VAL D 81 25.47 20.57 -6.86
N PHE D 82 25.12 19.94 -5.75
CA PHE D 82 25.97 18.91 -5.14
C PHE D 82 25.35 17.53 -5.28
N GLY D 83 26.18 16.53 -5.55
CA GLY D 83 25.69 15.18 -5.76
C GLY D 83 26.60 14.09 -5.24
N VAL D 84 26.05 13.19 -4.45
CA VAL D 84 26.79 12.05 -3.92
C VAL D 84 26.33 10.76 -4.56
N PRO D 85 27.24 10.08 -5.28
CA PRO D 85 26.92 8.78 -5.88
C PRO D 85 26.72 7.71 -4.80
N ILE D 86 25.47 7.32 -4.56
CA ILE D 86 25.16 6.31 -3.54
C ILE D 86 25.03 4.90 -4.14
N ASP D 87 25.04 4.80 -5.46
CA ASP D 87 25.05 3.50 -6.14
C ASP D 87 25.63 3.54 -7.54
N VAL D 88 26.81 2.93 -7.70
CA VAL D 88 27.45 2.84 -9.00
C VAL D 88 27.45 1.39 -9.48
N ARG D 89 26.97 1.17 -10.71
CA ARG D 89 26.84 -0.19 -11.22
C ARG D 89 27.00 -0.22 -12.74
N PHE D 90 27.71 -1.24 -13.22
CA PHE D 90 27.88 -1.46 -14.64
C PHE D 90 26.93 -2.55 -15.13
N THR D 91 25.97 -2.16 -15.96
CA THR D 91 25.06 -3.12 -16.56
C THR D 91 25.85 -4.05 -17.48
N GLY D 92 26.39 -3.48 -18.54
CA GLY D 92 27.27 -4.20 -19.44
C GLY D 92 28.63 -3.54 -19.45
N PRO D 93 29.52 -3.99 -20.34
CA PRO D 93 30.85 -3.37 -20.43
C PRO D 93 30.80 -2.00 -21.11
N ASP D 94 29.67 -1.69 -21.74
CA ASP D 94 29.51 -0.43 -22.46
C ASP D 94 28.40 0.43 -21.88
N THR D 95 27.84 0.01 -20.75
CA THR D 95 26.76 0.77 -20.13
C THR D 95 26.77 0.67 -18.60
N ALA D 96 26.51 1.80 -17.94
CA ALA D 96 26.47 1.85 -16.49
C ALA D 96 25.28 2.65 -15.98
N ILE D 97 24.78 2.27 -14.82
CA ILE D 97 23.69 2.99 -14.18
C ILE D 97 24.17 3.59 -12.86
N LEU D 98 23.63 4.75 -12.52
CA LEU D 98 24.21 5.62 -11.51
C LEU D 98 23.15 6.40 -10.76
N ILE D 99 23.03 6.14 -9.45
CA ILE D 99 22.06 6.84 -8.62
C ILE D 99 22.75 7.81 -7.67
N THR D 100 22.38 9.08 -7.75
CA THR D 100 22.97 10.11 -6.90
C THR D 100 21.93 10.75 -6.00
N GLN D 101 22.40 11.44 -4.97
CA GLN D 101 21.52 12.15 -4.06
C GLN D 101 22.12 13.50 -3.71
N GLY D 102 21.26 14.52 -3.66
CA GLY D 102 21.70 15.87 -3.37
C GLY D 102 20.65 16.88 -3.81
N GLY D 103 21.08 17.94 -4.48
CA GLY D 103 20.15 18.94 -4.98
C GLY D 103 20.78 20.28 -5.28
N VAL D 104 19.94 21.23 -5.68
CA VAL D 104 20.38 22.57 -6.05
C VAL D 104 20.52 23.45 -4.82
N MSE D 105 21.55 24.29 -4.80
CA MSE D 105 21.75 25.24 -3.72
C MSE D 105 21.60 26.69 -4.18
O MSE D 105 22.05 27.04 -5.27
CB MSE D 105 23.13 25.06 -3.08
CG MSE D 105 23.25 23.84 -2.18
SE MSE D 105 25.09 23.59 -1.60
CE MSE D 105 25.91 23.60 -3.37
N ALA D 106 20.96 27.50 -3.35
CA ALA D 106 20.79 28.93 -3.63
C ALA D 106 22.14 29.64 -3.56
N PRO D 107 22.22 30.90 -4.01
CA PRO D 107 23.49 31.61 -3.91
C PRO D 107 24.00 31.76 -2.48
N GLY D 108 25.27 31.42 -2.26
CA GLY D 108 25.93 31.66 -0.99
C GLY D 108 25.58 30.73 0.14
N GLU D 109 24.80 29.69 -0.13
CA GLU D 109 24.46 28.70 0.90
C GLU D 109 25.23 27.40 0.67
N HIS D 110 25.52 26.69 1.75
CA HIS D 110 26.45 25.56 1.69
C HIS D 110 25.83 24.24 2.13
N SER D 111 24.51 24.15 2.07
CA SER D 111 23.81 22.90 2.35
C SER D 111 22.51 22.85 1.57
N VAL D 112 22.25 21.72 0.92
CA VAL D 112 21.02 21.54 0.17
C VAL D 112 19.85 21.41 1.12
N ALA D 113 18.91 22.36 1.03
CA ALA D 113 17.73 22.36 1.88
C ALA D 113 16.92 21.08 1.68
N PRO D 114 16.34 20.54 2.77
CA PRO D 114 15.58 19.29 2.73
C PRO D 114 14.40 19.35 1.75
N ASP D 115 13.90 20.55 1.49
CA ASP D 115 12.78 20.73 0.57
C ASP D 115 13.23 20.58 -0.89
N LYS D 116 14.53 20.69 -1.12
CA LYS D 116 15.07 20.62 -2.48
C LYS D 116 15.91 19.37 -2.73
N GLU D 117 16.03 18.52 -1.72
CA GLU D 117 16.81 17.29 -1.86
C GLU D 117 16.13 16.34 -2.85
N ILE D 118 16.93 15.80 -3.77
CA ILE D 118 16.40 14.90 -4.79
C ILE D 118 17.30 13.68 -4.99
N ARG D 119 16.72 12.61 -5.56
CA ARG D 119 17.50 11.46 -6.01
C ARG D 119 17.39 11.35 -7.52
N ALA D 120 18.51 11.01 -8.17
CA ALA D 120 18.56 11.00 -9.62
C ALA D 120 19.12 9.70 -10.17
N THR D 121 18.53 9.21 -11.26
CA THR D 121 19.06 8.05 -11.96
C THR D 121 19.84 8.50 -13.19
N TRP D 122 21.13 8.16 -13.22
CA TRP D 122 21.97 8.49 -14.36
C TRP D 122 22.23 7.25 -15.19
N VAL D 123 21.86 7.30 -16.46
CA VAL D 123 22.08 6.20 -17.38
C VAL D 123 23.23 6.54 -18.32
N LEU D 124 24.39 5.95 -18.08
CA LEU D 124 25.59 6.26 -18.87
C LEU D 124 25.81 5.25 -19.98
N GLY D 125 26.30 5.73 -21.12
CA GLY D 125 26.60 4.88 -22.25
C GLY D 125 27.98 5.16 -22.81
N LYS D 126 28.71 4.11 -23.15
CA LYS D 126 30.07 4.25 -23.67
C LYS D 126 30.11 4.12 -25.19
N ARG D 127 30.34 5.23 -25.86
CA ARG D 127 30.48 5.23 -27.32
C ARG D 127 31.75 5.95 -27.73
N ASP D 128 32.53 5.29 -28.59
CA ASP D 128 33.80 5.82 -29.10
C ASP D 128 34.79 6.15 -27.98
N GLY D 129 34.83 5.30 -26.95
CA GLY D 129 35.80 5.43 -25.88
C GLY D 129 35.47 6.49 -24.85
N ALA D 130 34.29 7.08 -24.95
CA ALA D 130 33.86 8.12 -24.01
C ALA D 130 32.47 7.83 -23.45
N TRP D 131 32.25 8.22 -22.19
CA TRP D 131 30.97 8.00 -21.55
C TRP D 131 30.04 9.19 -21.68
N LEU D 132 28.80 8.94 -22.10
CA LEU D 132 27.81 9.98 -22.29
C LEU D 132 26.49 9.59 -21.62
N VAL D 133 25.76 10.58 -21.15
CA VAL D 133 24.49 10.33 -20.47
C VAL D 133 23.38 9.98 -21.44
N GLU D 134 22.93 8.73 -21.41
CA GLU D 134 21.85 8.28 -22.27
C GLU D 134 20.49 8.75 -21.76
N ALA D 135 20.37 8.85 -20.45
CA ALA D 135 19.12 9.29 -19.83
C ALA D 135 19.31 9.81 -18.41
N TYR D 136 18.62 10.89 -18.09
CA TYR D 136 18.64 11.45 -16.74
C TYR D 136 17.20 11.59 -16.23
N HIS D 137 17.01 11.37 -14.93
CA HIS D 137 15.68 11.42 -14.35
C HIS D 137 15.81 11.57 -12.84
N ASN D 138 15.30 12.68 -12.30
CA ASN D 138 15.34 12.91 -10.86
C ASN D 138 13.96 13.12 -10.25
N SER D 139 13.89 13.01 -8.93
CA SER D 139 12.62 13.12 -8.23
C SER D 139 12.85 13.60 -6.81
N PRO D 140 11.89 14.33 -6.24
CA PRO D 140 12.02 14.87 -4.88
C PRO D 140 12.11 13.79 -3.81
N VAL D 141 12.84 14.08 -2.75
CA VAL D 141 12.90 13.22 -1.58
C VAL D 141 11.81 13.63 -0.61
N ARG D 142 11.48 14.91 -0.62
CA ARG D 142 10.40 15.44 0.22
C ARG D 142 9.14 15.70 -0.61
N VAL E 18 31.10 -1.19 33.87
CA VAL E 18 32.19 -0.73 33.01
C VAL E 18 33.00 -1.90 32.48
N THR E 19 33.00 -3.01 33.21
CA THR E 19 33.67 -4.22 32.75
C THR E 19 32.78 -4.95 31.75
N ALA E 20 31.48 -4.68 31.83
CA ALA E 20 30.51 -5.32 30.95
C ALA E 20 30.57 -4.74 29.53
N VAL E 21 31.04 -3.51 29.41
CA VAL E 21 31.16 -2.87 28.10
C VAL E 21 32.53 -3.10 27.48
N ALA E 22 33.53 -3.33 28.34
CA ALA E 22 34.87 -3.65 27.87
C ALA E 22 34.95 -5.13 27.49
N ASP E 23 33.95 -5.90 27.91
CA ASP E 23 33.88 -7.31 27.57
C ASP E 23 33.41 -7.49 26.13
N VAL E 24 32.68 -6.50 25.61
CA VAL E 24 32.19 -6.55 24.25
C VAL E 24 33.32 -6.65 23.21
N PRO E 25 34.36 -5.78 23.30
CA PRO E 25 35.50 -6.01 22.40
C PRO E 25 36.23 -7.31 22.74
N ARG E 26 36.23 -7.69 24.01
CA ARG E 26 36.83 -8.96 24.41
C ARG E 26 36.04 -10.10 23.80
N ARG E 27 34.73 -9.92 23.70
CA ARG E 27 33.85 -10.96 23.16
C ARG E 27 34.09 -11.23 21.68
N MSE E 28 34.54 -10.22 20.94
CA MSE E 28 34.86 -10.44 19.54
C MSE E 28 36.26 -11.00 19.30
O MSE E 28 36.45 -11.74 18.34
CB MSE E 28 34.61 -9.19 18.68
CG MSE E 28 35.69 -8.14 18.70
SE MSE E 28 35.67 -7.14 17.01
CE MSE E 28 37.47 -7.53 16.43
N MSE E 29 37.23 -10.67 20.14
CA MSE E 29 38.58 -11.18 19.95
C MSE E 29 38.60 -12.71 19.96
O MSE E 29 39.37 -13.36 19.23
CB MSE E 29 39.50 -10.67 21.05
CG MSE E 29 39.89 -9.21 20.91
SE MSE E 29 40.99 -8.60 22.39
CE MSE E 29 39.82 -7.19 23.06
N GLU E 30 37.75 -13.27 20.80
CA GLU E 30 37.56 -14.71 20.87
C GLU E 30 36.90 -15.20 19.58
N ALA E 31 35.83 -14.52 19.19
CA ALA E 31 35.05 -14.86 18.00
C ALA E 31 35.87 -14.70 16.72
N TRP E 32 36.67 -13.64 16.66
CA TRP E 32 37.53 -13.38 15.52
C TRP E 32 38.63 -14.42 15.45
N ALA E 33 39.10 -14.84 16.63
CA ALA E 33 40.15 -15.85 16.72
C ALA E 33 39.69 -17.19 16.15
N SER E 34 38.42 -17.51 16.38
CA SER E 34 37.85 -18.75 15.88
C SER E 34 37.37 -18.59 14.44
N ASN E 35 37.55 -17.38 13.90
CA ASN E 35 37.05 -17.04 12.57
C ASN E 35 35.54 -17.27 12.48
N ASP E 36 34.86 -17.01 13.60
CA ASP E 36 33.44 -17.28 13.73
C ASP E 36 32.62 -16.06 13.35
N ALA E 37 32.12 -16.04 12.12
CA ALA E 37 31.34 -14.92 11.63
C ALA E 37 29.96 -14.85 12.29
N SER E 38 29.44 -16.02 12.65
CA SER E 38 28.15 -16.10 13.30
C SER E 38 28.18 -15.48 14.70
N ALA E 39 29.22 -15.81 15.45
CA ALA E 39 29.38 -15.28 16.80
C ALA E 39 29.75 -13.79 16.76
N PHE E 40 30.49 -13.40 15.73
CA PHE E 40 30.91 -12.01 15.55
C PHE E 40 29.71 -11.12 15.32
N ALA E 41 28.77 -11.60 14.50
CA ALA E 41 27.60 -10.82 14.15
C ALA E 41 26.56 -10.74 15.27
N SER E 42 26.73 -11.54 16.31
CA SER E 42 25.78 -11.60 17.41
C SER E 42 25.96 -10.46 18.40
N LEU E 43 27.14 -9.84 18.38
CA LEU E 43 27.43 -8.75 19.30
C LEU E 43 26.71 -7.48 18.88
N PHE E 44 26.22 -7.50 17.65
CA PHE E 44 25.48 -6.38 17.08
C PHE E 44 24.01 -6.48 17.41
N ALA E 45 23.40 -5.32 17.65
CA ALA E 45 21.96 -5.22 17.80
C ALA E 45 21.29 -5.57 16.48
N PRO E 46 20.01 -5.96 16.51
CA PRO E 46 19.29 -6.37 15.29
C PRO E 46 19.44 -5.42 14.10
N ASP E 47 19.54 -4.12 14.37
CA ASP E 47 19.70 -3.14 13.30
C ASP E 47 21.05 -2.43 13.37
N GLY E 48 22.05 -3.11 13.93
CA GLY E 48 23.37 -2.53 14.09
C GLY E 48 24.09 -2.30 12.78
N THR E 49 25.00 -1.32 12.78
CA THR E 49 25.75 -0.99 11.58
C THR E 49 27.26 -1.20 11.77
N MSE E 50 27.96 -1.43 10.67
CA MSE E 50 29.40 -1.60 10.70
C MSE E 50 30.03 -0.98 9.46
O MSE E 50 29.75 -1.38 8.33
CB MSE E 50 29.79 -3.07 10.78
CG MSE E 50 31.28 -3.32 10.64
SE MSE E 50 31.73 -5.21 10.59
CE MSE E 50 30.64 -5.74 9.06
N VAL E 51 30.89 0.02 9.67
CA VAL E 51 31.56 0.68 8.57
C VAL E 51 33.08 0.53 8.67
N LEU E 52 33.68 -0.02 7.62
CA LEU E 52 35.12 -0.24 7.58
C LEU E 52 35.71 0.50 6.39
N PRO E 53 37.04 0.76 6.41
CA PRO E 53 37.71 1.34 5.25
C PRO E 53 37.49 0.49 4.00
N GLY E 54 37.39 1.13 2.84
CA GLY E 54 37.00 0.45 1.63
C GLY E 54 35.50 0.61 1.45
N ASP E 55 34.93 -0.12 0.50
CA ASP E 55 33.50 -0.02 0.26
C ASP E 55 32.73 -0.96 1.19
N VAL E 56 32.89 -0.76 2.49
CA VAL E 56 32.26 -1.62 3.48
C VAL E 56 31.26 -0.86 4.34
N PHE E 57 30.00 -1.22 4.21
CA PHE E 57 28.93 -0.67 5.04
C PHE E 57 27.83 -1.70 5.22
N GLN E 58 27.84 -2.36 6.38
CA GLN E 58 26.90 -3.44 6.63
C GLN E 58 25.90 -3.06 7.71
N LYS E 59 24.64 -3.41 7.50
CA LYS E 59 23.60 -3.15 8.48
C LYS E 59 22.79 -4.41 8.75
N GLY E 60 22.65 -4.77 10.02
CA GLY E 60 21.89 -5.94 10.41
C GLY E 60 22.78 -7.15 10.64
N VAL E 61 22.38 -8.00 11.58
CA VAL E 61 23.16 -9.18 11.94
C VAL E 61 23.35 -10.12 10.75
N ASP E 62 22.30 -10.31 9.96
CA ASP E 62 22.37 -11.14 8.76
C ASP E 62 23.42 -10.66 7.78
N GLY E 63 23.35 -9.37 7.42
CA GLY E 63 24.27 -8.80 6.46
C GLY E 63 25.71 -8.82 6.92
N ILE E 64 25.91 -8.62 8.22
CA ILE E 64 27.24 -8.63 8.82
C ILE E 64 27.80 -10.05 8.85
N ARG E 65 26.96 -11.01 9.21
CA ARG E 65 27.38 -12.42 9.22
C ARG E 65 27.75 -12.86 7.82
N GLU E 66 26.92 -12.48 6.85
CA GLU E 66 27.15 -12.85 5.45
C GLU E 66 28.45 -12.23 4.93
N PHE E 67 28.73 -11.01 5.37
CA PHE E 67 29.94 -10.32 4.96
C PHE E 67 31.17 -10.93 5.61
N MSE E 68 31.07 -11.19 6.91
CA MSE E 68 32.20 -11.71 7.68
C MSE E 68 32.52 -13.18 7.36
O MSE E 68 33.64 -13.63 7.59
CB MSE E 68 31.97 -11.50 9.17
CG MSE E 68 32.11 -10.04 9.60
SE MSE E 68 33.97 -9.45 9.58
CE MSE E 68 33.75 -7.61 9.02
N THR E 69 31.54 -13.92 6.84
CA THR E 69 31.78 -15.28 6.40
C THR E 69 32.71 -15.30 5.18
N LYS E 70 32.61 -14.26 4.35
CA LYS E 70 33.48 -14.13 3.20
C LYS E 70 34.88 -13.72 3.62
N CYS E 71 34.96 -12.82 4.60
CA CYS E 71 36.24 -12.34 5.11
C CYS E 71 37.03 -13.45 5.80
N TYR E 72 36.36 -14.19 6.69
CA TYR E 72 37.00 -15.27 7.42
C TYR E 72 37.40 -16.43 6.52
N ALA E 73 36.78 -16.50 5.33
CA ALA E 73 37.16 -17.49 4.33
C ALA E 73 38.17 -16.88 3.38
N GLY E 74 38.23 -15.55 3.36
CA GLY E 74 39.12 -14.83 2.46
C GLY E 74 40.34 -14.24 3.13
N PRO E 75 40.47 -12.91 3.09
CA PRO E 75 41.66 -12.19 3.56
C PRO E 75 41.87 -12.25 5.07
N TYR E 76 40.82 -12.52 5.84
CA TYR E 76 40.93 -12.56 7.29
C TYR E 76 41.08 -13.98 7.83
N LYS E 77 41.28 -14.94 6.93
CA LYS E 77 41.39 -16.34 7.31
C LYS E 77 42.66 -16.61 8.11
N GLY E 78 42.50 -17.15 9.31
CA GLY E 78 43.63 -17.50 10.15
C GLY E 78 44.22 -16.35 10.93
N THR E 79 43.63 -15.16 10.76
CA THR E 79 44.10 -13.97 11.46
C THR E 79 43.54 -13.91 12.87
N SER E 80 44.03 -12.95 13.65
CA SER E 80 43.50 -12.68 14.98
C SER E 80 43.50 -11.18 15.22
N VAL E 81 42.84 -10.75 16.30
CA VAL E 81 42.70 -9.33 16.59
C VAL E 81 42.94 -9.05 18.07
N PHE E 82 43.32 -7.82 18.40
CA PHE E 82 43.47 -7.39 19.78
C PHE E 82 43.31 -5.87 19.87
N GLY E 83 42.77 -5.41 20.99
CA GLY E 83 42.59 -3.98 21.20
C GLY E 83 42.22 -3.65 22.63
N VAL E 84 42.56 -2.44 23.06
CA VAL E 84 42.21 -1.97 24.39
C VAL E 84 41.35 -0.72 24.30
N PRO E 85 40.41 -0.56 25.23
CA PRO E 85 39.62 0.67 25.32
C PRO E 85 40.48 1.83 25.81
N ILE E 86 40.78 2.77 24.92
CA ILE E 86 41.57 3.93 25.32
C ILE E 86 40.66 5.05 25.80
N ASP E 87 39.36 4.82 25.73
CA ASP E 87 38.36 5.72 26.27
C ASP E 87 36.99 5.07 26.41
N VAL E 88 36.53 4.91 27.64
CA VAL E 88 35.21 4.35 27.93
C VAL E 88 34.30 5.41 28.51
N ARG E 89 33.13 5.58 27.89
CA ARG E 89 32.19 6.62 28.32
C ARG E 89 30.73 6.17 28.24
N PHE E 90 29.98 6.43 29.31
CA PHE E 90 28.54 6.17 29.31
C PHE E 90 27.79 7.48 29.10
N THR E 91 26.95 7.51 28.07
CA THR E 91 26.13 8.69 27.79
C THR E 91 24.80 8.58 28.51
N GLY E 92 24.43 7.37 28.87
CA GLY E 92 23.18 7.12 29.58
C GLY E 92 23.24 5.81 30.35
N PRO E 93 22.14 5.47 31.04
CA PRO E 93 22.09 4.24 31.83
C PRO E 93 22.14 2.99 30.95
N ASP E 94 21.75 3.14 29.68
CA ASP E 94 21.70 2.01 28.76
C ASP E 94 22.40 2.31 27.44
N THR E 95 23.30 3.30 27.46
CA THR E 95 24.04 3.68 26.26
C THR E 95 25.48 4.07 26.60
N ALA E 96 26.43 3.39 25.97
CA ALA E 96 27.85 3.69 26.17
C ALA E 96 28.59 3.78 24.84
N ILE E 97 29.74 4.45 24.86
CA ILE E 97 30.58 4.58 23.67
C ILE E 97 32.04 4.25 23.99
N LEU E 98 32.65 3.44 23.14
CA LEU E 98 34.04 3.03 23.34
C LEU E 98 34.93 3.49 22.19
N ILE E 99 36.18 3.76 22.51
CA ILE E 99 37.19 4.00 21.49
C ILE E 99 38.34 3.04 21.74
N THR E 100 38.46 2.04 20.88
CA THR E 100 39.49 1.02 21.02
C THR E 100 40.64 1.27 20.05
N GLN E 101 41.80 0.72 20.39
CA GLN E 101 42.96 0.80 19.52
C GLN E 101 43.69 -0.53 19.49
N GLY E 102 44.01 -0.99 18.29
CA GLY E 102 44.68 -2.26 18.10
C GLY E 102 44.77 -2.57 16.63
N GLY E 103 44.43 -3.80 16.25
CA GLY E 103 44.42 -4.16 14.84
C GLY E 103 44.42 -5.65 14.57
N VAL E 104 44.45 -5.99 13.30
CA VAL E 104 44.41 -7.39 12.86
C VAL E 104 45.81 -7.94 12.71
N MSE E 105 46.06 -9.09 13.35
CA MSE E 105 47.35 -9.76 13.24
C MSE E 105 47.31 -10.86 12.21
O MSE E 105 46.42 -11.72 12.22
CB MSE E 105 47.77 -10.32 14.60
CG MSE E 105 48.22 -9.27 15.59
SE MSE E 105 48.72 -10.07 17.29
CE MSE E 105 46.93 -10.52 17.94
N ALA E 106 48.29 -10.85 11.30
CA ALA E 106 48.42 -11.87 10.28
C ALA E 106 48.66 -13.24 10.92
N PRO E 107 48.37 -14.33 10.19
CA PRO E 107 48.65 -15.68 10.70
C PRO E 107 50.11 -15.86 11.07
N GLY E 108 50.36 -16.30 12.30
CA GLY E 108 51.71 -16.56 12.76
C GLY E 108 52.47 -15.31 13.13
N GLU E 109 51.76 -14.19 13.17
CA GLU E 109 52.35 -12.92 13.59
C GLU E 109 51.90 -12.63 15.01
N HIS E 110 52.81 -12.10 15.83
CA HIS E 110 52.54 -11.94 17.25
C HIS E 110 52.46 -10.49 17.70
N SER E 111 52.33 -9.58 16.75
CA SER E 111 52.13 -8.17 17.04
C SER E 111 51.41 -7.49 15.89
N VAL E 112 50.69 -6.41 16.19
CA VAL E 112 50.02 -5.64 15.15
C VAL E 112 51.00 -4.76 14.40
N ALA E 113 51.08 -4.95 13.09
CA ALA E 113 51.95 -4.15 12.24
C ALA E 113 51.50 -2.69 12.28
N PRO E 114 52.47 -1.75 12.23
CA PRO E 114 52.18 -0.32 12.31
C PRO E 114 51.18 0.15 11.23
N ASP E 115 51.28 -0.42 10.04
CA ASP E 115 50.38 -0.03 8.95
C ASP E 115 49.04 -0.75 9.03
N LYS E 116 48.90 -1.65 9.99
CA LYS E 116 47.64 -2.37 10.17
C LYS E 116 46.93 -1.95 11.45
N GLU E 117 47.58 -1.06 12.22
CA GLU E 117 46.99 -0.56 13.46
C GLU E 117 45.81 0.34 13.16
N ILE E 118 44.73 0.18 13.94
CA ILE E 118 43.50 0.92 13.71
C ILE E 118 42.94 1.51 15.01
N ARG E 119 41.91 2.33 14.86
CA ARG E 119 41.14 2.82 16.00
C ARG E 119 39.66 2.71 15.69
N ALA E 120 38.90 2.13 16.61
CA ALA E 120 37.49 1.85 16.37
C ALA E 120 36.57 2.56 17.34
N THR E 121 35.46 3.08 16.82
CA THR E 121 34.41 3.65 17.66
C THR E 121 33.34 2.59 17.90
N TRP E 122 33.11 2.27 19.16
CA TRP E 122 32.09 1.30 19.52
C TRP E 122 30.88 2.00 20.14
N VAL E 123 29.70 1.72 19.60
CA VAL E 123 28.48 2.28 20.15
C VAL E 123 27.62 1.15 20.73
N LEU E 124 27.61 1.05 22.05
CA LEU E 124 26.94 -0.07 22.71
C LEU E 124 25.56 0.32 23.25
N GLY E 125 24.63 -0.63 23.20
CA GLY E 125 23.28 -0.41 23.71
C GLY E 125 22.85 -1.54 24.63
N LYS E 126 22.49 -1.19 25.86
CA LYS E 126 22.09 -2.18 26.85
C LYS E 126 20.63 -2.57 26.73
N ARG E 127 20.38 -3.83 26.35
CA ARG E 127 19.03 -4.36 26.24
C ARG E 127 18.91 -5.65 27.05
N ASP E 128 17.98 -5.66 28.00
CA ASP E 128 17.75 -6.82 28.86
C ASP E 128 18.99 -7.21 29.67
N GLY E 129 19.66 -6.22 30.25
CA GLY E 129 20.81 -6.45 31.11
C GLY E 129 22.09 -6.83 30.38
N ALA E 130 22.04 -6.86 29.05
CA ALA E 130 23.20 -7.24 28.25
C ALA E 130 23.54 -6.16 27.22
N TRP E 131 24.79 -6.12 26.80
CA TRP E 131 25.25 -5.10 25.87
C TRP E 131 25.40 -5.60 24.44
N LEU E 132 24.88 -4.83 23.49
CA LEU E 132 25.04 -5.13 22.07
C LEU E 132 25.57 -3.94 21.30
N VAL E 133 26.30 -4.21 20.22
CA VAL E 133 26.89 -3.15 19.40
C VAL E 133 25.85 -2.54 18.48
N GLU E 134 25.52 -1.27 18.73
CA GLU E 134 24.58 -0.56 17.88
C GLU E 134 25.28 -0.05 16.62
N ALA E 135 26.56 0.23 16.73
CA ALA E 135 27.34 0.72 15.59
C ALA E 135 28.83 0.52 15.80
N TYR E 136 29.52 0.11 14.73
CA TYR E 136 30.97 -0.04 14.76
C TYR E 136 31.58 0.72 13.60
N HIS E 137 32.78 1.24 13.80
CA HIS E 137 33.47 2.00 12.77
C HIS E 137 34.94 2.15 13.13
N ASN E 138 35.82 1.59 12.30
CA ASN E 138 37.26 1.77 12.51
C ASN E 138 37.96 2.45 11.34
N SER E 139 39.15 2.97 11.60
CA SER E 139 39.94 3.66 10.60
C SER E 139 41.43 3.43 10.85
N PRO E 140 42.24 3.53 9.78
CA PRO E 140 43.69 3.33 9.93
C PRO E 140 44.35 4.43 10.78
N VAL E 141 45.48 4.11 11.38
CA VAL E 141 46.25 5.09 12.14
C VAL E 141 47.36 5.67 11.28
N ARG E 142 47.84 4.88 10.32
CA ARG E 142 48.86 5.34 9.38
C ARG E 142 48.26 5.53 7.99
N LEU E 143 48.19 6.77 7.55
CA LEU E 143 47.61 7.09 6.25
C LEU E 143 48.59 6.78 5.12
N ASP F 15 8.19 13.59 14.11
CA ASP F 15 8.85 13.95 12.87
C ASP F 15 9.61 15.27 12.99
N ARG F 16 9.71 15.77 14.23
CA ARG F 16 10.48 16.98 14.49
C ARG F 16 11.92 16.62 14.81
N ASP F 17 12.10 15.55 15.57
CA ASP F 17 13.43 15.05 15.89
C ASP F 17 14.09 14.41 14.68
N VAL F 18 13.28 13.96 13.72
CA VAL F 18 13.81 13.35 12.51
C VAL F 18 14.57 14.38 11.67
N THR F 19 13.95 15.55 11.48
CA THR F 19 14.57 16.61 10.73
C THR F 19 15.68 17.28 11.53
N ALA F 20 15.49 17.36 12.84
CA ALA F 20 16.48 17.96 13.74
C ALA F 20 17.76 17.15 13.77
N VAL F 21 17.62 15.83 13.66
CA VAL F 21 18.77 14.92 13.63
C VAL F 21 19.52 15.05 12.31
N ALA F 22 18.76 15.14 11.22
CA ALA F 22 19.33 15.27 9.89
C ALA F 22 19.84 16.68 9.63
N ASP F 23 19.53 17.61 10.53
CA ASP F 23 19.98 18.99 10.40
C ASP F 23 21.39 19.16 10.96
N VAL F 24 21.77 18.27 11.87
CA VAL F 24 23.11 18.30 12.47
C VAL F 24 24.25 18.20 11.43
N PRO F 25 24.19 17.23 10.50
CA PRO F 25 25.28 17.21 9.51
C PRO F 25 25.21 18.41 8.56
N ARG F 26 24.02 18.96 8.37
CA ARG F 26 23.85 20.11 7.49
C ARG F 26 24.52 21.38 8.00
N ARG F 27 24.70 21.48 9.32
CA ARG F 27 25.30 22.68 9.89
C ARG F 27 26.73 22.47 10.40
N MSE F 28 27.30 21.31 10.08
CA MSE F 28 28.75 21.18 10.06
C MSE F 28 29.18 21.69 8.69
O MSE F 28 30.17 22.41 8.56
CB MSE F 28 29.19 19.72 10.22
CG MSE F 28 30.59 19.48 9.68
SE MSE F 28 31.15 17.62 9.75
CE MSE F 28 32.09 17.49 8.04
N MSE F 29 28.41 21.30 7.69
CA MSE F 29 28.60 21.74 6.32
C MSE F 29 28.70 23.26 6.25
O MSE F 29 29.56 23.80 5.55
CB MSE F 29 27.42 21.29 5.45
CG MSE F 29 27.76 20.25 4.42
SE MSE F 29 26.15 19.55 3.57
CE MSE F 29 25.66 18.21 4.90
N GLU F 30 27.83 23.94 6.99
CA GLU F 30 27.83 25.39 7.03
C GLU F 30 29.01 25.92 7.84
N ALA F 31 29.26 25.29 8.98
CA ALA F 31 30.35 25.71 9.87
C ALA F 31 31.72 25.46 9.23
N TRP F 32 31.78 24.46 8.36
CA TRP F 32 33.01 24.11 7.66
C TRP F 32 33.33 25.14 6.59
N ALA F 33 32.29 25.60 5.90
CA ALA F 33 32.43 26.53 4.79
C ALA F 33 33.11 27.83 5.18
N SER F 34 32.87 28.26 6.41
CA SER F 34 33.50 29.49 6.92
C SER F 34 34.79 29.16 7.68
N ASN F 35 35.18 27.88 7.65
CA ASN F 35 36.35 27.38 8.36
C ASN F 35 36.37 27.78 9.84
N ASP F 36 35.19 27.76 10.46
CA ASP F 36 35.08 28.12 11.87
C ASP F 36 35.30 26.89 12.73
N ALA F 37 36.51 26.78 13.30
CA ALA F 37 36.83 25.67 14.18
C ALA F 37 36.02 25.74 15.47
N SER F 38 35.63 26.94 15.86
CA SER F 38 34.84 27.15 17.07
C SER F 38 33.41 26.63 16.89
N ALA F 39 32.80 26.97 15.75
CA ALA F 39 31.44 26.53 15.45
C ALA F 39 31.41 25.02 15.20
N PHE F 40 32.48 24.49 14.64
CA PHE F 40 32.59 23.07 14.36
C PHE F 40 32.69 22.26 15.65
N ALA F 41 33.30 22.86 16.67
CA ALA F 41 33.52 22.18 17.94
C ALA F 41 32.28 22.24 18.83
N SER F 42 31.49 23.30 18.69
CA SER F 42 30.28 23.48 19.49
C SER F 42 29.17 22.52 19.07
N LEU F 43 29.41 21.80 17.98
CA LEU F 43 28.47 20.79 17.50
C LEU F 43 28.56 19.53 18.35
N PHE F 44 29.69 19.36 19.02
CA PHE F 44 29.97 18.15 19.78
C PHE F 44 29.48 18.25 21.22
N ALA F 45 29.16 17.09 21.79
CA ALA F 45 28.82 16.97 23.20
C ALA F 45 30.03 17.38 24.04
N PRO F 46 29.81 17.76 25.33
CA PRO F 46 30.90 18.20 26.20
C PRO F 46 32.12 17.27 26.21
N ASP F 47 31.88 15.97 26.10
CA ASP F 47 32.98 15.00 26.07
C ASP F 47 32.94 14.17 24.79
N GLY F 48 32.57 14.81 23.69
CA GLY F 48 32.46 14.14 22.40
C GLY F 48 33.77 13.59 21.87
N THR F 49 33.68 12.80 20.81
CA THR F 49 34.84 12.09 20.28
C THR F 49 34.91 12.16 18.75
N MSE F 50 36.10 12.47 18.23
CA MSE F 50 36.33 12.50 16.80
C MSE F 50 37.50 11.61 16.42
O MSE F 50 38.60 11.73 16.97
CB MSE F 50 36.60 13.94 16.35
CG MSE F 50 36.65 14.14 14.85
SE MSE F 50 36.99 16.00 14.33
CE MSE F 50 36.65 15.86 12.42
N VAL F 51 37.27 10.69 15.48
CA VAL F 51 38.34 9.82 14.99
C VAL F 51 38.42 9.84 13.48
N LEU F 52 39.58 10.22 12.96
CA LEU F 52 39.80 10.32 11.52
C LEU F 52 40.94 9.41 11.08
N PRO F 53 40.98 9.04 9.79
CA PRO F 53 42.12 8.30 9.25
C PRO F 53 43.42 9.05 9.48
N GLY F 54 44.43 8.34 9.98
CA GLY F 54 45.65 8.97 10.44
C GLY F 54 45.70 8.87 11.96
N ASP F 55 46.70 9.48 12.57
CA ASP F 55 46.83 9.44 14.02
C ASP F 55 45.96 10.51 14.66
N VAL F 56 44.67 10.51 14.33
CA VAL F 56 43.76 11.53 14.83
C VAL F 56 42.73 10.95 15.78
N PHE F 57 42.70 11.50 16.99
CA PHE F 57 41.71 11.14 17.99
C PHE F 57 41.57 12.26 19.02
N GLN F 58 40.52 13.06 18.86
CA GLN F 58 40.26 14.19 19.75
C GLN F 58 39.07 13.91 20.64
N LYS F 59 39.16 14.37 21.88
CA LYS F 59 38.07 14.20 22.83
C LYS F 59 37.82 15.50 23.59
N GLY F 60 36.55 15.87 23.72
CA GLY F 60 36.18 17.12 24.38
C GLY F 60 36.11 18.25 23.38
N VAL F 61 35.23 19.21 23.63
CA VAL F 61 35.02 20.34 22.74
C VAL F 61 36.30 21.15 22.54
N ASP F 62 37.00 21.42 23.63
CA ASP F 62 38.24 22.22 23.58
C ASP F 62 39.35 21.49 22.84
N GLY F 63 39.31 20.17 22.82
CA GLY F 63 40.31 19.37 22.15
C GLY F 63 40.06 19.24 20.66
N ILE F 64 38.80 19.45 20.26
CA ILE F 64 38.43 19.36 18.86
C ILE F 64 38.63 20.70 18.16
N ARG F 65 38.29 21.79 18.86
CA ARG F 65 38.49 23.14 18.35
C ARG F 65 39.97 23.40 18.06
N GLU F 66 40.82 23.05 19.02
CA GLU F 66 42.26 23.27 18.90
C GLU F 66 42.87 22.48 17.74
N PHE F 67 42.27 21.34 17.43
CA PHE F 67 42.80 20.48 16.37
C PHE F 67 42.35 20.97 14.99
N MSE F 68 41.15 21.54 14.92
CA MSE F 68 40.56 21.94 13.64
C MSE F 68 41.03 23.30 13.16
O MSE F 68 41.05 23.56 11.94
CB MSE F 68 39.04 21.87 13.71
CG MSE F 68 38.50 20.44 13.78
SE MSE F 68 38.43 19.54 12.05
CE MSE F 68 40.29 19.03 11.80
N THR F 69 41.39 24.18 14.08
CA THR F 69 41.93 25.48 13.73
C THR F 69 43.32 25.30 13.11
N LYS F 70 43.95 24.17 13.39
CA LYS F 70 45.25 23.84 12.86
C LYS F 70 45.15 23.31 11.43
N CYS F 71 44.10 22.51 11.19
CA CYS F 71 43.86 21.97 9.86
C CYS F 71 43.27 23.02 8.92
N TYR F 72 42.47 23.94 9.48
CA TYR F 72 41.86 25.00 8.69
C TYR F 72 42.91 25.99 8.18
N ALA F 73 43.96 26.18 8.96
CA ALA F 73 45.07 27.04 8.53
C ALA F 73 46.06 26.25 7.71
N GLY F 74 45.83 24.94 7.61
CA GLY F 74 46.71 24.06 6.87
C GLY F 74 46.05 23.41 5.68
N PRO F 75 45.86 22.08 5.75
CA PRO F 75 45.32 21.27 4.65
C PRO F 75 43.85 21.52 4.33
N TYR F 76 43.11 22.11 5.28
CA TYR F 76 41.68 22.35 5.07
C TYR F 76 41.35 23.81 4.80
N LYS F 77 42.32 24.55 4.26
CA LYS F 77 42.09 25.97 3.97
C LYS F 77 41.23 26.15 2.73
N GLY F 78 40.19 26.98 2.85
CA GLY F 78 39.28 27.26 1.75
C GLY F 78 38.54 26.02 1.30
N THR F 79 38.30 25.12 2.24
CA THR F 79 37.74 23.80 1.96
C THR F 79 36.26 23.75 2.27
N SER F 80 35.51 23.01 1.47
CA SER F 80 34.08 22.79 1.71
C SER F 80 33.79 21.30 1.79
N VAL F 81 32.73 20.94 2.49
CA VAL F 81 32.31 19.54 2.56
C VAL F 81 30.84 19.37 2.21
N PHE F 82 30.48 18.15 1.82
CA PHE F 82 29.10 17.82 1.52
C PHE F 82 28.86 16.34 1.73
N GLY F 83 27.65 16.00 2.17
CA GLY F 83 27.32 14.61 2.42
C GLY F 83 25.82 14.39 2.55
N VAL F 84 25.40 13.14 2.36
CA VAL F 84 24.00 12.76 2.49
C VAL F 84 23.89 11.57 3.43
N PRO F 85 22.78 11.50 4.18
CA PRO F 85 22.53 10.35 5.04
C PRO F 85 22.19 9.12 4.22
N ILE F 86 22.80 7.99 4.53
CA ILE F 86 22.45 6.73 3.87
C ILE F 86 21.79 5.78 4.86
N ASP F 87 21.78 6.16 6.13
CA ASP F 87 21.05 5.44 7.17
C ASP F 87 20.86 6.28 8.41
N VAL F 88 19.60 6.52 8.76
CA VAL F 88 19.25 7.27 9.96
C VAL F 88 18.33 6.43 10.83
N ARG F 89 18.67 6.28 12.11
CA ARG F 89 17.84 5.51 13.03
C ARG F 89 17.95 6.00 14.46
N PHE F 90 16.87 5.87 15.21
CA PHE F 90 16.85 6.22 16.62
C PHE F 90 16.89 4.95 17.46
N THR F 91 17.92 4.82 18.30
CA THR F 91 18.03 3.66 19.17
C THR F 91 17.22 3.88 20.44
N GLY F 92 17.19 5.13 20.90
CA GLY F 92 16.38 5.51 22.04
C GLY F 92 15.73 6.86 21.78
N PRO F 93 15.01 7.40 22.77
CA PRO F 93 14.38 8.71 22.60
C PRO F 93 15.41 9.84 22.61
N ASP F 94 16.58 9.58 23.17
CA ASP F 94 17.63 10.60 23.26
C ASP F 94 18.90 10.19 22.52
N THR F 95 18.84 9.08 21.80
CA THR F 95 20.00 8.62 21.03
C THR F 95 19.63 8.29 19.60
N ALA F 96 20.36 8.87 18.65
CA ALA F 96 20.18 8.59 17.24
C ALA F 96 21.51 8.32 16.57
N ILE F 97 21.56 7.25 15.78
CA ILE F 97 22.77 6.89 15.05
C ILE F 97 22.63 7.22 13.57
N LEU F 98 23.67 7.79 12.99
CA LEU F 98 23.56 8.40 11.67
C LEU F 98 24.78 8.09 10.81
N ILE F 99 24.53 7.53 9.63
CA ILE F 99 25.60 7.18 8.69
C ILE F 99 25.50 8.07 7.46
N THR F 100 26.55 8.84 7.21
CA THR F 100 26.57 9.71 6.04
C THR F 100 27.62 9.28 5.02
N GLN F 101 27.47 9.77 3.80
CA GLN F 101 28.43 9.51 2.73
C GLN F 101 28.70 10.80 1.97
N GLY F 102 29.97 11.13 1.81
CA GLY F 102 30.36 12.36 1.14
C GLY F 102 31.86 12.54 1.19
N GLY F 103 32.31 13.75 1.54
CA GLY F 103 33.74 13.98 1.67
C GLY F 103 34.18 15.43 1.69
N VAL F 104 35.46 15.63 1.38
CA VAL F 104 36.09 16.94 1.43
C VAL F 104 36.34 17.49 0.03
N MSE F 105 35.94 18.74 -0.19
CA MSE F 105 36.12 19.40 -1.48
C MSE F 105 37.22 20.45 -1.46
O MSE F 105 37.21 21.36 -0.63
CB MSE F 105 34.81 20.01 -1.97
CG MSE F 105 33.77 18.99 -2.41
SE MSE F 105 32.05 19.79 -2.78
CE MSE F 105 31.64 20.45 -0.99
N ALA F 106 38.16 20.32 -2.39
CA ALA F 106 39.28 21.25 -2.52
C ALA F 106 38.80 22.63 -2.97
N PRO F 107 39.55 23.69 -2.61
CA PRO F 107 39.17 25.05 -3.00
C PRO F 107 39.19 25.25 -4.51
N GLY F 108 38.05 25.02 -5.15
CA GLY F 108 37.96 25.13 -6.60
C GLY F 108 37.19 23.96 -7.19
N GLU F 109 37.22 22.82 -6.52
CA GLU F 109 36.46 21.66 -6.96
C GLU F 109 35.03 21.77 -6.46
N HIS F 110 34.08 21.31 -7.27
CA HIS F 110 32.67 21.39 -6.91
C HIS F 110 32.09 20.06 -6.45
N SER F 111 32.79 18.97 -6.77
CA SER F 111 32.38 17.64 -6.33
C SER F 111 33.49 16.98 -5.53
N VAL F 112 33.11 16.03 -4.68
CA VAL F 112 34.08 15.26 -3.91
C VAL F 112 34.73 14.21 -4.81
N ALA F 113 36.07 14.21 -4.84
CA ALA F 113 36.80 13.21 -5.63
C ALA F 113 36.57 11.83 -5.04
N PRO F 114 36.45 10.81 -5.92
CA PRO F 114 36.23 9.42 -5.50
C PRO F 114 37.33 8.93 -4.56
N ASP F 115 38.51 9.50 -4.66
CA ASP F 115 39.63 9.13 -3.81
C ASP F 115 39.46 9.69 -2.39
N LYS F 116 38.78 10.83 -2.30
CA LYS F 116 38.59 11.49 -1.01
C LYS F 116 37.21 11.22 -0.40
N GLU F 117 36.38 10.47 -1.13
CA GLU F 117 35.04 10.15 -0.64
C GLU F 117 35.09 9.27 0.60
N ILE F 118 34.32 9.65 1.62
CA ILE F 118 34.33 8.94 2.89
C ILE F 118 32.94 8.54 3.35
N ARG F 119 32.88 7.66 4.34
CA ARG F 119 31.64 7.34 5.03
C ARG F 119 31.82 7.59 6.52
N ALA F 120 30.90 8.36 7.10
CA ALA F 120 31.02 8.76 8.49
C ALA F 120 29.90 8.21 9.37
N THR F 121 30.26 7.84 10.58
CA THR F 121 29.28 7.44 11.59
C THR F 121 29.08 8.58 12.58
N TRP F 122 27.84 9.03 12.71
CA TRP F 122 27.50 10.08 13.65
C TRP F 122 26.69 9.50 14.80
N VAL F 123 27.17 9.68 16.02
CA VAL F 123 26.42 9.28 17.20
C VAL F 123 25.86 10.53 17.87
N LEU F 124 24.53 10.62 17.91
CA LEU F 124 23.88 11.83 18.39
C LEU F 124 23.17 11.62 19.73
N GLY F 125 23.29 12.63 20.60
CA GLY F 125 22.60 12.62 21.88
C GLY F 125 21.70 13.84 22.03
N LYS F 126 20.54 13.64 22.64
CA LYS F 126 19.57 14.72 22.81
C LYS F 126 19.50 15.18 24.25
N ARG F 127 20.06 16.35 24.53
CA ARG F 127 20.01 16.94 25.86
C ARG F 127 19.48 18.37 25.80
N ASP F 128 18.46 18.66 26.61
CA ASP F 128 17.85 19.98 26.68
C ASP F 128 17.24 20.45 25.36
N GLY F 129 16.71 19.52 24.58
CA GLY F 129 16.02 19.85 23.35
C GLY F 129 16.90 19.89 22.12
N ALA F 130 18.21 20.05 22.33
CA ALA F 130 19.15 20.12 21.22
C ALA F 130 19.91 18.81 21.03
N TRP F 131 20.29 18.51 19.79
CA TRP F 131 21.08 17.33 19.47
C TRP F 131 22.54 17.68 19.27
N LEU F 132 23.41 17.10 20.09
CA LEU F 132 24.84 17.32 19.96
C LEU F 132 25.53 16.03 19.50
N VAL F 133 26.66 16.17 18.82
CA VAL F 133 27.40 15.01 18.33
C VAL F 133 28.18 14.34 19.45
N GLU F 134 27.69 13.18 19.89
CA GLU F 134 28.35 12.44 20.95
C GLU F 134 29.62 11.77 20.45
N ALA F 135 29.62 11.36 19.19
CA ALA F 135 30.78 10.71 18.60
C ALA F 135 30.78 10.80 17.08
N TYR F 136 31.94 11.08 16.51
CA TYR F 136 32.11 11.12 15.06
C TYR F 136 33.24 10.19 14.65
N HIS F 137 33.10 9.59 13.47
CA HIS F 137 34.13 8.70 12.95
C HIS F 137 33.90 8.44 11.47
N ASN F 138 34.92 8.69 10.66
CA ASN F 138 34.83 8.40 9.22
C ASN F 138 35.96 7.54 8.68
N SER F 139 35.82 7.10 7.44
CA SER F 139 36.81 6.23 6.80
C SER F 139 36.71 6.32 5.28
N PRO F 140 37.82 6.07 4.57
CA PRO F 140 37.86 6.11 3.11
C PRO F 140 36.92 5.10 2.46
N VAL F 141 36.26 5.49 1.37
CA VAL F 141 35.41 4.58 0.62
C VAL F 141 36.26 3.80 -0.38
N ARG F 142 37.25 4.46 -0.96
CA ARG F 142 38.19 3.78 -1.86
C ARG F 142 39.50 3.53 -1.14
N LEU F 143 40.01 2.31 -1.26
CA LEU F 143 41.17 1.88 -0.50
C LEU F 143 42.40 1.69 -1.39
N VAL G 18 -18.25 7.08 22.43
CA VAL G 18 -18.16 5.63 22.28
C VAL G 18 -17.35 5.29 21.02
N THR G 19 -17.16 6.27 20.16
CA THR G 19 -16.39 6.09 18.93
C THR G 19 -14.90 5.96 19.22
N ALA G 20 -14.47 6.44 20.39
CA ALA G 20 -13.07 6.39 20.78
C ALA G 20 -12.72 5.06 21.42
N VAL G 21 -13.74 4.35 21.90
CA VAL G 21 -13.54 3.03 22.49
C VAL G 21 -13.35 1.97 21.41
N ALA G 22 -14.18 2.03 20.37
CA ALA G 22 -14.10 1.08 19.27
C ALA G 22 -12.91 1.39 18.36
N ASP G 23 -12.38 2.60 18.48
CA ASP G 23 -11.24 3.01 17.67
C ASP G 23 -9.95 2.36 18.16
N VAL G 24 -9.91 2.01 19.44
CA VAL G 24 -8.73 1.38 20.03
C VAL G 24 -8.33 0.05 19.37
N PRO G 25 -9.29 -0.87 19.18
CA PRO G 25 -8.89 -2.07 18.43
C PRO G 25 -8.51 -1.73 16.99
N ARG G 26 -9.12 -0.68 16.44
CA ARG G 26 -8.77 -0.24 15.10
C ARG G 26 -7.38 0.39 15.09
N ARG G 27 -7.05 1.09 16.17
CA ARG G 27 -5.74 1.72 16.31
C ARG G 27 -4.63 0.67 16.42
N MSE G 28 -4.95 -0.48 17.01
CA MSE G 28 -3.98 -1.55 17.14
C MSE G 28 -3.71 -2.25 15.82
O MSE G 28 -2.57 -2.46 15.43
CB MSE G 28 -4.43 -2.59 18.16
CG MSE G 28 -3.45 -3.74 18.28
SE MSE G 28 -4.20 -5.40 18.95
CE MSE G 28 -5.36 -5.88 17.48
N MSE G 29 -4.80 -2.61 15.14
CA MSE G 29 -4.72 -3.39 13.90
C MSE G 29 -3.95 -2.64 12.81
O MSE G 29 -3.47 -3.25 11.86
CB MSE G 29 -6.11 -3.79 13.44
CG MSE G 29 -6.78 -4.75 14.41
SE MSE G 29 -8.69 -5.00 14.16
CE MSE G 29 -9.08 -5.81 15.89
N GLU G 30 -3.86 -1.32 12.95
CA GLU G 30 -3.04 -0.52 12.07
C GLU G 30 -1.57 -0.63 12.48
N ALA G 31 -1.34 -0.58 13.80
CA ALA G 31 0.01 -0.67 14.34
C ALA G 31 0.62 -2.05 14.12
N TRP G 32 -0.21 -3.08 14.23
CA TRP G 32 0.25 -4.46 14.03
C TRP G 32 0.59 -4.70 12.57
N ALA G 33 -0.23 -4.17 11.67
CA ALA G 33 -0.03 -4.34 10.24
C ALA G 33 1.28 -3.73 9.79
N SER G 34 1.64 -2.59 10.38
CA SER G 34 2.89 -1.90 10.05
C SER G 34 4.02 -2.42 10.92
N ASN G 35 3.70 -3.35 11.81
CA ASN G 35 4.67 -3.94 12.74
C ASN G 35 5.40 -2.90 13.59
N ASP G 36 4.70 -1.82 13.91
CA ASP G 36 5.26 -0.78 14.77
C ASP G 36 5.04 -1.17 16.23
N ALA G 37 6.12 -1.49 16.92
CA ALA G 37 6.05 -1.91 18.31
C ALA G 37 5.77 -0.73 19.24
N SER G 38 6.39 0.40 18.97
CA SER G 38 6.22 1.59 19.81
C SER G 38 4.83 2.18 19.68
N ALA G 39 4.16 1.91 18.57
CA ALA G 39 2.80 2.39 18.36
C ALA G 39 1.79 1.46 19.02
N PHE G 40 2.10 0.16 19.00
CA PHE G 40 1.24 -0.83 19.64
C PHE G 40 1.22 -0.65 21.15
N ALA G 41 2.38 -0.36 21.73
CA ALA G 41 2.51 -0.22 23.16
C ALA G 41 1.92 1.09 23.68
N SER G 42 1.87 2.09 22.79
CA SER G 42 1.36 3.41 23.16
C SER G 42 -0.12 3.41 23.50
N LEU G 43 -0.82 2.36 23.08
CA LEU G 43 -2.25 2.24 23.32
C LEU G 43 -2.51 1.85 24.76
N PHE G 44 -1.46 1.36 25.43
CA PHE G 44 -1.58 0.89 26.80
C PHE G 44 -1.38 2.01 27.81
N ALA G 45 -2.02 1.89 28.96
CA ALA G 45 -1.78 2.79 30.08
C ALA G 45 -0.34 2.57 30.54
N PRO G 46 0.28 3.62 31.13
CA PRO G 46 1.68 3.55 31.59
C PRO G 46 1.99 2.34 32.48
N ASP G 47 0.97 1.79 33.13
CA ASP G 47 1.14 0.60 33.95
C ASP G 47 0.29 -0.55 33.43
N GLY G 48 0.01 -0.53 32.13
CA GLY G 48 -0.83 -1.53 31.51
C GLY G 48 -0.27 -2.93 31.58
N THR G 49 -1.15 -3.92 31.45
CA THR G 49 -0.74 -5.32 31.54
C THR G 49 -1.17 -6.11 30.31
N MSE G 50 -0.31 -7.03 29.88
CA MSE G 50 -0.61 -7.88 28.74
C MSE G 50 -0.31 -9.34 29.05
O MSE G 50 0.82 -9.70 29.36
CB MSE G 50 0.19 -7.43 27.51
CG MSE G 50 -0.27 -8.09 26.23
SE MSE G 50 0.75 -7.54 24.67
CE MSE G 50 -0.43 -8.26 23.30
N VAL G 51 -1.34 -10.18 28.96
CA VAL G 51 -1.20 -11.60 29.25
C VAL G 51 -1.59 -12.44 28.05
N LEU G 52 -0.63 -13.23 27.54
CA LEU G 52 -0.84 -14.08 26.39
C LEU G 52 -0.62 -15.53 26.77
N PRO G 53 -1.21 -16.48 26.01
CA PRO G 53 -0.94 -17.89 26.25
C PRO G 53 0.56 -18.18 26.20
N GLY G 54 1.02 -19.09 27.05
CA GLY G 54 2.44 -19.30 27.24
C GLY G 54 2.92 -18.48 28.42
N ASP G 55 4.22 -18.54 28.69
CA ASP G 55 4.79 -17.79 29.80
C ASP G 55 4.99 -16.34 29.40
N VAL G 56 3.88 -15.66 29.09
CA VAL G 56 3.94 -14.27 28.66
C VAL G 56 3.10 -13.37 29.56
N PHE G 57 3.77 -12.45 30.25
CA PHE G 57 3.10 -11.47 31.09
C PHE G 57 3.93 -10.20 31.17
N GLN G 58 3.52 -9.20 30.39
CA GLN G 58 4.24 -7.93 30.33
C GLN G 58 3.48 -6.85 31.07
N LYS G 59 4.22 -5.95 31.71
CA LYS G 59 3.61 -4.84 32.44
C LYS G 59 4.36 -3.54 32.17
N GLY G 60 3.61 -2.48 31.85
CA GLY G 60 4.20 -1.21 31.51
C GLY G 60 4.47 -1.09 30.03
N VAL G 61 4.53 0.14 29.53
CA VAL G 61 4.72 0.39 28.11
C VAL G 61 6.10 -0.06 27.62
N ASP G 62 7.13 0.24 28.39
CA ASP G 62 8.50 -0.11 28.03
C ASP G 62 8.69 -1.61 27.88
N GLY G 63 8.09 -2.37 28.79
CA GLY G 63 8.17 -3.82 28.75
C GLY G 63 7.48 -4.40 27.54
N ILE G 64 6.28 -3.91 27.25
CA ILE G 64 5.48 -4.37 26.12
C ILE G 64 6.16 -4.02 24.80
N ARG G 65 6.68 -2.80 24.71
CA ARG G 65 7.33 -2.32 23.49
C ARG G 65 8.55 -3.18 23.14
N GLU G 66 9.32 -3.55 24.17
CA GLU G 66 10.49 -4.38 23.95
C GLU G 66 10.13 -5.81 23.55
N PHE G 67 9.05 -6.32 24.14
CA PHE G 67 8.57 -7.66 23.82
C PHE G 67 8.06 -7.72 22.39
N MSE G 68 7.22 -6.74 22.04
CA MSE G 68 6.63 -6.70 20.71
C MSE G 68 7.63 -6.35 19.62
O MSE G 68 7.41 -6.65 18.44
CB MSE G 68 5.46 -5.71 20.69
CG MSE G 68 4.26 -6.18 21.48
SE MSE G 68 3.41 -7.72 20.64
CE MSE G 68 2.94 -8.75 22.22
N THR G 69 8.74 -5.72 20.00
CA THR G 69 9.81 -5.46 19.04
C THR G 69 10.45 -6.78 18.62
N LYS G 70 10.59 -7.69 19.57
CA LYS G 70 11.12 -9.02 19.29
C LYS G 70 10.14 -9.84 18.46
N CYS G 71 8.85 -9.69 18.73
CA CYS G 71 7.81 -10.42 18.01
C CYS G 71 7.70 -9.95 16.56
N TYR G 72 7.73 -8.64 16.37
CA TYR G 72 7.64 -8.05 15.03
C TYR G 72 8.91 -8.30 14.22
N ALA G 73 9.99 -8.69 14.91
CA ALA G 73 11.24 -9.02 14.24
C ALA G 73 11.41 -10.54 14.17
N GLY G 74 10.51 -11.27 14.82
CA GLY G 74 10.57 -12.71 14.87
C GLY G 74 9.37 -13.39 14.23
N PRO G 75 8.50 -13.99 15.05
CA PRO G 75 7.35 -14.77 14.57
C PRO G 75 6.24 -13.91 13.98
N TYR G 76 6.01 -12.73 14.53
CA TYR G 76 4.92 -11.87 14.06
C TYR G 76 5.35 -10.94 12.91
N LYS G 77 6.56 -11.17 12.40
CA LYS G 77 7.11 -10.34 11.32
C LYS G 77 6.29 -10.47 10.03
N GLY G 78 5.79 -9.34 9.54
CA GLY G 78 5.06 -9.29 8.29
C GLY G 78 3.67 -9.89 8.37
N THR G 79 3.08 -9.82 9.55
CA THR G 79 1.73 -10.36 9.76
C THR G 79 0.74 -9.26 10.10
N SER G 80 -0.53 -9.56 9.91
CA SER G 80 -1.60 -8.65 10.31
C SER G 80 -2.56 -9.39 11.23
N VAL G 81 -3.39 -8.65 11.96
CA VAL G 81 -4.30 -9.26 12.91
C VAL G 81 -5.70 -8.66 12.80
N PHE G 82 -6.71 -9.52 12.87
CA PHE G 82 -8.09 -9.07 12.81
C PHE G 82 -8.84 -9.45 14.08
N GLY G 83 -9.99 -8.82 14.28
CA GLY G 83 -10.80 -9.08 15.46
C GLY G 83 -12.03 -8.20 15.50
N VAL G 84 -13.21 -8.82 15.61
CA VAL G 84 -14.44 -8.07 15.71
C VAL G 84 -15.01 -8.13 17.13
N PRO G 85 -15.34 -6.97 17.71
CA PRO G 85 -15.88 -6.87 19.06
C PRO G 85 -17.23 -7.57 19.18
N ILE G 86 -17.23 -8.78 19.72
CA ILE G 86 -18.47 -9.51 19.92
C ILE G 86 -19.18 -9.02 21.18
N ASP G 87 -18.50 -8.18 21.94
CA ASP G 87 -19.09 -7.56 23.12
C ASP G 87 -18.41 -6.26 23.50
N VAL G 88 -19.21 -5.19 23.62
CA VAL G 88 -18.73 -3.89 24.07
C VAL G 88 -19.68 -3.34 25.11
N ARG G 89 -19.15 -2.94 26.26
CA ARG G 89 -19.99 -2.40 27.32
C ARG G 89 -19.22 -1.43 28.23
N PHE G 90 -19.95 -0.67 29.02
CA PHE G 90 -19.35 0.30 29.93
C PHE G 90 -19.62 -0.04 31.38
N THR G 91 -18.55 -0.24 32.15
CA THR G 91 -18.67 -0.54 33.57
C THR G 91 -18.90 0.73 34.36
N GLY G 92 -18.46 1.85 33.80
CA GLY G 92 -18.61 3.15 34.43
C GLY G 92 -18.41 4.28 33.43
N PRO G 93 -18.33 5.52 33.93
CA PRO G 93 -18.17 6.70 33.07
C PRO G 93 -16.75 6.83 32.50
N ASP G 94 -15.82 6.01 32.97
CA ASP G 94 -14.42 6.14 32.53
C ASP G 94 -13.75 4.82 32.21
N THR G 95 -14.47 3.71 32.37
CA THR G 95 -13.91 2.39 32.08
C THR G 95 -14.81 1.55 31.19
N ALA G 96 -14.21 0.87 30.22
CA ALA G 96 -14.97 0.03 29.29
C ALA G 96 -14.26 -1.29 29.01
N ILE G 97 -15.04 -2.35 28.85
CA ILE G 97 -14.50 -3.68 28.60
C ILE G 97 -15.00 -4.26 27.28
N LEU G 98 -14.05 -4.71 26.45
CA LEU G 98 -14.38 -5.30 25.16
C LEU G 98 -13.96 -6.76 25.08
N ILE G 99 -14.74 -7.55 24.37
CA ILE G 99 -14.32 -8.91 24.02
C ILE G 99 -14.24 -9.05 22.50
N THR G 100 -13.04 -9.33 22.00
CA THR G 100 -12.84 -9.44 20.56
C THR G 100 -12.50 -10.88 20.16
N GLN G 101 -12.92 -11.26 18.96
CA GLN G 101 -12.62 -12.58 18.41
C GLN G 101 -11.99 -12.46 17.03
N GLY G 102 -10.82 -13.06 16.87
CA GLY G 102 -10.10 -13.01 15.62
C GLY G 102 -8.77 -13.74 15.71
N GLY G 103 -7.68 -13.03 15.47
CA GLY G 103 -6.36 -13.62 15.57
C GLY G 103 -5.40 -13.19 14.48
N VAL G 104 -4.18 -13.69 14.55
CA VAL G 104 -3.12 -13.30 13.62
C VAL G 104 -3.20 -14.07 12.31
N MSE G 105 -3.01 -13.37 11.20
CA MSE G 105 -2.96 -14.00 9.89
C MSE G 105 -1.53 -14.05 9.37
O MSE G 105 -0.81 -13.05 9.42
CB MSE G 105 -3.83 -13.25 8.88
CG MSE G 105 -5.25 -12.97 9.36
SE MSE G 105 -6.39 -12.30 7.94
CE MSE G 105 -5.15 -11.05 7.12
N ALA G 106 -1.11 -15.22 8.88
CA ALA G 106 0.20 -15.37 8.27
C ALA G 106 0.26 -14.57 6.98
N PRO G 107 1.47 -14.10 6.61
CA PRO G 107 1.64 -13.33 5.37
C PRO G 107 1.19 -14.10 4.13
N GLY G 108 0.21 -13.56 3.41
CA GLY G 108 -0.33 -14.22 2.24
C GLY G 108 -1.75 -14.70 2.49
N GLU G 109 -2.03 -15.09 3.73
CA GLU G 109 -3.36 -15.56 4.11
C GLU G 109 -4.28 -14.38 4.41
N HIS G 110 -5.52 -14.47 3.94
CA HIS G 110 -6.49 -13.41 4.18
C HIS G 110 -7.65 -13.92 5.05
N SER G 111 -7.40 -15.04 5.72
CA SER G 111 -8.36 -15.61 6.66
C SER G 111 -7.62 -16.06 7.91
N VAL G 112 -8.27 -15.96 9.06
CA VAL G 112 -7.68 -16.42 10.31
C VAL G 112 -7.91 -17.92 10.48
N ALA G 113 -6.82 -18.68 10.54
CA ALA G 113 -6.88 -20.12 10.70
C ALA G 113 -7.53 -20.48 12.03
N PRO G 114 -8.37 -21.53 12.04
CA PRO G 114 -9.11 -21.98 13.23
C PRO G 114 -8.20 -22.26 14.43
N ASP G 115 -7.01 -22.79 14.17
CA ASP G 115 -6.08 -23.12 15.25
C ASP G 115 -5.50 -21.87 15.91
N LYS G 116 -5.50 -20.75 15.19
CA LYS G 116 -4.94 -19.51 15.72
C LYS G 116 -6.01 -18.51 16.11
N GLU G 117 -7.26 -18.98 16.14
CA GLU G 117 -8.38 -18.13 16.54
C GLU G 117 -8.38 -17.92 18.05
N ILE G 118 -8.59 -16.67 18.47
CA ILE G 118 -8.53 -16.32 19.89
C ILE G 118 -9.71 -15.46 20.30
N ARG G 119 -9.93 -15.36 21.61
CA ARG G 119 -10.85 -14.38 22.17
C ARG G 119 -10.10 -13.55 23.20
N ALA G 120 -10.17 -12.24 23.06
CA ALA G 120 -9.41 -11.35 23.93
C ALA G 120 -10.32 -10.45 24.76
N THR G 121 -9.89 -10.17 25.98
CA THR G 121 -10.60 -9.22 26.83
C THR G 121 -9.83 -7.89 26.87
N TRP G 122 -10.49 -6.83 26.44
CA TRP G 122 -9.89 -5.50 26.47
C TRP G 122 -10.42 -4.72 27.65
N VAL G 123 -9.54 -4.05 28.38
CA VAL G 123 -9.95 -3.17 29.46
C VAL G 123 -9.43 -1.77 29.20
N LEU G 124 -10.34 -0.85 28.88
CA LEU G 124 -9.96 0.51 28.52
C LEU G 124 -10.19 1.49 29.67
N GLY G 125 -9.37 2.54 29.73
CA GLY G 125 -9.49 3.53 30.78
C GLY G 125 -9.35 4.95 30.27
N LYS G 126 -9.96 5.89 30.98
CA LYS G 126 -9.93 7.31 30.65
C LYS G 126 -10.46 7.60 29.24
N TRP G 131 -8.56 7.41 25.86
CA TRP G 131 -8.80 5.99 26.08
C TRP G 131 -7.53 5.16 25.87
N LEU G 132 -7.14 4.42 26.91
CA LEU G 132 -5.94 3.60 26.86
C LEU G 132 -6.20 2.18 27.36
N VAL G 133 -5.50 1.20 26.81
CA VAL G 133 -5.65 -0.18 27.22
C VAL G 133 -5.02 -0.43 28.59
N GLU G 134 -5.87 -0.57 29.61
CA GLU G 134 -5.38 -0.85 30.95
C GLU G 134 -4.95 -2.31 31.07
N ALA G 135 -5.61 -3.19 30.32
CA ALA G 135 -5.28 -4.61 30.35
C ALA G 135 -5.73 -5.34 29.08
N TYR G 136 -4.88 -6.25 28.62
CA TYR G 136 -5.21 -7.11 27.49
C TYR G 136 -4.95 -8.55 27.89
N HIS G 137 -5.77 -9.46 27.38
CA HIS G 137 -5.64 -10.88 27.72
C HIS G 137 -6.41 -11.73 26.71
N ASN G 138 -5.69 -12.51 25.91
CA ASN G 138 -6.35 -13.43 24.98
C ASN G 138 -6.09 -14.91 25.29
N SER G 139 -6.84 -15.78 24.63
CA SER G 139 -6.74 -17.22 24.83
C SER G 139 -7.30 -17.96 23.63
N PRO G 140 -6.78 -19.17 23.36
CA PRO G 140 -7.23 -19.95 22.19
C PRO G 140 -8.70 -20.34 22.27
N VAL G 141 -9.35 -20.45 21.12
CA VAL G 141 -10.73 -20.90 21.03
C VAL G 141 -10.76 -22.40 20.76
N ARG G 142 -9.65 -22.91 20.25
CA ARG G 142 -9.53 -24.34 19.99
C ARG G 142 -8.29 -24.91 20.67
N LEU G 143 -8.40 -26.14 21.17
CA LEU G 143 -7.30 -26.80 21.86
C LEU G 143 -6.92 -28.10 21.18
N VAL H 18 -8.23 -2.86 50.17
CA VAL H 18 -7.33 -3.67 49.37
C VAL H 18 -7.56 -5.17 49.60
N THR H 19 -7.67 -5.56 50.87
CA THR H 19 -7.88 -6.95 51.22
C THR H 19 -9.20 -7.48 50.65
N ALA H 20 -10.21 -6.61 50.63
CA ALA H 20 -11.52 -6.97 50.08
C ALA H 20 -11.44 -7.23 48.59
N VAL H 21 -10.53 -6.52 47.93
CA VAL H 21 -10.27 -6.74 46.51
C VAL H 21 -9.59 -8.10 46.32
N ALA H 22 -8.66 -8.42 47.22
CA ALA H 22 -7.97 -9.71 47.19
C ALA H 22 -8.81 -10.82 47.83
N ASP H 23 -9.91 -10.44 48.48
CA ASP H 23 -10.81 -11.42 49.06
C ASP H 23 -11.62 -12.11 47.98
N VAL H 24 -11.79 -11.44 46.84
CA VAL H 24 -12.56 -11.98 45.73
C VAL H 24 -11.96 -13.28 45.16
N PRO H 25 -10.64 -13.31 44.92
CA PRO H 25 -10.08 -14.62 44.54
C PRO H 25 -10.24 -15.67 45.63
N ARG H 26 -10.13 -15.25 46.89
CA ARG H 26 -10.24 -16.15 48.04
C ARG H 26 -11.63 -16.76 48.14
N ARG H 27 -12.64 -15.93 47.96
CA ARG H 27 -14.02 -16.39 48.03
C ARG H 27 -14.38 -17.36 46.91
N MSE H 28 -13.67 -17.28 45.80
CA MSE H 28 -13.88 -18.23 44.71
C MSE H 28 -13.31 -19.60 45.05
O MSE H 28 -13.95 -20.61 44.81
CB MSE H 28 -13.25 -17.72 43.41
CG MSE H 28 -12.90 -18.84 42.42
SE MSE H 28 -12.19 -18.18 40.73
CE MSE H 28 -11.03 -19.68 40.26
N MSE H 29 -12.11 -19.60 45.61
CA MSE H 29 -11.44 -20.85 45.96
C MSE H 29 -12.28 -21.66 46.95
O MSE H 29 -12.30 -22.89 46.91
CB MSE H 29 -10.08 -20.54 46.58
CG MSE H 29 -9.16 -19.70 45.69
SE MSE H 29 -7.51 -19.18 46.60
CE MSE H 29 -7.15 -17.53 45.63
N GLU H 30 -12.95 -20.94 47.82
CA GLU H 30 -13.91 -21.54 48.74
C GLU H 30 -15.15 -22.00 47.98
N ALA H 31 -15.62 -21.17 47.06
CA ALA H 31 -16.80 -21.49 46.27
C ALA H 31 -16.53 -22.66 45.32
N TRP H 32 -15.29 -22.75 44.86
CA TRP H 32 -14.88 -23.82 43.94
C TRP H 32 -14.81 -25.16 44.66
N ALA H 33 -14.18 -25.17 45.83
CA ALA H 33 -14.02 -26.39 46.62
C ALA H 33 -15.35 -26.94 47.10
N SER H 34 -16.35 -26.08 47.16
CA SER H 34 -17.70 -26.50 47.53
C SER H 34 -18.43 -27.06 46.32
N ASN H 35 -17.83 -26.87 45.14
CA ASN H 35 -18.45 -27.20 43.86
C ASN H 35 -19.81 -26.52 43.68
N ASP H 36 -20.04 -25.45 44.42
CA ASP H 36 -21.29 -24.71 44.36
C ASP H 36 -21.20 -23.64 43.28
N ALA H 37 -21.90 -23.87 42.17
CA ALA H 37 -21.85 -22.97 41.02
C ALA H 37 -22.55 -21.65 41.28
N SER H 38 -23.48 -21.64 42.23
CA SER H 38 -24.27 -20.45 42.51
C SER H 38 -23.46 -19.34 43.19
N ALA H 39 -22.67 -19.71 44.20
CA ALA H 39 -21.84 -18.74 44.90
C ALA H 39 -20.67 -18.30 44.03
N PHE H 40 -20.27 -19.17 43.10
CA PHE H 40 -19.20 -18.86 42.17
C PHE H 40 -19.61 -17.72 41.25
N ALA H 41 -20.78 -17.87 40.64
CA ALA H 41 -21.29 -16.87 39.70
C ALA H 41 -21.82 -15.65 40.44
N SER H 42 -21.99 -15.78 41.76
CA SER H 42 -22.46 -14.67 42.58
C SER H 42 -21.36 -13.61 42.75
N LEU H 43 -20.16 -13.94 42.31
CA LEU H 43 -19.02 -13.05 42.43
C LEU H 43 -18.92 -12.11 41.24
N PHE H 44 -19.70 -12.40 40.20
CA PHE H 44 -19.65 -11.62 38.97
C PHE H 44 -20.71 -10.52 38.94
N ALA H 45 -20.42 -9.45 38.19
CA ALA H 45 -21.37 -8.37 37.99
C ALA H 45 -22.57 -8.89 37.20
N PRO H 46 -23.75 -8.28 37.39
CA PRO H 46 -24.98 -8.70 36.70
C PRO H 46 -24.81 -8.82 35.19
N ASP H 47 -23.90 -8.02 34.63
CA ASP H 47 -23.58 -8.12 33.21
C ASP H 47 -22.10 -8.48 33.04
N GLY H 48 -21.56 -9.23 33.99
CA GLY H 48 -20.17 -9.63 33.96
C GLY H 48 -19.88 -10.65 32.87
N THR H 49 -18.61 -10.84 32.55
CA THR H 49 -18.22 -11.75 31.48
C THR H 49 -17.06 -12.66 31.88
N MSE H 50 -17.06 -13.87 31.34
CA MSE H 50 -16.01 -14.85 31.63
C MSE H 50 -15.52 -15.51 30.35
O MSE H 50 -16.30 -16.08 29.59
CB MSE H 50 -16.52 -15.90 32.60
CG MSE H 50 -15.49 -16.98 32.93
SE MSE H 50 -16.16 -18.33 34.16
CE MSE H 50 -17.57 -19.10 33.04
N VAL H 51 -14.21 -15.46 30.12
CA VAL H 51 -13.62 -16.07 28.93
C VAL H 51 -12.50 -17.05 29.31
N LEU H 52 -12.66 -18.30 28.92
CA LEU H 52 -11.69 -19.34 29.23
C LEU H 52 -11.14 -19.93 27.93
N PRO H 53 -9.97 -20.59 28.00
CA PRO H 53 -9.40 -21.29 26.85
C PRO H 53 -10.39 -22.27 26.24
N GLY H 54 -10.42 -22.34 24.91
CA GLY H 54 -11.42 -23.13 24.21
C GLY H 54 -12.58 -22.25 23.81
N ASP H 55 -13.67 -22.86 23.33
CA ASP H 55 -14.83 -22.11 22.93
C ASP H 55 -15.70 -21.77 24.13
N VAL H 56 -15.09 -21.18 25.14
CA VAL H 56 -15.80 -20.82 26.36
C VAL H 56 -15.91 -19.30 26.50
N PHE H 57 -17.14 -18.80 26.38
CA PHE H 57 -17.41 -17.39 26.56
C PHE H 57 -18.80 -17.19 27.12
N GLN H 58 -18.86 -16.79 28.38
CA GLN H 58 -20.13 -16.58 29.06
C GLN H 58 -20.34 -15.11 29.38
N LYS H 59 -21.61 -14.70 29.43
CA LYS H 59 -21.96 -13.34 29.79
C LYS H 59 -23.19 -13.33 30.69
N GLY H 60 -23.13 -12.58 31.78
CA GLY H 60 -24.20 -12.55 32.75
C GLY H 60 -24.05 -13.67 33.76
N VAL H 61 -24.63 -13.47 34.95
CA VAL H 61 -24.52 -14.45 36.03
C VAL H 61 -25.16 -15.79 35.66
N ASP H 62 -26.30 -15.74 34.97
CA ASP H 62 -27.03 -16.94 34.59
C ASP H 62 -26.18 -17.92 33.78
N GLY H 63 -25.62 -17.45 32.68
CA GLY H 63 -24.81 -18.28 31.82
C GLY H 63 -23.61 -18.88 32.53
N ILE H 64 -22.97 -18.09 33.37
CA ILE H 64 -21.82 -18.54 34.14
C ILE H 64 -22.20 -19.62 35.13
N ARG H 65 -23.25 -19.36 35.89
CA ARG H 65 -23.75 -20.31 36.89
C ARG H 65 -24.18 -21.62 36.23
N GLU H 66 -24.80 -21.52 35.07
CA GLU H 66 -25.29 -22.69 34.35
C GLU H 66 -24.14 -23.47 33.71
N PHE H 67 -23.18 -22.75 33.16
CA PHE H 67 -22.00 -23.37 32.56
C PHE H 67 -21.15 -24.05 33.62
N MSE H 68 -20.97 -23.39 34.75
CA MSE H 68 -20.17 -23.93 35.85
C MSE H 68 -20.86 -25.11 36.54
O MSE H 68 -20.18 -25.98 37.07
CB MSE H 68 -19.82 -22.84 36.86
CG MSE H 68 -18.70 -21.93 36.40
SE MSE H 68 -17.12 -22.96 35.93
CE MSE H 68 -15.86 -21.51 35.59
N THR H 69 -22.18 -25.12 36.51
CA THR H 69 -22.94 -26.22 37.10
C THR H 69 -22.62 -27.52 36.37
N LYS H 70 -22.54 -27.42 35.05
CA LYS H 70 -22.20 -28.57 34.21
C LYS H 70 -20.74 -28.97 34.41
N CYS H 71 -19.90 -27.98 34.71
CA CYS H 71 -18.48 -28.22 34.94
C CYS H 71 -18.21 -28.92 36.27
N TYR H 72 -18.88 -28.47 37.32
CA TYR H 72 -18.71 -29.06 38.64
C TYR H 72 -19.32 -30.47 38.71
N ALA H 73 -20.22 -30.76 37.78
CA ALA H 73 -20.86 -32.07 37.72
C ALA H 73 -20.08 -33.02 36.83
N GLY H 74 -19.01 -32.52 36.21
CA GLY H 74 -18.23 -33.30 35.29
C GLY H 74 -16.73 -33.15 35.47
N PRO H 75 -16.08 -32.44 34.53
CA PRO H 75 -14.62 -32.28 34.49
C PRO H 75 -14.02 -31.67 35.75
N TYR H 76 -14.83 -30.93 36.51
CA TYR H 76 -14.34 -30.26 37.70
C TYR H 76 -14.94 -30.83 39.00
N LYS H 77 -15.42 -32.07 38.95
CA LYS H 77 -16.03 -32.67 40.11
C LYS H 77 -15.00 -33.05 41.17
N GLY H 78 -15.14 -32.48 42.37
CA GLY H 78 -14.25 -32.78 43.48
C GLY H 78 -12.95 -31.99 43.45
N THR H 79 -12.63 -31.43 42.28
CA THR H 79 -11.39 -30.69 42.09
C THR H 79 -11.40 -29.37 42.88
N SER H 80 -10.23 -28.77 43.02
CA SER H 80 -10.11 -27.51 43.76
C SER H 80 -9.15 -26.56 43.07
N VAL H 81 -9.24 -25.27 43.40
CA VAL H 81 -8.41 -24.26 42.74
C VAL H 81 -7.64 -23.40 43.75
N PHE H 82 -6.42 -23.05 43.39
CA PHE H 82 -5.59 -22.16 44.20
C PHE H 82 -5.02 -21.05 43.31
N GLY H 83 -4.82 -19.87 43.89
CA GLY H 83 -4.32 -18.73 43.14
C GLY H 83 -3.66 -17.67 43.99
N VAL H 84 -2.66 -17.00 43.42
CA VAL H 84 -1.97 -15.92 44.12
C VAL H 84 -1.88 -14.68 43.24
N PRO H 85 -2.35 -13.53 43.74
CA PRO H 85 -2.25 -12.28 43.00
C PRO H 85 -0.80 -11.83 42.83
N ILE H 86 -0.30 -11.88 41.61
CA ILE H 86 1.05 -11.43 41.32
C ILE H 86 1.04 -9.96 40.91
N ASP H 87 -0.16 -9.41 40.77
CA ASP H 87 -0.32 -8.00 40.44
C ASP H 87 -1.65 -7.45 40.94
N VAL H 88 -1.58 -6.44 41.79
CA VAL H 88 -2.77 -5.74 42.27
C VAL H 88 -2.66 -4.27 41.91
N ARG H 89 -3.68 -3.72 41.27
CA ARG H 89 -3.61 -2.36 40.75
C ARG H 89 -4.98 -1.70 40.63
N PHE H 90 -5.12 -0.52 41.25
CA PHE H 90 -6.34 0.27 41.15
C PHE H 90 -6.22 1.29 40.02
N THR H 91 -7.07 1.15 39.01
CA THR H 91 -7.07 2.05 37.87
C THR H 91 -8.08 3.17 38.09
N GLY H 92 -8.75 3.12 39.24
CA GLY H 92 -9.77 4.11 39.58
C GLY H 92 -10.35 3.78 40.94
N PRO H 93 -11.07 4.75 41.53
CA PRO H 93 -11.66 4.57 42.87
C PRO H 93 -12.58 3.36 42.96
N ASP H 94 -13.31 3.06 41.89
CA ASP H 94 -14.27 1.95 41.91
C ASP H 94 -13.94 0.84 40.91
N THR H 95 -12.68 0.76 40.50
CA THR H 95 -12.26 -0.31 39.59
C THR H 95 -10.81 -0.75 39.84
N ALA H 96 -10.64 -2.05 40.03
CA ALA H 96 -9.31 -2.62 40.26
C ALA H 96 -9.08 -3.82 39.35
N ILE H 97 -7.85 -3.94 38.86
CA ILE H 97 -7.49 -5.05 37.98
C ILE H 97 -6.51 -5.98 38.70
N LEU H 98 -6.85 -7.27 38.74
CA LEU H 98 -6.00 -8.27 39.37
C LEU H 98 -5.40 -9.24 38.36
N ILE H 99 -4.21 -9.74 38.65
CA ILE H 99 -3.61 -10.80 37.85
C ILE H 99 -3.10 -11.91 38.75
N THR H 100 -3.80 -13.03 38.75
CA THR H 100 -3.47 -14.15 39.61
C THR H 100 -2.73 -15.26 38.85
N GLN H 101 -2.00 -16.08 39.60
CA GLN H 101 -1.32 -17.23 39.02
C GLN H 101 -1.57 -18.45 39.89
N GLY H 102 -1.85 -19.58 39.24
CA GLY H 102 -2.14 -20.82 39.94
C GLY H 102 -2.79 -21.80 38.99
N GLY H 103 -3.87 -22.44 39.43
CA GLY H 103 -4.59 -23.36 38.57
C GLY H 103 -5.46 -24.35 39.30
N VAL H 104 -5.93 -25.34 38.57
CA VAL H 104 -6.84 -26.34 39.11
C VAL H 104 -6.08 -27.60 39.56
N MSE H 105 -6.47 -28.14 40.71
CA MSE H 105 -5.87 -29.36 41.23
C MSE H 105 -6.86 -30.51 41.17
O MSE H 105 -7.96 -30.41 41.71
CB MSE H 105 -5.40 -29.16 42.67
CG MSE H 105 -4.38 -28.07 42.89
SE MSE H 105 -3.79 -28.00 44.74
CE MSE H 105 -2.57 -26.49 44.61
N ALA H 106 -6.47 -31.60 40.52
CA ALA H 106 -7.32 -32.80 40.46
C ALA H 106 -7.50 -33.37 41.86
N PRO H 107 -8.64 -34.03 42.11
CA PRO H 107 -8.91 -34.65 43.42
C PRO H 107 -7.79 -35.60 43.83
N GLY H 108 -7.12 -35.29 44.93
CA GLY H 108 -6.02 -36.10 45.42
C GLY H 108 -4.69 -35.41 45.25
N GLU H 109 -4.58 -34.58 44.22
CA GLU H 109 -3.36 -33.83 43.95
C GLU H 109 -3.25 -32.60 44.85
N HIS H 110 -2.04 -32.30 45.31
CA HIS H 110 -1.82 -31.20 46.24
C HIS H 110 -0.91 -30.13 45.64
N SER H 111 -0.84 -30.10 44.32
CA SER H 111 -0.06 -29.08 43.63
C SER H 111 -0.58 -28.91 42.20
N VAL H 112 -0.67 -27.66 41.76
CA VAL H 112 -1.07 -27.38 40.39
C VAL H 112 0.02 -27.85 39.43
N ALA H 113 -0.30 -28.83 38.61
CA ALA H 113 0.64 -29.37 37.64
C ALA H 113 1.09 -28.29 36.66
N PRO H 114 2.35 -28.37 36.21
CA PRO H 114 2.94 -27.40 35.28
C PRO H 114 2.10 -27.15 34.02
N ASP H 115 1.35 -28.16 33.59
CA ASP H 115 0.55 -28.04 32.37
C ASP H 115 -0.86 -27.50 32.67
N LYS H 116 -1.28 -27.60 33.92
CA LYS H 116 -2.59 -27.09 34.33
C LYS H 116 -2.49 -25.68 34.88
N GLU H 117 -1.27 -25.15 35.00
CA GLU H 117 -1.05 -23.82 35.54
C GLU H 117 -1.54 -22.74 34.59
N ILE H 118 -2.21 -21.72 35.14
CA ILE H 118 -2.74 -20.63 34.34
C ILE H 118 -2.49 -19.27 34.99
N ARG H 119 -2.61 -18.21 34.19
CA ARG H 119 -2.64 -16.85 34.70
C ARG H 119 -3.98 -16.21 34.34
N ALA H 120 -4.56 -15.47 35.26
CA ALA H 120 -5.87 -14.87 35.04
C ALA H 120 -5.84 -13.35 35.12
N THR H 121 -6.82 -12.70 34.48
CA THR H 121 -7.00 -11.27 34.60
C THR H 121 -8.37 -10.97 35.20
N TRP H 122 -8.38 -10.36 36.38
CA TRP H 122 -9.62 -10.04 37.07
C TRP H 122 -9.94 -8.56 36.93
N VAL H 123 -11.13 -8.25 36.44
CA VAL H 123 -11.60 -6.87 36.43
C VAL H 123 -12.71 -6.69 37.46
N LEU H 124 -12.39 -5.99 38.53
CA LEU H 124 -13.33 -5.81 39.64
C LEU H 124 -13.96 -4.41 39.61
N GLY H 125 -15.22 -4.33 40.00
CA GLY H 125 -15.93 -3.06 40.03
C GLY H 125 -16.70 -2.87 41.32
N LYS H 126 -16.54 -1.70 41.93
CA LYS H 126 -17.21 -1.39 43.18
C LYS H 126 -18.64 -0.92 42.96
N ARG H 127 -19.61 -1.74 43.37
CA ARG H 127 -21.02 -1.42 43.22
C ARG H 127 -21.70 -1.42 44.58
N ASP H 128 -21.96 -0.23 45.11
CA ASP H 128 -22.59 -0.05 46.41
C ASP H 128 -21.78 -0.68 47.56
N GLY H 129 -20.49 -0.41 47.58
CA GLY H 129 -19.63 -0.86 48.66
C GLY H 129 -18.95 -2.20 48.41
N ALA H 130 -19.68 -3.12 47.79
CA ALA H 130 -19.17 -4.46 47.54
C ALA H 130 -18.31 -4.51 46.28
N TRP H 131 -17.64 -5.65 46.06
CA TRP H 131 -16.82 -5.84 44.87
C TRP H 131 -17.32 -7.02 44.04
N LEU H 132 -17.38 -6.82 42.73
CA LEU H 132 -17.85 -7.85 41.81
C LEU H 132 -16.93 -7.95 40.59
N VAL H 133 -16.88 -9.13 39.99
CA VAL H 133 -16.06 -9.33 38.79
C VAL H 133 -16.79 -8.83 37.55
N GLU H 134 -16.23 -7.80 36.92
CA GLU H 134 -16.76 -7.30 35.67
C GLU H 134 -16.33 -8.20 34.52
N ALA H 135 -15.09 -8.69 34.61
CA ALA H 135 -14.54 -9.55 33.57
C ALA H 135 -13.46 -10.47 34.12
N TYR H 136 -13.62 -11.78 33.89
CA TYR H 136 -12.59 -12.75 34.18
C TYR H 136 -12.05 -13.32 32.87
N HIS H 137 -10.76 -13.62 32.84
CA HIS H 137 -10.13 -14.15 31.63
C HIS H 137 -8.80 -14.79 31.99
N ASN H 138 -8.68 -16.10 31.80
CA ASN H 138 -7.41 -16.78 32.04
C ASN H 138 -6.82 -17.47 30.81
N SER H 139 -5.54 -17.81 30.90
CA SER H 139 -4.83 -18.48 29.82
C SER H 139 -3.69 -19.31 30.37
N PRO H 140 -3.39 -20.46 29.73
CA PRO H 140 -2.34 -21.37 30.19
C PRO H 140 -0.95 -20.75 30.15
N VAL H 141 -0.08 -21.18 31.05
CA VAL H 141 1.28 -20.68 31.12
C VAL H 141 2.18 -21.53 30.23
N ARG H 142 1.74 -22.75 29.93
CA ARG H 142 2.43 -23.60 28.99
C ARG H 142 1.61 -23.68 27.71
N LEU H 143 2.14 -24.39 26.70
CA LEU H 143 1.44 -24.61 25.43
C LEU H 143 1.18 -23.32 24.67
N VAL I 18 -6.35 23.80 -19.40
CA VAL I 18 -5.43 22.70 -19.64
C VAL I 18 -5.78 21.51 -18.77
N THR I 19 -6.81 21.68 -17.94
CA THR I 19 -7.29 20.61 -17.07
C THR I 19 -8.73 20.28 -17.42
N ALA I 20 -9.49 21.30 -17.79
CA ALA I 20 -10.87 21.09 -18.24
C ALA I 20 -10.84 20.50 -19.64
N VAL I 21 -9.73 20.70 -20.34
CA VAL I 21 -9.56 20.18 -21.68
C VAL I 21 -9.15 18.70 -21.65
N ALA I 22 -8.52 18.30 -20.54
CA ALA I 22 -8.05 16.92 -20.40
C ALA I 22 -8.97 16.13 -19.48
N ASP I 23 -10.05 16.78 -19.04
CA ASP I 23 -11.04 16.12 -18.21
C ASP I 23 -12.00 15.34 -19.10
N VAL I 24 -12.11 15.79 -20.35
CA VAL I 24 -12.99 15.16 -21.34
C VAL I 24 -12.69 13.68 -21.60
N PRO I 25 -11.41 13.33 -21.88
CA PRO I 25 -11.15 11.90 -22.03
C PRO I 25 -11.37 11.16 -20.73
N ARG I 26 -11.00 11.79 -19.62
CA ARG I 26 -11.20 11.19 -18.29
C ARG I 26 -12.67 10.97 -18.02
N ARG I 27 -13.51 11.92 -18.44
CA ARG I 27 -14.95 11.79 -18.29
C ARG I 27 -15.48 10.71 -19.22
N MSE I 28 -14.79 10.49 -20.34
CA MSE I 28 -15.18 9.48 -21.29
C MSE I 28 -14.90 8.08 -20.74
O MSE I 28 -15.71 7.17 -20.90
CB MSE I 28 -14.44 9.66 -22.62
CG MSE I 28 -14.93 8.75 -23.73
SE MSE I 28 -13.51 7.69 -24.54
CE MSE I 28 -13.22 6.39 -23.13
N MSE I 29 -13.76 7.93 -20.08
CA MSE I 29 -13.37 6.66 -19.49
C MSE I 29 -14.35 6.24 -18.40
O MSE I 29 -14.66 5.06 -18.24
CB MSE I 29 -11.95 6.73 -18.91
CG MSE I 29 -10.89 7.12 -19.92
SE MSE I 29 -9.13 7.34 -19.13
CE MSE I 29 -8.62 9.01 -19.98
N GLU I 30 -14.86 7.23 -17.67
CA GLU I 30 -15.84 6.99 -16.61
C GLU I 30 -17.18 6.60 -17.21
N ALA I 31 -17.51 7.19 -18.35
CA ALA I 31 -18.76 6.90 -19.04
C ALA I 31 -18.70 5.52 -19.69
N TRP I 32 -17.52 5.12 -20.13
CA TRP I 32 -17.33 3.83 -20.78
C TRP I 32 -17.42 2.69 -19.77
N ALA I 33 -16.79 2.88 -18.62
CA ALA I 33 -16.75 1.86 -17.58
C ALA I 33 -18.14 1.57 -17.01
N SER I 34 -19.03 2.55 -17.11
CA SER I 34 -20.41 2.38 -16.67
C SER I 34 -21.28 1.88 -17.82
N ASN I 35 -20.67 1.71 -18.99
CA ASN I 35 -21.37 1.39 -20.22
C ASN I 35 -22.56 2.33 -20.45
N ASP I 36 -22.34 3.60 -20.14
CA ASP I 36 -23.39 4.61 -20.22
C ASP I 36 -23.33 5.33 -21.56
N ALA I 37 -24.23 4.97 -22.47
CA ALA I 37 -24.25 5.55 -23.80
C ALA I 37 -24.71 7.00 -23.80
N SER I 38 -25.70 7.31 -22.97
CA SER I 38 -26.23 8.67 -22.89
C SER I 38 -25.22 9.64 -22.27
N ALA I 39 -24.38 9.12 -21.37
CA ALA I 39 -23.35 9.93 -20.74
C ALA I 39 -22.11 10.03 -21.62
N PHE I 40 -21.91 9.05 -22.49
CA PHE I 40 -20.80 9.08 -23.44
C PHE I 40 -21.11 10.03 -24.59
N ALA I 41 -22.36 10.01 -25.05
CA ALA I 41 -22.77 10.79 -26.21
C ALA I 41 -22.85 12.28 -25.92
N SER I 42 -23.22 12.63 -24.69
CA SER I 42 -23.37 14.03 -24.30
C SER I 42 -22.03 14.75 -24.10
N LEU I 43 -20.95 14.06 -24.43
CA LEU I 43 -19.62 14.67 -24.41
C LEU I 43 -19.35 15.34 -25.75
N PHE I 44 -20.24 15.11 -26.71
CA PHE I 44 -20.09 15.65 -28.05
C PHE I 44 -20.92 16.90 -28.25
N ALA I 45 -20.42 17.80 -29.10
CA ALA I 45 -21.16 18.98 -29.50
C ALA I 45 -22.41 18.53 -30.25
N PRO I 46 -23.51 19.30 -30.15
CA PRO I 46 -24.80 18.95 -30.75
C PRO I 46 -24.73 18.56 -32.23
N ASP I 47 -23.65 18.91 -32.91
CA ASP I 47 -23.44 18.50 -34.29
C ASP I 47 -22.07 17.87 -34.48
N GLY I 48 -21.56 17.24 -33.42
CA GLY I 48 -20.24 16.63 -33.44
C GLY I 48 -20.18 15.35 -34.23
N THR I 49 -18.96 14.94 -34.59
CA THR I 49 -18.77 13.73 -35.40
C THR I 49 -17.86 12.70 -34.71
N MSE I 50 -17.96 11.45 -35.16
CA MSE I 50 -17.15 10.37 -34.62
C MSE I 50 -16.83 9.34 -35.69
O MSE I 50 -17.73 8.71 -36.24
CB MSE I 50 -17.87 9.70 -33.44
CG MSE I 50 -17.03 8.63 -32.76
SE MSE I 50 -17.99 7.64 -31.36
CE MSE I 50 -16.42 6.90 -30.45
N VAL I 51 -15.54 9.15 -35.97
CA VAL I 51 -15.12 8.19 -36.98
C VAL I 51 -14.22 7.11 -36.39
N LEU I 52 -14.55 5.85 -36.68
CA LEU I 52 -13.80 4.72 -36.17
C LEU I 52 -13.41 3.80 -37.33
N PRO I 53 -12.39 2.94 -37.13
CA PRO I 53 -12.04 1.95 -38.16
C PRO I 53 -13.24 1.07 -38.51
N GLY I 54 -13.41 0.78 -39.80
CA GLY I 54 -14.58 0.06 -40.27
C GLY I 54 -15.56 1.02 -40.91
N ASP I 55 -16.78 0.55 -41.16
CA ASP I 55 -17.81 1.41 -41.73
C ASP I 55 -18.49 2.21 -40.64
N VAL I 56 -17.69 2.97 -39.88
CA VAL I 56 -18.23 3.75 -38.78
C VAL I 56 -18.05 5.25 -39.00
N PHE I 57 -19.17 5.97 -38.94
CA PHE I 57 -19.18 7.42 -39.07
C PHE I 57 -20.49 7.98 -38.54
N GLN I 58 -20.45 8.53 -37.33
CA GLN I 58 -21.66 9.02 -36.68
C GLN I 58 -21.59 10.51 -36.38
N LYS I 59 -22.69 11.21 -36.64
CA LYS I 59 -22.79 12.63 -36.31
C LYS I 59 -23.97 12.90 -35.40
N GLY I 60 -23.81 13.84 -34.48
CA GLY I 60 -24.88 14.23 -33.58
C GLY I 60 -24.93 13.35 -32.34
N VAL I 61 -25.33 13.96 -31.22
CA VAL I 61 -25.42 13.24 -29.95
C VAL I 61 -26.38 12.06 -30.05
N ASP I 62 -27.49 12.25 -30.75
CA ASP I 62 -28.49 11.19 -30.93
C ASP I 62 -27.93 9.98 -31.67
N GLY I 63 -27.23 10.23 -32.77
CA GLY I 63 -26.66 9.17 -33.57
C GLY I 63 -25.59 8.40 -32.82
N ILE I 64 -24.84 9.10 -31.97
CA ILE I 64 -23.80 8.47 -31.18
C ILE I 64 -24.42 7.66 -30.04
N ARG I 65 -25.47 8.20 -29.42
CA ARG I 65 -26.18 7.51 -28.35
C ARG I 65 -26.84 6.24 -28.88
N GLU I 66 -27.36 6.31 -30.10
CA GLU I 66 -28.01 5.16 -30.71
C GLU I 66 -27.00 4.11 -31.16
N PHE I 67 -25.80 4.57 -31.51
CA PHE I 67 -24.76 3.67 -31.98
C PHE I 67 -24.03 3.00 -30.83
N MSE I 68 -23.74 3.78 -29.79
CA MSE I 68 -22.98 3.28 -28.64
C MSE I 68 -23.82 2.43 -27.69
O MSE I 68 -23.29 1.75 -26.82
CB MSE I 68 -22.31 4.44 -27.91
CG MSE I 68 -21.13 5.01 -28.67
SE MSE I 68 -19.61 3.80 -28.67
CE MSE I 68 -18.80 4.28 -30.37
N THR I 69 -25.14 2.48 -27.86
CA THR I 69 -26.03 1.59 -27.13
C THR I 69 -25.88 0.17 -27.66
N LYS I 70 -25.88 0.05 -28.98
CA LYS I 70 -25.72 -1.25 -29.63
C LYS I 70 -24.35 -1.83 -29.34
N CYS I 71 -23.36 -0.97 -29.18
CA CYS I 71 -21.99 -1.40 -28.87
C CYS I 71 -21.88 -1.94 -27.45
N TYR I 72 -22.38 -1.17 -26.49
CA TYR I 72 -22.31 -1.55 -25.08
C TYR I 72 -23.12 -2.80 -24.77
N ALA I 73 -24.04 -3.14 -25.66
CA ALA I 73 -24.83 -4.36 -25.51
C ALA I 73 -24.17 -5.52 -26.24
N GLY I 74 -23.26 -5.21 -27.16
CA GLY I 74 -22.62 -6.21 -27.99
C GLY I 74 -21.15 -6.45 -27.70
N PRO I 75 -20.28 -6.02 -28.61
CA PRO I 75 -18.83 -6.29 -28.53
C PRO I 75 -18.14 -5.54 -27.40
N TYR I 76 -18.68 -4.39 -27.00
CA TYR I 76 -18.09 -3.59 -25.94
C TYR I 76 -18.76 -3.86 -24.59
N LYS I 77 -19.50 -4.96 -24.51
CA LYS I 77 -20.23 -5.30 -23.29
C LYS I 77 -19.30 -5.57 -22.11
N GLY I 78 -19.37 -4.71 -21.10
CA GLY I 78 -18.60 -4.89 -19.88
C GLY I 78 -17.12 -4.67 -20.06
N THR I 79 -16.76 -3.83 -21.03
CA THR I 79 -15.35 -3.51 -21.27
C THR I 79 -14.99 -2.18 -20.61
N SER I 80 -13.73 -1.80 -20.73
CA SER I 80 -13.24 -0.55 -20.16
C SER I 80 -12.13 0.03 -21.03
N VAL I 81 -11.95 1.35 -20.96
CA VAL I 81 -10.99 2.03 -21.82
C VAL I 81 -10.06 2.98 -21.08
N PHE I 82 -8.77 2.81 -21.32
CA PHE I 82 -7.77 3.76 -20.82
C PHE I 82 -7.21 4.55 -22.00
N GLY I 83 -6.61 5.71 -21.70
CA GLY I 83 -6.05 6.56 -22.74
C GLY I 83 -5.26 7.71 -22.17
N VAL I 84 -4.04 7.88 -22.67
CA VAL I 84 -3.15 8.93 -22.16
C VAL I 84 -2.95 10.03 -23.19
N PRO I 85 -3.22 11.29 -22.80
CA PRO I 85 -2.97 12.44 -23.66
C PRO I 85 -1.49 12.59 -23.96
N ILE I 86 -1.06 12.16 -25.14
CA ILE I 86 0.34 12.29 -25.53
C ILE I 86 0.58 13.63 -26.22
N ASP I 87 -0.46 14.44 -26.30
CA ASP I 87 -0.36 15.79 -26.85
C ASP I 87 -1.60 16.63 -26.54
N VAL I 88 -1.38 17.83 -26.02
CA VAL I 88 -2.46 18.77 -25.76
C VAL I 88 -2.11 20.14 -26.34
N ARG I 89 -2.94 20.61 -27.27
CA ARG I 89 -2.66 21.87 -27.97
C ARG I 89 -3.91 22.73 -28.09
N PHE I 90 -3.73 24.04 -27.91
CA PHE I 90 -4.82 24.99 -28.03
C PHE I 90 -4.71 25.79 -29.33
N THR I 91 -5.67 25.58 -30.23
CA THR I 91 -5.72 26.32 -31.48
C THR I 91 -6.09 27.78 -31.22
N GLY I 92 -7.23 27.97 -30.56
CA GLY I 92 -7.70 29.30 -30.20
C GLY I 92 -8.22 29.32 -28.78
N PRO I 93 -8.88 30.43 -28.39
CA PRO I 93 -9.45 30.58 -27.05
C PRO I 93 -10.49 29.50 -26.72
N ASP I 94 -11.24 29.07 -27.72
CA ASP I 94 -12.32 28.10 -27.49
C ASP I 94 -12.13 26.82 -28.32
N THR I 95 -10.92 26.57 -28.76
CA THR I 95 -10.63 25.38 -29.56
C THR I 95 -9.37 24.67 -29.08
N ALA I 96 -9.42 23.34 -29.02
CA ALA I 96 -8.27 22.55 -28.59
C ALA I 96 -8.27 21.17 -29.23
N ILE I 97 -7.07 20.62 -29.42
CA ILE I 97 -6.91 19.32 -30.05
C ILE I 97 -6.09 18.38 -29.16
N LEU I 98 -6.63 17.19 -28.90
CA LEU I 98 -5.94 16.21 -28.08
C LEU I 98 -5.58 14.94 -28.85
N ILE I 99 -4.39 14.41 -28.60
CA ILE I 99 -3.99 13.13 -29.16
C ILE I 99 -3.79 12.13 -28.02
N THR I 100 -4.65 11.13 -27.97
CA THR I 100 -4.57 10.13 -26.90
C THR I 100 -4.05 8.79 -27.41
N GLN I 101 -3.51 7.99 -26.49
CA GLN I 101 -3.04 6.66 -26.82
C GLN I 101 -3.47 5.65 -25.75
N GLY I 102 -4.10 4.57 -26.20
CA GLY I 102 -4.62 3.56 -25.30
C GLY I 102 -5.42 2.52 -26.07
N GLY I 103 -6.55 2.10 -25.52
CA GLY I 103 -7.40 1.14 -26.21
C GLY I 103 -8.49 0.53 -25.35
N VAL I 104 -9.13 -0.50 -25.89
CA VAL I 104 -10.22 -1.18 -25.18
C VAL I 104 -9.72 -2.46 -24.52
N MSE I 105 -10.10 -2.65 -23.27
CA MSE I 105 -9.73 -3.85 -22.52
C MSE I 105 -10.92 -4.78 -22.37
O MSE I 105 -12.00 -4.35 -21.97
CB MSE I 105 -9.17 -3.48 -21.15
CG MSE I 105 -7.93 -2.61 -21.19
SE MSE I 105 -7.32 -2.17 -19.39
CE MSE I 105 -5.79 -1.05 -19.84
N ALA I 106 -10.72 -6.06 -22.67
CA ALA I 106 -11.75 -7.07 -22.51
C ALA I 106 -12.08 -7.24 -21.02
N PRO I 107 -13.29 -7.72 -20.71
CA PRO I 107 -13.69 -7.96 -19.32
C PRO I 107 -12.68 -8.83 -18.57
N GLY I 108 -12.00 -8.24 -17.59
CA GLY I 108 -11.03 -8.96 -16.79
C GLY I 108 -9.62 -8.88 -17.33
N GLU I 109 -9.40 -7.95 -18.26
CA GLU I 109 -8.08 -7.72 -18.81
C GLU I 109 -7.52 -6.41 -18.28
N HIS I 110 -6.23 -6.40 -17.95
CA HIS I 110 -5.65 -5.27 -17.23
C HIS I 110 -4.56 -4.52 -18.01
N SER I 111 -4.48 -4.79 -19.31
CA SER I 111 -3.57 -4.06 -20.18
C SER I 111 -4.09 -4.14 -21.61
N VAL I 112 -4.05 -3.01 -22.31
CA VAL I 112 -4.49 -2.97 -23.71
C VAL I 112 -3.56 -3.81 -24.57
N ALA I 113 -4.10 -4.85 -25.18
CA ALA I 113 -3.34 -5.72 -26.08
C ALA I 113 -2.78 -4.89 -27.23
N PRO I 114 -1.60 -5.28 -27.74
CA PRO I 114 -0.95 -4.57 -28.85
C PRO I 114 -1.86 -4.37 -30.05
N ASP I 115 -2.63 -5.40 -30.42
CA ASP I 115 -3.53 -5.31 -31.57
C ASP I 115 -4.84 -4.60 -31.25
N LYS I 116 -4.98 -4.12 -30.01
CA LYS I 116 -6.17 -3.38 -29.62
C LYS I 116 -5.80 -1.92 -29.35
N GLU I 117 -4.51 -1.62 -29.42
CA GLU I 117 -4.02 -0.28 -29.12
C GLU I 117 -4.36 0.70 -30.24
N ILE I 118 -4.83 1.87 -29.86
CA ILE I 118 -5.23 2.90 -30.82
C ILE I 118 -4.63 4.25 -30.47
N ARG I 119 -4.66 5.16 -31.42
CA ARG I 119 -4.40 6.57 -31.16
C ARG I 119 -5.61 7.36 -31.64
N ALA I 120 -6.00 8.38 -30.87
CA ALA I 120 -7.20 9.13 -31.20
C ALA I 120 -6.97 10.63 -31.20
N THR I 121 -7.55 11.29 -32.21
CA THR I 121 -7.54 12.75 -32.26
C THR I 121 -8.82 13.29 -31.64
N TRP I 122 -8.69 14.05 -30.57
CA TRP I 122 -9.83 14.67 -29.92
C TRP I 122 -9.91 16.14 -30.31
N VAL I 123 -11.03 16.54 -30.88
CA VAL I 123 -11.25 17.94 -31.24
C VAL I 123 -12.36 18.50 -30.34
N LEU I 124 -12.04 19.54 -29.59
CA LEU I 124 -12.96 20.05 -28.59
C LEU I 124 -13.49 21.45 -28.95
N TRP I 131 -16.42 22.38 -22.28
CA TRP I 131 -15.73 21.76 -23.40
C TRP I 131 -16.47 20.55 -23.93
N LEU I 132 -16.72 20.52 -25.24
CA LEU I 132 -17.42 19.41 -25.87
C LEU I 132 -16.65 18.91 -27.08
N VAL I 133 -16.72 17.62 -27.34
CA VAL I 133 -16.01 17.02 -28.47
C VAL I 133 -16.68 17.38 -29.80
N GLU I 134 -15.97 18.17 -30.61
CA GLU I 134 -16.47 18.53 -31.93
C GLU I 134 -16.23 17.39 -32.91
N ALA I 135 -15.04 16.79 -32.85
CA ALA I 135 -14.69 15.68 -33.72
C ALA I 135 -13.80 14.67 -33.00
N TYR I 136 -14.06 13.39 -33.25
CA TYR I 136 -13.25 12.32 -32.69
C TYR I 136 -12.92 11.30 -33.79
N HIS I 137 -11.69 10.82 -33.78
CA HIS I 137 -11.24 9.88 -34.80
C HIS I 137 -10.07 9.05 -34.28
N ASN I 138 -10.24 7.74 -34.22
CA ASN I 138 -9.15 6.87 -33.79
C ASN I 138 -8.70 5.86 -34.84
N SER I 139 -7.46 5.42 -34.73
CA SER I 139 -6.89 4.45 -35.65
C SER I 139 -5.94 3.53 -34.90
N PRO I 140 -5.85 2.26 -35.32
CA PRO I 140 -4.98 1.30 -34.64
C PRO I 140 -3.50 1.65 -34.78
N VAL I 141 -2.67 1.03 -33.95
CA VAL I 141 -1.22 1.26 -33.98
C VAL I 141 -0.54 0.10 -34.70
N ARG I 142 -1.21 -1.04 -34.76
CA ARG I 142 -0.69 -2.19 -35.49
C ARG I 142 -1.60 -2.50 -36.68
N LEU I 143 -1.09 -3.27 -37.63
CA LEU I 143 -1.83 -3.58 -38.84
C LEU I 143 -1.96 -5.09 -39.06
N THR J 19 -16.17 27.94 -50.98
CA THR J 19 -15.34 28.17 -49.80
C THR J 19 -13.88 27.84 -50.08
N ALA J 20 -12.99 28.41 -49.28
CA ALA J 20 -11.56 28.15 -49.39
C ALA J 20 -11.17 26.98 -48.50
N VAL J 21 -12.13 26.52 -47.71
CA VAL J 21 -11.93 25.36 -46.84
C VAL J 21 -11.95 24.08 -47.67
N ALA J 22 -12.85 24.04 -48.65
CA ALA J 22 -12.97 22.88 -49.53
C ALA J 22 -11.80 22.77 -50.50
N ASP J 23 -11.01 23.85 -50.60
CA ASP J 23 -9.89 23.88 -51.53
C ASP J 23 -8.66 23.18 -50.94
N VAL J 24 -8.61 23.09 -49.61
CA VAL J 24 -7.48 22.46 -48.92
C VAL J 24 -7.22 21.00 -49.29
N PRO J 25 -8.26 20.13 -49.30
CA PRO J 25 -7.99 18.76 -49.70
C PRO J 25 -7.57 18.67 -51.17
N ARG J 26 -8.12 19.53 -52.01
CA ARG J 26 -7.76 19.56 -53.43
C ARG J 26 -6.31 19.99 -53.59
N ARG J 27 -5.83 20.80 -52.65
CA ARG J 27 -4.48 21.32 -52.70
C ARG J 27 -3.41 20.28 -52.34
N MSE J 28 -3.81 19.21 -51.69
CA MSE J 28 -2.89 18.12 -51.37
C MSE J 28 -2.98 17.00 -52.38
O MSE J 28 -2.00 16.31 -52.62
CB MSE J 28 -3.10 17.56 -49.95
CG MSE J 28 -4.38 16.77 -49.74
SE MSE J 28 -4.07 15.24 -48.56
CE MSE J 28 -3.97 13.83 -49.88
N MSE J 29 -4.15 16.82 -52.99
CA MSE J 29 -4.34 15.83 -54.04
C MSE J 29 -3.42 16.13 -55.22
O MSE J 29 -2.95 15.24 -55.93
CB MSE J 29 -5.78 15.84 -54.52
CG MSE J 29 -6.80 15.36 -53.50
SE MSE J 29 -8.63 15.54 -54.17
CE MSE J 29 -8.36 14.80 -55.94
N GLU J 30 -3.20 17.43 -55.40
CA GLU J 30 -2.24 17.91 -56.39
C GLU J 30 -0.83 17.75 -55.85
N ALA J 31 -0.63 18.06 -54.58
CA ALA J 31 0.69 17.97 -53.96
C ALA J 31 1.14 16.53 -53.84
N TRP J 32 0.21 15.64 -53.49
CA TRP J 32 0.47 14.22 -53.41
C TRP J 32 0.81 13.65 -54.78
N ALA J 33 0.15 14.19 -55.81
CA ALA J 33 0.36 13.74 -57.18
C ALA J 33 1.77 14.03 -57.67
N SER J 34 2.33 15.16 -57.24
CA SER J 34 3.67 15.56 -57.64
C SER J 34 4.72 14.89 -56.75
N ASN J 35 4.25 14.11 -55.78
CA ASN J 35 5.11 13.53 -54.76
C ASN J 35 5.92 14.59 -54.01
N ASP J 36 5.39 15.81 -53.99
CA ASP J 36 6.07 16.92 -53.34
C ASP J 36 5.78 16.90 -51.84
N ALA J 37 6.77 16.44 -51.08
CA ALA J 37 6.61 16.28 -49.63
C ALA J 37 6.49 17.62 -48.92
N SER J 38 7.32 18.58 -49.30
CA SER J 38 7.34 19.89 -48.67
C SER J 38 6.03 20.65 -48.91
N ALA J 39 5.43 20.44 -50.08
CA ALA J 39 4.16 21.07 -50.41
C ALA J 39 3.03 20.45 -49.60
N PHE J 40 3.20 19.16 -49.29
CA PHE J 40 2.22 18.45 -48.47
C PHE J 40 2.23 18.99 -47.04
N ALA J 41 3.42 19.19 -46.50
CA ALA J 41 3.58 19.65 -45.13
C ALA J 41 3.20 21.12 -44.97
N SER J 42 3.31 21.87 -46.06
CA SER J 42 3.03 23.31 -46.04
C SER J 42 1.58 23.62 -45.71
N LEU J 43 0.70 22.64 -45.91
CA LEU J 43 -0.72 22.81 -45.65
C LEU J 43 -1.01 22.71 -44.16
N PHE J 44 -0.06 22.17 -43.40
CA PHE J 44 -0.23 21.97 -41.97
C PHE J 44 0.22 23.20 -41.19
N ALA J 45 -0.49 23.48 -40.09
CA ALA J 45 -0.12 24.55 -39.17
C ALA J 45 1.21 24.20 -38.52
N PRO J 46 1.93 25.23 -38.00
CA PRO J 46 3.22 25.05 -37.32
C PRO J 46 3.27 23.87 -36.37
N ASP J 47 2.20 23.66 -35.59
CA ASP J 47 2.15 22.51 -34.69
C ASP J 47 1.07 21.53 -35.11
N GLY J 48 0.87 21.39 -36.41
CA GLY J 48 -0.10 20.46 -36.95
C GLY J 48 0.25 19.02 -36.67
N THR J 49 -0.76 18.19 -36.44
CA THR J 49 -0.54 16.78 -36.15
C THR J 49 -1.15 15.88 -37.22
N MSE J 50 -0.47 14.78 -37.52
CA MSE J 50 -0.94 13.84 -38.52
C MSE J 50 -0.83 12.41 -38.00
O MSE J 50 0.27 11.92 -37.74
CB MSE J 50 -0.14 13.98 -39.82
CG MSE J 50 -0.72 13.22 -41.00
SE MSE J 50 0.57 12.92 -42.43
CE MSE J 50 1.77 11.73 -41.46
N VAL J 51 -1.97 11.74 -37.86
CA VAL J 51 -1.99 10.36 -37.38
C VAL J 51 -2.55 9.41 -38.44
N LEU J 52 -1.73 8.45 -38.85
CA LEU J 52 -2.13 7.46 -39.83
C LEU J 52 -2.22 6.10 -39.16
N PRO J 53 -2.95 5.15 -39.77
CA PRO J 53 -2.94 3.77 -39.25
C PRO J 53 -1.53 3.21 -39.20
N GLY J 54 -1.25 2.36 -38.23
CA GLY J 54 0.10 1.92 -37.97
C GLY J 54 0.72 2.79 -36.90
N ASP J 55 2.02 2.62 -36.65
CA ASP J 55 2.71 3.41 -35.64
C ASP J 55 3.16 4.74 -36.23
N VAL J 56 2.20 5.55 -36.67
CA VAL J 56 2.50 6.84 -37.28
C VAL J 56 1.87 8.00 -36.51
N PHE J 57 2.69 8.96 -36.11
CA PHE J 57 2.22 10.14 -35.39
C PHE J 57 3.23 11.27 -35.54
N GLN J 58 3.00 12.14 -36.51
CA GLN J 58 3.93 13.22 -36.81
C GLN J 58 3.40 14.58 -36.39
N LYS J 59 4.21 15.34 -35.67
CA LYS J 59 3.82 16.68 -35.25
C LYS J 59 4.77 17.74 -35.81
N GLY J 60 4.19 18.85 -36.26
CA GLY J 60 4.98 19.94 -36.81
C GLY J 60 5.28 19.77 -38.28
N VAL J 61 5.48 20.87 -38.97
CA VAL J 61 5.74 20.85 -40.41
C VAL J 61 7.01 20.07 -40.75
N ASP J 62 8.08 20.33 -40.00
CA ASP J 62 9.35 19.68 -40.24
C ASP J 62 9.28 18.16 -40.06
N GLY J 63 8.56 17.73 -39.03
CA GLY J 63 8.41 16.31 -38.76
C GLY J 63 7.57 15.60 -39.80
N ILE J 64 6.62 16.33 -40.39
CA ILE J 64 5.73 15.78 -41.40
C ILE J 64 6.41 15.68 -42.75
N ARG J 65 7.08 16.76 -43.15
CA ARG J 65 7.82 16.79 -44.41
C ARG J 65 8.90 15.71 -44.42
N GLU J 66 9.52 15.50 -43.27
CA GLU J 66 10.57 14.48 -43.13
C GLU J 66 9.97 13.08 -43.28
N PHE J 67 8.71 12.93 -42.90
CA PHE J 67 8.05 11.63 -42.97
C PHE J 67 7.56 11.30 -44.38
N MSE J 68 6.96 12.29 -45.04
CA MSE J 68 6.40 12.07 -46.37
C MSE J 68 7.49 11.91 -47.42
O MSE J 68 7.26 11.31 -48.47
CB MSE J 68 5.47 13.23 -46.76
CG MSE J 68 4.11 12.77 -47.26
SE MSE J 68 3.15 11.72 -45.93
CE MSE J 68 3.46 12.91 -44.41
N THR J 69 8.67 12.44 -47.13
CA THR J 69 9.81 12.30 -48.03
C THR J 69 10.20 10.83 -48.16
N LYS J 70 10.19 10.12 -47.03
CA LYS J 70 10.53 8.71 -47.03
C LYS J 70 9.38 7.88 -47.59
N CYS J 71 8.16 8.40 -47.47
CA CYS J 71 6.98 7.73 -48.01
C CYS J 71 6.91 7.89 -49.53
N TYR J 72 7.20 9.10 -50.01
CA TYR J 72 7.16 9.37 -51.44
C TYR J 72 8.31 8.70 -52.19
N ALA J 73 9.38 8.41 -51.47
CA ALA J 73 10.52 7.71 -52.05
C ALA J 73 10.32 6.20 -51.94
N GLY J 74 9.33 5.79 -51.16
CA GLY J 74 9.10 4.38 -50.91
C GLY J 74 7.75 3.86 -51.35
N PRO J 75 6.85 3.61 -50.39
CA PRO J 75 5.55 2.96 -50.62
C PRO J 75 4.52 3.84 -51.31
N TYR J 76 4.64 5.17 -51.17
CA TYR J 76 3.70 6.09 -51.81
C TYR J 76 4.26 6.66 -53.11
N LYS J 77 5.24 5.96 -53.69
CA LYS J 77 5.90 6.43 -54.90
C LYS J 77 5.02 6.25 -56.13
N GLY J 78 4.81 7.33 -56.87
CA GLY J 78 4.01 7.28 -58.10
C GLY J 78 2.52 7.23 -57.85
N THR J 79 2.13 7.37 -56.59
CA THR J 79 0.72 7.27 -56.21
C THR J 79 0.00 8.60 -56.31
N SER J 80 -1.33 8.53 -56.31
CA SER J 80 -2.18 9.72 -56.31
C SER J 80 -3.33 9.51 -55.34
N VAL J 81 -3.96 10.60 -54.91
CA VAL J 81 -5.04 10.50 -53.91
C VAL J 81 -6.27 11.30 -54.30
N PHE J 82 -7.43 10.67 -54.18
CA PHE J 82 -8.70 11.35 -54.37
C PHE J 82 -9.61 11.13 -53.17
N GLY J 83 -10.46 12.11 -52.90
CA GLY J 83 -11.44 12.01 -51.82
C GLY J 83 -12.46 13.12 -51.94
N VAL J 84 -13.65 12.89 -51.40
CA VAL J 84 -14.69 13.90 -51.39
C VAL J 84 -15.14 14.20 -49.96
N PRO J 85 -15.47 15.47 -49.69
CA PRO J 85 -16.03 15.83 -48.38
C PRO J 85 -17.43 15.25 -48.22
N ILE J 86 -17.64 14.49 -47.14
CA ILE J 86 -18.96 13.98 -46.84
C ILE J 86 -19.58 14.77 -45.69
N ASP J 87 -18.79 15.70 -45.16
CA ASP J 87 -19.25 16.61 -44.12
C ASP J 87 -18.38 17.85 -43.99
N VAL J 88 -19.02 19.01 -43.95
CA VAL J 88 -18.33 20.28 -43.74
C VAL J 88 -19.13 21.13 -42.75
N ARG J 89 -18.47 21.60 -41.69
CA ARG J 89 -19.13 22.51 -40.75
C ARG J 89 -18.14 23.46 -40.09
N PHE J 90 -18.65 24.60 -39.66
CA PHE J 90 -17.82 25.62 -39.03
C PHE J 90 -18.17 25.78 -37.56
N THR J 91 -17.29 25.29 -36.69
CA THR J 91 -17.49 25.40 -35.25
C THR J 91 -17.35 26.86 -34.82
N GLY J 92 -16.17 27.41 -35.04
CA GLY J 92 -15.94 28.84 -34.87
C GLY J 92 -15.81 29.46 -36.24
N PRO J 93 -15.71 30.80 -36.30
CA PRO J 93 -15.54 31.47 -37.59
C PRO J 93 -14.11 31.34 -38.11
N ASP J 94 -13.26 30.65 -37.37
CA ASP J 94 -11.85 30.50 -37.74
C ASP J 94 -11.41 29.04 -37.77
N THR J 95 -12.31 28.13 -37.39
CA THR J 95 -11.99 26.70 -37.40
C THR J 95 -13.03 25.91 -38.19
N ALA J 96 -12.60 24.78 -38.74
CA ALA J 96 -13.50 23.93 -39.53
C ALA J 96 -13.12 22.45 -39.46
N ILE J 97 -14.07 21.64 -39.01
CA ILE J 97 -13.90 20.19 -39.01
C ILE J 97 -14.39 19.64 -40.34
N LEU J 98 -13.54 18.87 -41.01
CA LEU J 98 -13.83 18.40 -42.35
C LEU J 98 -13.61 16.90 -42.46
N ILE J 99 -14.65 16.16 -42.84
CA ILE J 99 -14.52 14.71 -43.02
C ILE J 99 -14.56 14.34 -44.50
N THR J 100 -13.51 13.68 -44.97
CA THR J 100 -13.45 13.22 -46.35
C THR J 100 -13.43 11.71 -46.43
N GLN J 101 -13.64 11.19 -47.63
CA GLN J 101 -13.61 9.76 -47.87
C GLN J 101 -13.01 9.46 -49.25
N GLY J 102 -11.97 8.64 -49.28
CA GLY J 102 -11.32 8.29 -50.53
C GLY J 102 -10.29 7.21 -50.35
N GLY J 103 -9.02 7.56 -50.58
CA GLY J 103 -7.94 6.61 -50.42
C GLY J 103 -6.80 6.84 -51.39
N VAL J 104 -5.68 6.16 -51.13
CA VAL J 104 -4.50 6.26 -51.98
C VAL J 104 -4.63 5.37 -53.20
N MSE J 105 -4.47 5.95 -54.38
CA MSE J 105 -4.54 5.19 -55.63
C MSE J 105 -3.18 4.64 -56.04
O MSE J 105 -2.18 5.36 -56.02
CB MSE J 105 -5.11 6.06 -56.75
CG MSE J 105 -6.54 5.70 -57.14
SE MSE J 105 -7.31 7.06 -58.29
CE MSE J 105 -7.08 8.59 -57.13
N ALA J 106 -3.16 3.36 -56.39
CA ALA J 106 -1.93 2.70 -56.82
C ALA J 106 -1.39 3.33 -58.10
N PRO J 107 -0.06 3.27 -58.30
CA PRO J 107 0.54 3.86 -59.50
C PRO J 107 0.11 3.14 -60.77
N GLY J 108 -0.72 3.79 -61.57
CA GLY J 108 -1.22 3.19 -62.80
C GLY J 108 -2.62 2.65 -62.66
N GLU J 109 -3.11 2.60 -61.42
CA GLU J 109 -4.48 2.16 -61.16
C GLU J 109 -5.42 3.36 -61.24
N HIS J 110 -6.65 3.11 -61.68
CA HIS J 110 -7.61 4.20 -61.90
C HIS J 110 -8.77 4.19 -60.92
N SER J 111 -8.56 3.59 -59.75
CA SER J 111 -9.59 3.56 -58.72
C SER J 111 -9.03 3.10 -57.38
N VAL J 112 -9.61 3.62 -56.29
CA VAL J 112 -9.23 3.21 -54.96
C VAL J 112 -9.77 1.82 -54.65
N ALA J 113 -8.88 0.87 -54.44
CA ALA J 113 -9.26 -0.51 -54.13
C ALA J 113 -10.08 -0.56 -52.84
N PRO J 114 -10.99 -1.55 -52.73
CA PRO J 114 -11.90 -1.64 -51.59
C PRO J 114 -11.18 -1.74 -50.24
N ASP J 115 -10.08 -2.47 -50.20
CA ASP J 115 -9.34 -2.66 -48.95
C ASP J 115 -8.26 -1.59 -48.74
N LYS J 116 -8.46 -0.43 -49.35
CA LYS J 116 -7.53 0.69 -49.18
C LYS J 116 -8.30 2.00 -49.02
N GLU J 117 -9.62 1.92 -49.04
CA GLU J 117 -10.47 3.09 -48.84
C GLU J 117 -10.38 3.58 -47.40
N ILE J 118 -10.28 4.90 -47.23
CA ILE J 118 -10.17 5.48 -45.90
C ILE J 118 -11.11 6.67 -45.71
N ARG J 119 -11.42 6.98 -44.47
CA ARG J 119 -12.09 8.22 -44.11
C ARG J 119 -11.15 9.03 -43.24
N ALA J 120 -11.12 10.34 -43.47
CA ALA J 120 -10.17 11.20 -42.76
C ALA J 120 -10.83 12.40 -42.10
N THR J 121 -10.36 12.76 -40.91
CA THR J 121 -10.84 13.93 -40.20
C THR J 121 -9.87 15.09 -40.39
N TRP J 122 -10.37 16.19 -40.96
CA TRP J 122 -9.54 17.36 -41.19
C TRP J 122 -9.95 18.49 -40.25
N VAL J 123 -9.01 18.94 -39.43
CA VAL J 123 -9.23 20.11 -38.60
C VAL J 123 -8.50 21.31 -39.20
N LEU J 124 -9.26 22.25 -39.74
CA LEU J 124 -8.67 23.42 -40.39
C LEU J 124 -8.79 24.65 -39.51
N GLY J 125 -7.76 25.50 -39.55
CA GLY J 125 -7.76 26.73 -38.79
C GLY J 125 -7.40 27.92 -39.65
N LYS J 126 -8.09 29.04 -39.43
CA LYS J 126 -7.85 30.24 -40.23
C LYS J 126 -6.92 31.20 -39.50
N ARG J 127 -5.69 31.30 -40.01
CA ARG J 127 -4.71 32.22 -39.45
C ARG J 127 -4.13 33.12 -40.53
N ASP J 128 -4.24 34.43 -40.31
CA ASP J 128 -3.73 35.44 -41.25
C ASP J 128 -4.36 35.36 -42.64
N GLY J 129 -5.64 35.00 -42.68
CA GLY J 129 -6.39 35.03 -43.92
C GLY J 129 -6.55 33.69 -44.62
N ALA J 130 -5.53 32.83 -44.50
CA ALA J 130 -5.55 31.55 -45.20
C ALA J 130 -5.96 30.40 -44.27
N TRP J 131 -6.11 29.21 -44.86
CA TRP J 131 -6.50 28.03 -44.10
C TRP J 131 -5.36 27.01 -44.03
N LEU J 132 -5.18 26.42 -42.85
CA LEU J 132 -4.13 25.43 -42.62
C LEU J 132 -4.66 24.24 -41.85
N VAL J 133 -4.02 23.08 -42.04
CA VAL J 133 -4.44 21.86 -41.35
C VAL J 133 -3.86 21.82 -39.94
N GLU J 134 -4.73 21.98 -38.94
CA GLU J 134 -4.31 21.91 -37.55
C GLU J 134 -4.13 20.47 -37.12
N ALA J 135 -4.90 19.57 -37.72
CA ALA J 135 -4.81 18.15 -37.40
C ALA J 135 -5.41 17.29 -38.51
N TYR J 136 -4.82 16.13 -38.74
CA TYR J 136 -5.32 15.18 -39.73
C TYR J 136 -5.29 13.77 -39.15
N HIS J 137 -6.32 12.99 -39.43
CA HIS J 137 -6.42 11.64 -38.89
C HIS J 137 -7.32 10.77 -39.76
N ASN J 138 -6.77 9.69 -40.30
CA ASN J 138 -7.55 8.79 -41.15
C ASN J 138 -7.57 7.35 -40.63
N SER J 139 -8.53 6.58 -41.09
CA SER J 139 -8.67 5.18 -40.70
C SER J 139 -9.31 4.37 -41.83
N PRO J 140 -9.00 3.06 -41.89
CA PRO J 140 -9.56 2.19 -42.93
C PRO J 140 -11.08 2.08 -42.85
N VAL J 141 -11.69 1.69 -43.95
CA VAL J 141 -13.14 1.48 -44.01
C VAL J 141 -13.45 -0.01 -43.93
N ARG J 142 -12.53 -0.83 -44.44
CA ARG J 142 -12.69 -2.28 -44.39
C ARG J 142 -11.51 -2.94 -43.68
#